data_4HU6
# 
_entry.id   4HU6 
# 
_audit_conform.dict_name       mmcif_pdbx.dic 
_audit_conform.dict_version    5.399 
_audit_conform.dict_location   http://mmcif.pdb.org/dictionaries/ascii/mmcif_pdbx.dic 
# 
loop_
_database_2.database_id 
_database_2.database_code 
_database_2.pdbx_database_accession 
_database_2.pdbx_DOI 
PDB   4HU6         pdb_00004hu6 10.2210/pdb4hu6/pdb 
RCSB  RCSB075924   ?            ?                   
WWPDB D_1000075924 ?            ?                   
# 
loop_
_pdbx_audit_revision_history.ordinal 
_pdbx_audit_revision_history.data_content_type 
_pdbx_audit_revision_history.major_revision 
_pdbx_audit_revision_history.minor_revision 
_pdbx_audit_revision_history.revision_date 
1 'Structure model' 1 0 2013-08-21 
2 'Structure model' 1 1 2013-09-11 
3 'Structure model' 1 2 2017-06-21 
4 'Structure model' 1 3 2023-09-20 
5 'Structure model' 1 4 2023-12-06 
6 'Structure model' 1 5 2024-11-27 
# 
_pdbx_audit_revision_details.ordinal             1 
_pdbx_audit_revision_details.revision_ordinal    1 
_pdbx_audit_revision_details.data_content_type   'Structure model' 
_pdbx_audit_revision_details.provider            repository 
_pdbx_audit_revision_details.type                'Initial release' 
_pdbx_audit_revision_details.description         ? 
_pdbx_audit_revision_details.details             ? 
# 
loop_
_pdbx_audit_revision_group.ordinal 
_pdbx_audit_revision_group.revision_ordinal 
_pdbx_audit_revision_group.data_content_type 
_pdbx_audit_revision_group.group 
1 2 'Structure model' 'Database references'    
2 3 'Structure model' 'Database references'    
3 3 'Structure model' 'Source and taxonomy'    
4 4 'Structure model' 'Data collection'        
5 4 'Structure model' 'Database references'    
6 4 'Structure model' 'Derived calculations'   
7 4 'Structure model' 'Refinement description' 
8 5 'Structure model' 'Data collection'        
9 6 'Structure model' 'Structure summary'      
# 
loop_
_pdbx_audit_revision_category.ordinal 
_pdbx_audit_revision_category.revision_ordinal 
_pdbx_audit_revision_category.data_content_type 
_pdbx_audit_revision_category.category 
1  3 'Structure model' pdbx_entity_src_syn           
2  3 'Structure model' struct_ref_seq_dif            
3  4 'Structure model' chem_comp_atom                
4  4 'Structure model' chem_comp_bond                
5  4 'Structure model' database_2                    
6  4 'Structure model' pdbx_initial_refinement_model 
7  4 'Structure model' struct_conn                   
8  4 'Structure model' struct_site                   
9  5 'Structure model' chem_comp_atom                
10 5 'Structure model' chem_comp_bond                
11 6 'Structure model' pdbx_entry_details            
12 6 'Structure model' pdbx_modification_feature     
# 
loop_
_pdbx_audit_revision_item.ordinal 
_pdbx_audit_revision_item.revision_ordinal 
_pdbx_audit_revision_item.data_content_type 
_pdbx_audit_revision_item.item 
1  3 'Structure model' '_pdbx_entity_src_syn.organism_scientific' 
2  3 'Structure model' '_pdbx_entity_src_syn.pdbx_beg_seq_num'    
3  3 'Structure model' '_pdbx_entity_src_syn.pdbx_end_seq_num'    
4  3 'Structure model' '_struct_ref_seq_dif.details'              
5  4 'Structure model' '_database_2.pdbx_DOI'                     
6  4 'Structure model' '_database_2.pdbx_database_accession'      
7  4 'Structure model' '_struct_conn.pdbx_dist_value'             
8  4 'Structure model' '_struct_conn.pdbx_leaving_atom_flag'      
9  4 'Structure model' '_struct_conn.pdbx_value_order'            
10 4 'Structure model' '_struct_conn.ptnr1_auth_asym_id'          
11 4 'Structure model' '_struct_conn.ptnr1_auth_comp_id'          
12 4 'Structure model' '_struct_conn.ptnr1_auth_seq_id'           
13 4 'Structure model' '_struct_conn.ptnr1_label_asym_id'         
14 4 'Structure model' '_struct_conn.ptnr1_label_atom_id'         
15 4 'Structure model' '_struct_conn.ptnr1_label_comp_id'         
16 4 'Structure model' '_struct_conn.ptnr1_label_seq_id'          
17 4 'Structure model' '_struct_conn.ptnr2_auth_asym_id'          
18 4 'Structure model' '_struct_conn.ptnr2_auth_comp_id'          
19 4 'Structure model' '_struct_conn.ptnr2_auth_seq_id'           
20 4 'Structure model' '_struct_conn.ptnr2_label_asym_id'         
21 4 'Structure model' '_struct_conn.ptnr2_label_atom_id'         
22 4 'Structure model' '_struct_conn.ptnr2_label_comp_id'         
23 4 'Structure model' '_struct_conn.ptnr2_label_seq_id'          
24 4 'Structure model' '_struct_site.pdbx_auth_asym_id'           
25 4 'Structure model' '_struct_site.pdbx_auth_comp_id'           
26 4 'Structure model' '_struct_site.pdbx_auth_seq_id'            
27 5 'Structure model' '_chem_comp_atom.atom_id'                  
28 5 'Structure model' '_chem_comp_bond.atom_id_1'                
29 5 'Structure model' '_chem_comp_bond.atom_id_2'                
# 
_pdbx_database_status.status_code                     REL 
_pdbx_database_status.entry_id                        4HU6 
_pdbx_database_status.recvd_initial_deposition_date   2012-11-02 
_pdbx_database_status.deposit_site                    RCSB 
_pdbx_database_status.process_site                    RCSB 
_pdbx_database_status.status_code_sf                  REL 
_pdbx_database_status.status_code_mr                  ? 
_pdbx_database_status.SG_entry                        ? 
_pdbx_database_status.status_code_cs                  ? 
_pdbx_database_status.methods_development_category    ? 
_pdbx_database_status.pdb_format_compatible           Y 
_pdbx_database_status.status_code_nmr_data            ? 
# 
_pdbx_database_related.db_name        PDB 
_pdbx_database_related.db_id          4HU5 
_pdbx_database_related.details        . 
_pdbx_database_related.content_type   unspecified 
# 
loop_
_audit_author.name 
_audit_author.pdbx_ordinal 
'Haney, C.M.' 1 
'Horne, W.S.' 2 
# 
_citation.id                        primary 
_citation.title                     
;Oxime Side-Chain Cross-Links in an alpha-Helical Coiled-Coil Protein: Structure, Thermodynamics, and Folding-Templated Synthesis of Bicyclic Species.
;
_citation.journal_abbrev            Chemistry 
_citation.journal_volume            19 
_citation.page_first                11342 
_citation.page_last                 11351 
_citation.year                      2013 
_citation.journal_id_ASTM           ? 
_citation.country                   GE 
_citation.journal_id_ISSN           0947-6539 
_citation.journal_id_CSD            ? 
_citation.book_publisher            ? 
_citation.pdbx_database_id_PubMed   23843311 
_citation.pdbx_database_id_DOI      10.1002/chem.201300506 
# 
loop_
_citation_author.citation_id 
_citation_author.name 
_citation_author.ordinal 
_citation_author.identifier_ORCID 
primary 'Haney, C.M.' 1 ? 
primary 'Horne, W.S.' 2 ? 
# 
loop_
_entity.id 
_entity.type 
_entity.src_method 
_entity.pdbx_description 
_entity.formula_weight 
_entity.pdbx_number_of_molecules 
_entity.pdbx_ec 
_entity.pdbx_mutation 
_entity.pdbx_fragment 
_entity.details 
1 polymer     syn 'General control protein GCN4' 4053.754 4  ? ? ? ? 
2 non-polymer syn 'ACETATE ION'                  59.044   2  ? ? ? ? 
3 non-polymer syn GLYCEROL                       92.094   3  ? ? ? ? 
4 water       nat water                          18.015   66 ? ? ? ? 
# 
_entity_name_com.entity_id   1 
_entity_name_com.name        'Amino acid biosynthesis regulatory protein' 
# 
_entity_poly.entity_id                      1 
_entity_poly.type                           'polypeptide(L)' 
_entity_poly.nstd_linkage                   no 
_entity_poly.nstd_monomer                   yes 
_entity_poly.pdbx_seq_one_letter_code       '(ACE)R(NLE)KQLE(UU5)KVE(19W)LLSKNYHLENEVARLKKLVGER(NH2)' 
_entity_poly.pdbx_seq_one_letter_code_can   XRLKQLEXKVEXLLSKNYHLENEVARLKKLVGERX 
_entity_poly.pdbx_strand_id                 A,B,C,D 
_entity_poly.pdbx_target_identifier         ? 
# 
loop_
_pdbx_entity_nonpoly.entity_id 
_pdbx_entity_nonpoly.name 
_pdbx_entity_nonpoly.comp_id 
2 'ACETATE ION' ACT 
3 GLYCEROL      GOL 
4 water         HOH 
# 
loop_
_entity_poly_seq.entity_id 
_entity_poly_seq.num 
_entity_poly_seq.mon_id 
_entity_poly_seq.hetero 
1 1  ACE n 
1 2  ARG n 
1 3  NLE n 
1 4  LYS n 
1 5  GLN n 
1 6  LEU n 
1 7  GLU n 
1 8  UU5 n 
1 9  LYS n 
1 10 VAL n 
1 11 GLU n 
1 12 19W n 
1 13 LEU n 
1 14 LEU n 
1 15 SER n 
1 16 LYS n 
1 17 ASN n 
1 18 TYR n 
1 19 HIS n 
1 20 LEU n 
1 21 GLU n 
1 22 ASN n 
1 23 GLU n 
1 24 VAL n 
1 25 ALA n 
1 26 ARG n 
1 27 LEU n 
1 28 LYS n 
1 29 LYS n 
1 30 LEU n 
1 31 VAL n 
1 32 GLY n 
1 33 GLU n 
1 34 ARG n 
1 35 NH2 n 
# 
_pdbx_entity_src_syn.entity_id              1 
_pdbx_entity_src_syn.pdbx_src_id            1 
_pdbx_entity_src_syn.pdbx_alt_source_flag   sample 
_pdbx_entity_src_syn.pdbx_beg_seq_num       1 
_pdbx_entity_src_syn.pdbx_end_seq_num       35 
_pdbx_entity_src_syn.organism_scientific    'Saccharomyces cerevisiae (strain ATCC 204508 / S288c)' 
_pdbx_entity_src_syn.organism_common_name   
;Baker's yeast
;
_pdbx_entity_src_syn.ncbi_taxonomy_id       559292 
_pdbx_entity_src_syn.details                'synthetic peptide' 
# 
loop_
_chem_comp.id 
_chem_comp.type 
_chem_comp.mon_nstd_flag 
_chem_comp.name 
_chem_comp.pdbx_synonyms 
_chem_comp.formula 
_chem_comp.formula_weight 
19W 'L-peptide linking' . '5-(aminooxy)-L-norvaline'                       ?                               'C5 H12 N2 O3'   
148.160 
ACE non-polymer         . 'ACETYL GROUP'                                   ?                               'C2 H4 O'        44.053 
ACT non-polymer         . 'ACETATE ION'                                    ?                               'C2 H3 O2 -1'    59.044 
ALA 'L-peptide linking' y ALANINE                                          ?                               'C3 H7 N O2'     89.093 
ARG 'L-peptide linking' y ARGININE                                         ?                               'C6 H15 N4 O2 1' 
175.209 
ASN 'L-peptide linking' y ASPARAGINE                                       ?                               'C4 H8 N2 O3'    
132.118 
ASP 'L-peptide linking' y 'ASPARTIC ACID'                                  ?                               'C4 H7 N O4'     
133.103 
GLN 'L-peptide linking' y GLUTAMINE                                        ?                               'C5 H10 N2 O3'   
146.144 
GLU 'L-peptide linking' y 'GLUTAMIC ACID'                                  ?                               'C5 H9 N O4'     
147.129 
GLY 'peptide linking'   y GLYCINE                                          ?                               'C2 H5 N O2'     75.067 
GOL non-polymer         . GLYCEROL                                         'GLYCERIN; PROPANE-1,2,3-TRIOL' 'C3 H8 O3'       92.094 
HIS 'L-peptide linking' y HISTIDINE                                        ?                               'C6 H10 N3 O2 1' 
156.162 
HOH non-polymer         . WATER                                            ?                               'H2 O'           18.015 
LEU 'L-peptide linking' y LEUCINE                                          ?                               'C6 H13 N O2'    
131.173 
LYS 'L-peptide linking' y LYSINE                                           ?                               'C6 H15 N2 O2 1' 
147.195 
MET 'L-peptide linking' y METHIONINE                                       ?                               'C5 H11 N O2 S'  
149.211 
NH2 non-polymer         . 'AMINO GROUP'                                    ?                               'H2 N'           16.023 
NLE 'L-peptide linking' n NORLEUCINE                                       ?                               'C6 H13 N O2'    
131.173 
SER 'L-peptide linking' y SERINE                                           ?                               'C3 H7 N O3'     
105.093 
TYR 'L-peptide linking' y TYROSINE                                         ?                               'C9 H11 N O3'    
181.189 
UU5 'L-peptide linking' . '(2S)-2-amino-4-[(oxoacetyl)amino]butanoic acid' ?                               'C6 H10 N2 O4'   
174.155 
VAL 'L-peptide linking' y VALINE                                           ?                               'C5 H11 N O2'    
117.146 
# 
loop_
_pdbx_poly_seq_scheme.asym_id 
_pdbx_poly_seq_scheme.entity_id 
_pdbx_poly_seq_scheme.seq_id 
_pdbx_poly_seq_scheme.mon_id 
_pdbx_poly_seq_scheme.ndb_seq_num 
_pdbx_poly_seq_scheme.pdb_seq_num 
_pdbx_poly_seq_scheme.auth_seq_num 
_pdbx_poly_seq_scheme.pdb_mon_id 
_pdbx_poly_seq_scheme.auth_mon_id 
_pdbx_poly_seq_scheme.pdb_strand_id 
_pdbx_poly_seq_scheme.pdb_ins_code 
_pdbx_poly_seq_scheme.hetero 
A 1 1  ACE 1  0  0  ACE ACE A . n 
A 1 2  ARG 2  1  1  ARG ARG A . n 
A 1 3  NLE 3  2  2  NLE NLE A . n 
A 1 4  LYS 4  3  3  LYS LYS A . n 
A 1 5  GLN 5  4  4  GLN GLN A . n 
A 1 6  LEU 6  5  5  LEU LEU A . n 
A 1 7  GLU 7  6  6  GLU GLU A . n 
A 1 8  UU5 8  7  7  UU5 UU5 A . n 
A 1 9  LYS 9  8  8  LYS LYS A . n 
A 1 10 VAL 10 9  9  VAL VAL A . n 
A 1 11 GLU 11 10 10 GLU GLU A . n 
A 1 12 19W 12 11 11 19W 19W A . n 
A 1 13 LEU 13 12 12 LEU LEU A . n 
A 1 14 LEU 14 13 13 LEU LEU A . n 
A 1 15 SER 15 14 14 SER SER A . n 
A 1 16 LYS 16 15 15 LYS LYS A . n 
A 1 17 ASN 17 16 16 ASN ASN A . n 
A 1 18 TYR 18 17 17 TYR TYR A . n 
A 1 19 HIS 19 18 18 HIS HIS A . n 
A 1 20 LEU 20 19 19 LEU LEU A . n 
A 1 21 GLU 21 20 20 GLU GLU A . n 
A 1 22 ASN 22 21 21 ASN ASN A . n 
A 1 23 GLU 23 22 22 GLU GLU A . n 
A 1 24 VAL 24 23 23 VAL VAL A . n 
A 1 25 ALA 25 24 24 ALA ALA A . n 
A 1 26 ARG 26 25 25 ARG ARG A . n 
A 1 27 LEU 27 26 26 LEU LEU A . n 
A 1 28 LYS 28 27 27 LYS LYS A . n 
A 1 29 LYS 29 28 28 LYS LYS A . n 
A 1 30 LEU 30 29 29 LEU LEU A . n 
A 1 31 VAL 31 30 30 VAL VAL A . n 
A 1 32 GLY 32 31 31 GLY GLY A . n 
A 1 33 GLU 33 32 32 GLU GLU A . n 
A 1 34 ARG 34 33 ?  ?   ?   A . n 
A 1 35 NH2 35 34 ?  ?   ?   A . n 
B 1 1  ACE 1  0  0  ACE ACE B . n 
B 1 2  ARG 2  1  1  ARG ARG B . n 
B 1 3  NLE 3  2  2  NLE NLE B . n 
B 1 4  LYS 4  3  3  LYS LYS B . n 
B 1 5  GLN 5  4  4  GLN GLN B . n 
B 1 6  LEU 6  5  5  LEU LEU B . n 
B 1 7  GLU 7  6  6  GLU GLU B . n 
B 1 8  UU5 8  7  7  UU5 UU5 B . n 
B 1 9  LYS 9  8  8  LYS LYS B . n 
B 1 10 VAL 10 9  9  VAL VAL B . n 
B 1 11 GLU 11 10 10 GLU GLU B . n 
B 1 12 19W 12 11 11 19W 19W B . n 
B 1 13 LEU 13 12 12 LEU LEU B . n 
B 1 14 LEU 14 13 13 LEU LEU B . n 
B 1 15 SER 15 14 14 SER SER B . n 
B 1 16 LYS 16 15 15 LYS LYS B . n 
B 1 17 ASN 17 16 16 ASN ASN B . n 
B 1 18 TYR 18 17 17 TYR TYR B . n 
B 1 19 HIS 19 18 18 HIS HIS B . n 
B 1 20 LEU 20 19 19 LEU LEU B . n 
B 1 21 GLU 21 20 20 GLU GLU B . n 
B 1 22 ASN 22 21 21 ASN ASN B . n 
B 1 23 GLU 23 22 22 GLU GLU B . n 
B 1 24 VAL 24 23 23 VAL VAL B . n 
B 1 25 ALA 25 24 24 ALA ALA B . n 
B 1 26 ARG 26 25 25 ARG ARG B . n 
B 1 27 LEU 27 26 26 LEU LEU B . n 
B 1 28 LYS 28 27 27 LYS LYS B . n 
B 1 29 LYS 29 28 28 LYS LYS B . n 
B 1 30 LEU 30 29 29 LEU LEU B . n 
B 1 31 VAL 31 30 30 VAL VAL B . n 
B 1 32 GLY 32 31 31 GLY GLY B . n 
B 1 33 GLU 33 32 ?  ?   ?   B . n 
B 1 34 ARG 34 33 ?  ?   ?   B . n 
B 1 35 NH2 35 34 ?  ?   ?   B . n 
C 1 1  ACE 1  0  0  ACE ACE C . n 
C 1 2  ARG 2  1  1  ARG ARG C . n 
C 1 3  NLE 3  2  2  NLE NLE C . n 
C 1 4  LYS 4  3  3  LYS LYS C . n 
C 1 5  GLN 5  4  4  GLN GLN C . n 
C 1 6  LEU 6  5  5  LEU LEU C . n 
C 1 7  GLU 7  6  6  GLU GLU C . n 
C 1 8  UU5 8  7  7  UU5 UU5 C . n 
C 1 9  LYS 9  8  8  LYS LYS C . n 
C 1 10 VAL 10 9  9  VAL VAL C . n 
C 1 11 GLU 11 10 10 GLU GLU C . n 
C 1 12 19W 12 11 11 19W 19W C . n 
C 1 13 LEU 13 12 12 LEU LEU C . n 
C 1 14 LEU 14 13 13 LEU LEU C . n 
C 1 15 SER 15 14 14 SER SER C . n 
C 1 16 LYS 16 15 15 LYS LYS C . n 
C 1 17 ASN 17 16 16 ASN ASN C . n 
C 1 18 TYR 18 17 17 TYR TYR C . n 
C 1 19 HIS 19 18 18 HIS HIS C . n 
C 1 20 LEU 20 19 19 LEU LEU C . n 
C 1 21 GLU 21 20 20 GLU GLU C . n 
C 1 22 ASN 22 21 21 ASN ASN C . n 
C 1 23 GLU 23 22 22 GLU GLU C . n 
C 1 24 VAL 24 23 23 VAL VAL C . n 
C 1 25 ALA 25 24 24 ALA ALA C . n 
C 1 26 ARG 26 25 25 ARG ARG C . n 
C 1 27 LEU 27 26 26 LEU LEU C . n 
C 1 28 LYS 28 27 27 LYS LYS C . n 
C 1 29 LYS 29 28 28 LYS LYS C . n 
C 1 30 LEU 30 29 29 LEU LEU C . n 
C 1 31 VAL 31 30 30 VAL VAL C . n 
C 1 32 GLY 32 31 31 GLY GLY C . n 
C 1 33 GLU 33 32 32 GLU GLU C . n 
C 1 34 ARG 34 33 ?  ?   ?   C . n 
C 1 35 NH2 35 34 ?  ?   ?   C . n 
D 1 1  ACE 1  0  0  ACE ACE D . n 
D 1 2  ARG 2  1  1  ARG ARG D . n 
D 1 3  NLE 3  2  2  NLE NLE D . n 
D 1 4  LYS 4  3  3  LYS LYS D . n 
D 1 5  GLN 5  4  4  GLN GLN D . n 
D 1 6  LEU 6  5  5  LEU LEU D . n 
D 1 7  GLU 7  6  6  GLU GLU D . n 
D 1 8  UU5 8  7  7  UU5 UU5 D . n 
D 1 9  LYS 9  8  8  LYS LYS D . n 
D 1 10 VAL 10 9  9  VAL VAL D . n 
D 1 11 GLU 11 10 10 GLU GLU D . n 
D 1 12 19W 12 11 11 19W 19W D . n 
D 1 13 LEU 13 12 12 LEU LEU D . n 
D 1 14 LEU 14 13 13 LEU LEU D . n 
D 1 15 SER 15 14 14 SER SER D . n 
D 1 16 LYS 16 15 15 LYS LYS D . n 
D 1 17 ASN 17 16 16 ASN ASN D . n 
D 1 18 TYR 18 17 17 TYR TYR D . n 
D 1 19 HIS 19 18 18 HIS HIS D . n 
D 1 20 LEU 20 19 19 LEU LEU D . n 
D 1 21 GLU 21 20 20 GLU GLU D . n 
D 1 22 ASN 22 21 21 ASN ASN D . n 
D 1 23 GLU 23 22 22 GLU GLU D . n 
D 1 24 VAL 24 23 23 VAL VAL D . n 
D 1 25 ALA 25 24 24 ALA ALA D . n 
D 1 26 ARG 26 25 25 ARG ARG D . n 
D 1 27 LEU 27 26 26 LEU LEU D . n 
D 1 28 LYS 28 27 27 LYS LYS D . n 
D 1 29 LYS 29 28 28 LYS LYS D . n 
D 1 30 LEU 30 29 29 LEU LEU D . n 
D 1 31 VAL 31 30 30 VAL VAL D . n 
D 1 32 GLY 32 31 31 GLY GLY D . n 
D 1 33 GLU 33 32 32 GLU GLU D . n 
D 1 34 ARG 34 33 ?  ?   ?   D . n 
D 1 35 NH2 35 34 ?  ?   ?   D . n 
# 
loop_
_pdbx_nonpoly_scheme.asym_id 
_pdbx_nonpoly_scheme.entity_id 
_pdbx_nonpoly_scheme.mon_id 
_pdbx_nonpoly_scheme.ndb_seq_num 
_pdbx_nonpoly_scheme.pdb_seq_num 
_pdbx_nonpoly_scheme.auth_seq_num 
_pdbx_nonpoly_scheme.pdb_mon_id 
_pdbx_nonpoly_scheme.auth_mon_id 
_pdbx_nonpoly_scheme.pdb_strand_id 
_pdbx_nonpoly_scheme.pdb_ins_code 
E 2 ACT 1  101 1  ACT ACT A . 
F 3 GOL 1  101 1  GOL GOL B . 
G 2 ACT 1  102 1  ACT ACT B . 
H 3 GOL 1  101 1  GOL GOL C . 
I 3 GOL 1  101 1  GOL GOL D . 
J 4 HOH 1  201 11 HOH HOH A . 
J 4 HOH 2  202 15 HOH HOH A . 
J 4 HOH 3  203 17 HOH HOH A . 
J 4 HOH 4  204 51 HOH HOH A . 
J 4 HOH 5  205 53 HOH HOH A . 
J 4 HOH 6  206 54 HOH HOH A . 
J 4 HOH 7  207 55 HOH HOH A . 
J 4 HOH 8  208 57 HOH HOH A . 
J 4 HOH 9  209 58 HOH HOH A . 
J 4 HOH 10 210 60 HOH HOH A . 
J 4 HOH 11 211 65 HOH HOH A . 
J 4 HOH 12 212 66 HOH HOH A . 
J 4 HOH 13 213 68 HOH HOH A . 
J 4 HOH 14 214 71 HOH HOH A . 
K 4 HOH 1  201 16 HOH HOH B . 
K 4 HOH 2  202 18 HOH HOH B . 
K 4 HOH 3  203 20 HOH HOH B . 
K 4 HOH 4  204 23 HOH HOH B . 
K 4 HOH 5  205 25 HOH HOH B . 
K 4 HOH 6  206 26 HOH HOH B . 
K 4 HOH 7  207 28 HOH HOH B . 
K 4 HOH 8  208 33 HOH HOH B . 
K 4 HOH 9  209 36 HOH HOH B . 
K 4 HOH 10 210 40 HOH HOH B . 
K 4 HOH 11 211 42 HOH HOH B . 
K 4 HOH 12 212 48 HOH HOH B . 
K 4 HOH 13 213 50 HOH HOH B . 
K 4 HOH 14 214 56 HOH HOH B . 
K 4 HOH 15 215 62 HOH HOH B . 
K 4 HOH 16 216 63 HOH HOH B . 
K 4 HOH 17 217 64 HOH HOH B . 
K 4 HOH 18 218 67 HOH HOH B . 
L 4 HOH 1  201 2  HOH HOH C . 
L 4 HOH 2  202 3  HOH HOH C . 
L 4 HOH 3  203 4  HOH HOH C . 
L 4 HOH 4  204 5  HOH HOH C . 
L 4 HOH 5  205 6  HOH HOH C . 
L 4 HOH 6  206 7  HOH HOH C . 
L 4 HOH 7  207 10 HOH HOH C . 
L 4 HOH 8  208 12 HOH HOH C . 
L 4 HOH 9  209 19 HOH HOH C . 
L 4 HOH 10 210 21 HOH HOH C . 
L 4 HOH 11 211 22 HOH HOH C . 
L 4 HOH 12 212 24 HOH HOH C . 
L 4 HOH 13 213 29 HOH HOH C . 
L 4 HOH 14 214 32 HOH HOH C . 
L 4 HOH 15 215 34 HOH HOH C . 
L 4 HOH 16 216 43 HOH HOH C . 
L 4 HOH 17 217 46 HOH HOH C . 
L 4 HOH 18 218 47 HOH HOH C . 
L 4 HOH 19 219 49 HOH HOH C . 
L 4 HOH 20 220 61 HOH HOH C . 
L 4 HOH 21 221 69 HOH HOH C . 
M 4 HOH 1  201 1  HOH HOH D . 
M 4 HOH 2  202 8  HOH HOH D . 
M 4 HOH 3  203 13 HOH HOH D . 
M 4 HOH 4  204 14 HOH HOH D . 
M 4 HOH 5  205 31 HOH HOH D . 
M 4 HOH 6  206 35 HOH HOH D . 
M 4 HOH 7  207 37 HOH HOH D . 
M 4 HOH 8  208 38 HOH HOH D . 
M 4 HOH 9  209 39 HOH HOH D . 
M 4 HOH 10 210 41 HOH HOH D . 
M 4 HOH 11 211 44 HOH HOH D . 
M 4 HOH 12 212 59 HOH HOH D . 
M 4 HOH 13 213 70 HOH HOH D . 
# 
loop_
_pdbx_unobs_or_zero_occ_atoms.id 
_pdbx_unobs_or_zero_occ_atoms.PDB_model_num 
_pdbx_unobs_or_zero_occ_atoms.polymer_flag 
_pdbx_unobs_or_zero_occ_atoms.occupancy_flag 
_pdbx_unobs_or_zero_occ_atoms.auth_asym_id 
_pdbx_unobs_or_zero_occ_atoms.auth_comp_id 
_pdbx_unobs_or_zero_occ_atoms.auth_seq_id 
_pdbx_unobs_or_zero_occ_atoms.PDB_ins_code 
_pdbx_unobs_or_zero_occ_atoms.auth_atom_id 
_pdbx_unobs_or_zero_occ_atoms.label_alt_id 
_pdbx_unobs_or_zero_occ_atoms.label_asym_id 
_pdbx_unobs_or_zero_occ_atoms.label_comp_id 
_pdbx_unobs_or_zero_occ_atoms.label_seq_id 
_pdbx_unobs_or_zero_occ_atoms.label_atom_id 
1  1 Y 1 B GLY 31 ? C   ? B GLY 32 C   
2  1 Y 1 B GLY 31 ? O   ? B GLY 32 O   
3  1 Y 1 C GLU 32 ? CG  ? C GLU 33 CG  
4  1 Y 1 C GLU 32 ? CD  ? C GLU 33 CD  
5  1 Y 1 C GLU 32 ? OE1 ? C GLU 33 OE1 
6  1 Y 1 C GLU 32 ? OE2 ? C GLU 33 OE2 
7  1 Y 1 D GLU 32 ? CG  ? D GLU 33 CG  
8  1 Y 1 D GLU 32 ? CD  ? D GLU 33 CD  
9  1 Y 1 D GLU 32 ? OE1 ? D GLU 33 OE1 
10 1 Y 1 D GLU 32 ? OE2 ? D GLU 33 OE2 
# 
loop_
_software.name 
_software.classification 
_software.version 
_software.citation_id 
_software.pdbx_ordinal 
CrystalClear 'data collection' .                            ? 1 
PHASER       phasing           .                            ? 2 
PHENIX       refinement        '(phenix.refine: 1.7.3_928)' ? 3 
CrystalClear 'data reduction'  .                            ? 4 
CrystalClear 'data scaling'    .                            ? 5 
# 
_cell.entry_id           4HU6 
_cell.length_a           30.945 
_cell.length_b           33.102 
_cell.length_c           41.075 
_cell.angle_alpha        93.91 
_cell.angle_beta         111.95 
_cell.angle_gamma        98.74 
_cell.Z_PDB              4 
_cell.pdbx_unique_axis   ? 
_cell.length_a_esd       ? 
_cell.length_b_esd       ? 
_cell.length_c_esd       ? 
_cell.angle_alpha_esd    ? 
_cell.angle_beta_esd     ? 
_cell.angle_gamma_esd    ? 
# 
_symmetry.entry_id                         4HU6 
_symmetry.space_group_name_H-M             'P 1' 
_symmetry.pdbx_full_space_group_name_H-M   ? 
_symmetry.cell_setting                     ? 
_symmetry.Int_Tables_number                1 
_symmetry.space_group_name_Hall            ? 
# 
_exptl.entry_id          4HU6 
_exptl.method            'X-RAY DIFFRACTION' 
_exptl.crystals_number   1 
# 
_exptl_crystal.id                    1 
_exptl_crystal.density_meas          ? 
_exptl_crystal.density_Matthews      2.36 
_exptl_crystal.density_percent_sol   47.80 
_exptl_crystal.description           ? 
_exptl_crystal.F_000                 ? 
_exptl_crystal.preparation           ? 
# 
_exptl_crystal_grow.crystal_id      1 
_exptl_crystal_grow.method          'VAPOR DIFFUSION, HANGING DROP' 
_exptl_crystal_grow.temp            298 
_exptl_crystal_grow.temp_details    ? 
_exptl_crystal_grow.pH              4.6 
_exptl_crystal_grow.pdbx_details    
;0.1 M sodium acetate pH 4.6, 1.6 M sodium chloride, 5% w/v PEG 1500; crystal was treated with 1 equiv. sodium periodate relative to protein and allowed to incubate for 2 days prior to harvesting, VAPOR DIFFUSION, HANGING DROP, temperature 298K
;
_exptl_crystal_grow.pdbx_pH_range   ? 
# 
_diffrn.id                     1 
_diffrn.ambient_temp           100 
_diffrn.ambient_temp_details   ? 
_diffrn.crystal_id             1 
# 
_diffrn_detector.diffrn_id              1 
_diffrn_detector.detector               CCD 
_diffrn_detector.type                   'RIGAKU SATURN 944' 
_diffrn_detector.pdbx_collection_date   2012-03-22 
_diffrn_detector.details                'Rigaku VariMax Optics' 
# 
_diffrn_radiation.diffrn_id                        1 
_diffrn_radiation.wavelength_id                    1 
_diffrn_radiation.pdbx_monochromatic_or_laue_m_l   M 
_diffrn_radiation.monochromator                    'Rigaku VariMax Optics' 
_diffrn_radiation.pdbx_diffrn_protocol             'SINGLE WAVELENGTH' 
_diffrn_radiation.pdbx_scattering_type             x-ray 
# 
_diffrn_radiation_wavelength.id           1 
_diffrn_radiation_wavelength.wavelength   1.5418 
_diffrn_radiation_wavelength.wt           1.0 
# 
_diffrn_source.diffrn_id                   1 
_diffrn_source.source                      'ROTATING ANODE' 
_diffrn_source.type                        'RIGAKU FR-E SUPERBRIGHT' 
_diffrn_source.pdbx_synchrotron_site       ? 
_diffrn_source.pdbx_synchrotron_beamline   ? 
_diffrn_source.pdbx_wavelength             ? 
_diffrn_source.pdbx_wavelength_list        1.5418 
# 
_reflns.entry_id                     4HU6 
_reflns.observed_criterion_sigma_I   ? 
_reflns.observed_criterion_sigma_F   ? 
_reflns.d_resolution_low             28.52 
_reflns.d_resolution_high            2.30 
_reflns.number_obs                   6255 
_reflns.number_all                   ? 
_reflns.percent_possible_obs         95.2 
_reflns.pdbx_Rmerge_I_obs            0.050 
_reflns.pdbx_Rsym_value              ? 
_reflns.pdbx_netI_over_sigmaI        9.2 
_reflns.B_iso_Wilson_estimate        ? 
_reflns.pdbx_redundancy              1.9 
_reflns.R_free_details               ? 
_reflns.limit_h_max                  ? 
_reflns.limit_h_min                  ? 
_reflns.limit_k_max                  ? 
_reflns.limit_k_min                  ? 
_reflns.limit_l_max                  ? 
_reflns.limit_l_min                  ? 
_reflns.observed_criterion_F_max     ? 
_reflns.observed_criterion_F_min     ? 
_reflns.pdbx_chi_squared             ? 
_reflns.pdbx_scaling_rejects         ? 
_reflns.pdbx_ordinal                 1 
_reflns.pdbx_diffrn_id               1 
# 
_refine.entry_id                                 4HU6 
_refine.ls_number_reflns_obs                     6225 
_refine.ls_number_reflns_all                     ? 
_refine.pdbx_ls_sigma_I                          ? 
_refine.pdbx_ls_sigma_F                          2.00 
_refine.pdbx_data_cutoff_high_absF               ? 
_refine.pdbx_data_cutoff_low_absF                ? 
_refine.pdbx_data_cutoff_high_rms_absF           ? 
_refine.ls_d_res_low                             28.520 
_refine.ls_d_res_high                            2.300 
_refine.ls_percent_reflns_obs                    94.75 
_refine.ls_R_factor_obs                          0.2603 
_refine.ls_R_factor_all                          ? 
_refine.ls_R_factor_R_work                       0.2586 
_refine.ls_R_factor_R_free                       0.2920 
_refine.ls_R_factor_R_free_error                 ? 
_refine.ls_R_factor_R_free_error_details         ? 
_refine.ls_percent_reflns_R_free                 5.12 
_refine.ls_number_reflns_R_free                  319 
_refine.ls_number_parameters                     ? 
_refine.ls_number_restraints                     ? 
_refine.occupancy_min                            ? 
_refine.occupancy_max                            ? 
_refine.correlation_coeff_Fo_to_Fc               ? 
_refine.correlation_coeff_Fo_to_Fc_free          ? 
_refine.B_iso_mean                               ? 
_refine.aniso_B[1][1]                            -7.4926 
_refine.aniso_B[2][2]                            0.1576 
_refine.aniso_B[3][3]                            7.3350 
_refine.aniso_B[1][2]                            -1.2921 
_refine.aniso_B[1][3]                            0.0257 
_refine.aniso_B[2][3]                            5.1161 
_refine.solvent_model_details                    'FLAT BULK SOLVENT MODEL' 
_refine.solvent_model_param_ksol                 0.411 
_refine.solvent_model_param_bsol                 58.064 
_refine.pdbx_solvent_vdw_probe_radii             1.11 
_refine.pdbx_solvent_ion_probe_radii             ? 
_refine.pdbx_solvent_shrinkage_radii             0.90 
_refine.pdbx_ls_cross_valid_method               ? 
_refine.details                                  ? 
_refine.pdbx_starting_model                      'PDB 2ZTA' 
_refine.pdbx_method_to_determine_struct          'MOLECULAR REPLACEMENT' 
_refine.pdbx_isotropic_thermal_model             ? 
_refine.pdbx_stereochemistry_target_values       ML 
_refine.pdbx_stereochem_target_val_spec_case     ? 
_refine.pdbx_R_Free_selection_details            'RANDOM; THIN RESOLUTION SHELLS' 
_refine.pdbx_overall_ESU_R                       ? 
_refine.pdbx_overall_ESU_R_Free                  ? 
_refine.overall_SU_ML                            0.42 
_refine.pdbx_overall_phase_error                 34.97 
_refine.overall_SU_B                             ? 
_refine.overall_SU_R_Cruickshank_DPI             ? 
_refine.ls_redundancy_reflns_obs                 ? 
_refine.B_iso_min                                ? 
_refine.B_iso_max                                ? 
_refine.overall_SU_R_free                        ? 
_refine.ls_wR_factor_R_free                      ? 
_refine.ls_wR_factor_R_work                      ? 
_refine.overall_FOM_free_R_set                   ? 
_refine.overall_FOM_work_R_set                   ? 
_refine.pdbx_diffrn_id                           1 
_refine.pdbx_refine_id                           'X-RAY DIFFRACTION' 
_refine.pdbx_TLS_residual_ADP_flag               ? 
_refine.pdbx_overall_SU_R_free_Cruickshank_DPI   ? 
_refine.pdbx_overall_SU_R_Blow_DPI               ? 
_refine.pdbx_overall_SU_R_free_Blow_DPI          ? 
# 
_refine_hist.pdbx_refine_id                   'X-RAY DIFFRACTION' 
_refine_hist.cycle_id                         LAST 
_refine_hist.pdbx_number_atoms_protein        1073 
_refine_hist.pdbx_number_atoms_nucleic_acid   0 
_refine_hist.pdbx_number_atoms_ligand         26 
_refine_hist.number_atoms_solvent             66 
_refine_hist.number_atoms_total               1165 
_refine_hist.d_res_high                       2.300 
_refine_hist.d_res_low                        28.520 
# 
loop_
_refine_ls_restr.type 
_refine_ls_restr.dev_ideal 
_refine_ls_restr.dev_ideal_target 
_refine_ls_restr.weight 
_refine_ls_restr.number 
_refine_ls_restr.pdbx_restraint_function 
_refine_ls_restr.pdbx_refine_id 
f_bond_d           0.009  ? ? 1135 ? 'X-RAY DIFFRACTION' 
f_angle_d          1.479  ? ? 1503 ? 'X-RAY DIFFRACTION' 
f_dihedral_angle_d 19.984 ? ? 488  ? 'X-RAY DIFFRACTION' 
f_chiral_restr     0.094  ? ? 164  ? 'X-RAY DIFFRACTION' 
f_plane_restr      0.003  ? ? 192  ? 'X-RAY DIFFRACTION' 
# 
loop_
_refine_ls_shell.pdbx_total_number_of_bins_used 
_refine_ls_shell.d_res_high 
_refine_ls_shell.d_res_low 
_refine_ls_shell.number_reflns_R_work 
_refine_ls_shell.R_factor_R_work 
_refine_ls_shell.percent_reflns_obs 
_refine_ls_shell.R_factor_R_free 
_refine_ls_shell.R_factor_R_free_error 
_refine_ls_shell.percent_reflns_R_free 
_refine_ls_shell.number_reflns_R_free 
_refine_ls_shell.number_reflns_all 
_refine_ls_shell.R_factor_all 
_refine_ls_shell.number_reflns_obs 
_refine_ls_shell.redundancy_reflns_obs 
_refine_ls_shell.pdbx_refine_id 
. 2.300  2.8975  2904 0.3039 94.00 0.3884 . . 161 . . . . 'X-RAY DIFFRACTION' 
. 2.8975 28.5225 3002 0.2434 96.00 0.2611 . . 158 . . . . 'X-RAY DIFFRACTION' 
# 
_struct.entry_id                  4HU6 
_struct.title                     'Oxime side-chain cross-links in the GCN4-p1 dimeric coiled coil: Cyclic product' 
_struct.pdbx_model_details        ? 
_struct.pdbx_CASP_flag            ? 
_struct.pdbx_model_type_details   ? 
# 
_struct_keywords.entry_id        4HU6 
_struct_keywords.pdbx_keywords   TRANSCRIPTION 
_struct_keywords.text            'side-chain staple, side-chain cross-link, TRANSCRIPTION' 
# 
loop_
_struct_asym.id 
_struct_asym.pdbx_blank_PDB_chainid_flag 
_struct_asym.pdbx_modified 
_struct_asym.entity_id 
_struct_asym.details 
A N N 1 ? 
B N N 1 ? 
C N N 1 ? 
D N N 1 ? 
E N N 2 ? 
F N N 3 ? 
G N N 2 ? 
H N N 3 ? 
I N N 3 ? 
J N N 4 ? 
K N N 4 ? 
L N N 4 ? 
M N N 4 ? 
# 
_struct_ref.id                         1 
_struct_ref.db_name                    UNP 
_struct_ref.db_code                    GCN4_YEAST 
_struct_ref.pdbx_db_accession          P03069 
_struct_ref.pdbx_db_isoform            ? 
_struct_ref.entity_id                  1 
_struct_ref.pdbx_seq_one_letter_code   RMKQLEDKVEELLSKNYHLENEVARLKKLVGER 
_struct_ref.pdbx_align_begin           249 
# 
loop_
_struct_ref_seq.align_id 
_struct_ref_seq.ref_id 
_struct_ref_seq.pdbx_PDB_id_code 
_struct_ref_seq.pdbx_strand_id 
_struct_ref_seq.seq_align_beg 
_struct_ref_seq.pdbx_seq_align_beg_ins_code 
_struct_ref_seq.seq_align_end 
_struct_ref_seq.pdbx_seq_align_end_ins_code 
_struct_ref_seq.pdbx_db_accession 
_struct_ref_seq.db_align_beg 
_struct_ref_seq.pdbx_db_align_beg_ins_code 
_struct_ref_seq.db_align_end 
_struct_ref_seq.pdbx_db_align_end_ins_code 
_struct_ref_seq.pdbx_auth_seq_align_beg 
_struct_ref_seq.pdbx_auth_seq_align_end 
1 1 4HU6 A 2 ? 34 ? P03069 249 ? 281 ? 1 33 
2 1 4HU6 B 2 ? 34 ? P03069 249 ? 281 ? 1 33 
3 1 4HU6 C 2 ? 34 ? P03069 249 ? 281 ? 1 33 
4 1 4HU6 D 2 ? 34 ? P03069 249 ? 281 ? 1 33 
# 
loop_
_struct_ref_seq_dif.align_id 
_struct_ref_seq_dif.pdbx_pdb_id_code 
_struct_ref_seq_dif.mon_id 
_struct_ref_seq_dif.pdbx_pdb_strand_id 
_struct_ref_seq_dif.seq_num 
_struct_ref_seq_dif.pdbx_pdb_ins_code 
_struct_ref_seq_dif.pdbx_seq_db_name 
_struct_ref_seq_dif.pdbx_seq_db_accession_code 
_struct_ref_seq_dif.db_mon_id 
_struct_ref_seq_dif.pdbx_seq_db_seq_num 
_struct_ref_seq_dif.details 
_struct_ref_seq_dif.pdbx_auth_seq_num 
_struct_ref_seq_dif.pdbx_ordinal 
1 4HU6 ACE A 1  ? UNP P03069 ?   ?   'expression tag'      0  1  
1 4HU6 NLE A 3  ? UNP P03069 MET 250 'engineered mutation' 2  2  
1 4HU6 UU5 A 8  ? UNP P03069 ASP 255 'engineered mutation' 7  3  
1 4HU6 19W A 12 ? UNP P03069 GLU 259 'engineered mutation' 11 4  
1 4HU6 NH2 A 35 ? UNP P03069 ?   ?   'expression tag'      34 5  
2 4HU6 ACE B 1  ? UNP P03069 ?   ?   'expression tag'      0  6  
2 4HU6 NLE B 3  ? UNP P03069 MET 250 'engineered mutation' 2  7  
2 4HU6 UU5 B 8  ? UNP P03069 ASP 255 'engineered mutation' 7  8  
2 4HU6 19W B 12 ? UNP P03069 GLU 259 'engineered mutation' 11 9  
2 4HU6 NH2 B 35 ? UNP P03069 ?   ?   'expression tag'      34 10 
3 4HU6 ACE C 1  ? UNP P03069 ?   ?   'expression tag'      0  11 
3 4HU6 NLE C 3  ? UNP P03069 MET 250 'engineered mutation' 2  12 
3 4HU6 UU5 C 8  ? UNP P03069 ASP 255 'engineered mutation' 7  13 
3 4HU6 19W C 12 ? UNP P03069 GLU 259 'engineered mutation' 11 14 
3 4HU6 NH2 C 35 ? UNP P03069 ?   ?   'expression tag'      34 15 
4 4HU6 ACE D 1  ? UNP P03069 ?   ?   'expression tag'      0  16 
4 4HU6 NLE D 3  ? UNP P03069 MET 250 'engineered mutation' 2  17 
4 4HU6 UU5 D 8  ? UNP P03069 ASP 255 'engineered mutation' 7  18 
4 4HU6 19W D 12 ? UNP P03069 GLU 259 'engineered mutation' 11 19 
4 4HU6 NH2 D 35 ? UNP P03069 ?   ?   'expression tag'      34 20 
# 
loop_
_pdbx_struct_assembly.id 
_pdbx_struct_assembly.details 
_pdbx_struct_assembly.method_details 
_pdbx_struct_assembly.oligomeric_details 
_pdbx_struct_assembly.oligomeric_count 
1 author_and_software_defined_assembly PISA dimeric 2 
2 author_and_software_defined_assembly PISA dimeric 2 
# 
loop_
_pdbx_struct_assembly_prop.biol_id 
_pdbx_struct_assembly_prop.type 
_pdbx_struct_assembly_prop.value 
_pdbx_struct_assembly_prop.details 
1 'ABSA (A^2)' 2330 ? 
1 MORE         -20  ? 
1 'SSA (A^2)'  4880 ? 
2 'ABSA (A^2)' 2810 ? 
2 MORE         -19  ? 
2 'SSA (A^2)'  5170 ? 
# 
loop_
_pdbx_struct_assembly_gen.assembly_id 
_pdbx_struct_assembly_gen.oper_expression 
_pdbx_struct_assembly_gen.asym_id_list 
1 1 A,B,E,F,G,J,K 
2 1 C,D,H,I,L,M   
# 
_pdbx_struct_oper_list.id                   1 
_pdbx_struct_oper_list.type                 'identity operation' 
_pdbx_struct_oper_list.name                 1_555 
_pdbx_struct_oper_list.symmetry_operation   x,y,z 
_pdbx_struct_oper_list.matrix[1][1]         1.0000000000 
_pdbx_struct_oper_list.matrix[1][2]         0.0000000000 
_pdbx_struct_oper_list.matrix[1][3]         0.0000000000 
_pdbx_struct_oper_list.vector[1]            0.0000000000 
_pdbx_struct_oper_list.matrix[2][1]         0.0000000000 
_pdbx_struct_oper_list.matrix[2][2]         1.0000000000 
_pdbx_struct_oper_list.matrix[2][3]         0.0000000000 
_pdbx_struct_oper_list.vector[2]            0.0000000000 
_pdbx_struct_oper_list.matrix[3][1]         0.0000000000 
_pdbx_struct_oper_list.matrix[3][2]         0.0000000000 
_pdbx_struct_oper_list.matrix[3][3]         1.0000000000 
_pdbx_struct_oper_list.vector[3]            0.0000000000 
# 
_struct_biol.id        1 
_struct_biol.details   ? 
# 
loop_
_struct_conf.conf_type_id 
_struct_conf.id 
_struct_conf.pdbx_PDB_helix_id 
_struct_conf.beg_label_comp_id 
_struct_conf.beg_label_asym_id 
_struct_conf.beg_label_seq_id 
_struct_conf.pdbx_beg_PDB_ins_code 
_struct_conf.end_label_comp_id 
_struct_conf.end_label_asym_id 
_struct_conf.end_label_seq_id 
_struct_conf.pdbx_end_PDB_ins_code 
_struct_conf.beg_auth_comp_id 
_struct_conf.beg_auth_asym_id 
_struct_conf.beg_auth_seq_id 
_struct_conf.end_auth_comp_id 
_struct_conf.end_auth_asym_id 
_struct_conf.end_auth_seq_id 
_struct_conf.pdbx_PDB_helix_class 
_struct_conf.details 
_struct_conf.pdbx_PDB_helix_length 
HELX_P HELX_P1 1 ARG A 2 ? GLY A 32 ? ARG A 1 GLY A 31 1 ? 31 
HELX_P HELX_P2 2 ARG B 2 ? GLY B 32 ? ARG B 1 GLY B 31 1 ? 31 
HELX_P HELX_P3 3 ARG C 2 ? GLU C 33 ? ARG C 1 GLU C 32 1 ? 32 
HELX_P HELX_P4 4 ARG D 2 ? GLU D 33 ? ARG D 1 GLU D 32 1 ? 32 
# 
_struct_conf_type.id          HELX_P 
_struct_conf_type.criteria    ? 
_struct_conf_type.reference   ? 
# 
loop_
_struct_conn.id 
_struct_conn.conn_type_id 
_struct_conn.pdbx_leaving_atom_flag 
_struct_conn.pdbx_PDB_id 
_struct_conn.ptnr1_label_asym_id 
_struct_conn.ptnr1_label_comp_id 
_struct_conn.ptnr1_label_seq_id 
_struct_conn.ptnr1_label_atom_id 
_struct_conn.pdbx_ptnr1_label_alt_id 
_struct_conn.pdbx_ptnr1_PDB_ins_code 
_struct_conn.pdbx_ptnr1_standard_comp_id 
_struct_conn.ptnr1_symmetry 
_struct_conn.ptnr2_label_asym_id 
_struct_conn.ptnr2_label_comp_id 
_struct_conn.ptnr2_label_seq_id 
_struct_conn.ptnr2_label_atom_id 
_struct_conn.pdbx_ptnr2_label_alt_id 
_struct_conn.pdbx_ptnr2_PDB_ins_code 
_struct_conn.ptnr1_auth_asym_id 
_struct_conn.ptnr1_auth_comp_id 
_struct_conn.ptnr1_auth_seq_id 
_struct_conn.ptnr2_auth_asym_id 
_struct_conn.ptnr2_auth_comp_id 
_struct_conn.ptnr2_auth_seq_id 
_struct_conn.ptnr2_symmetry 
_struct_conn.pdbx_ptnr3_label_atom_id 
_struct_conn.pdbx_ptnr3_label_seq_id 
_struct_conn.pdbx_ptnr3_label_comp_id 
_struct_conn.pdbx_ptnr3_label_asym_id 
_struct_conn.pdbx_ptnr3_label_alt_id 
_struct_conn.pdbx_ptnr3_PDB_ins_code 
_struct_conn.details 
_struct_conn.pdbx_dist_value 
_struct_conn.pdbx_value_order 
_struct_conn.pdbx_role 
covale1  covale both ? A ACE 1  C  ? ? ? 1_555 A ARG 2  N  ? ? A ACE 0  A ARG 1  1_555 ? ? ? ? ? ? ? 1.328 ?    ? 
covale2  covale both ? A ARG 2  C  ? ? ? 1_555 A NLE 3  N  ? ? A ARG 1  A NLE 2  1_555 ? ? ? ? ? ? ? 1.328 ?    ? 
covale3  covale both ? A NLE 3  C  ? ? ? 1_555 A LYS 4  N  ? ? A NLE 2  A LYS 3  1_555 ? ? ? ? ? ? ? 1.330 ?    ? 
covale4  covale both ? A GLU 7  C  ? ? ? 1_555 A UU5 8  N  ? ? A GLU 6  A UU5 7  1_555 ? ? ? ? ? ? ? 1.332 ?    ? 
covale5  covale both ? A UU5 8  C  ? ? ? 1_555 A LYS 9  N  ? ? A UU5 7  A LYS 8  1_555 ? ? ? ? ? ? ? 1.333 ?    ? 
covale6  covale one  ? A UU5 8  CF ? ? ? 1_555 A 19W 12 NZ ? ? A UU5 7  A 19W 11 1_555 ? ? ? ? ? ? ? 1.294 doub ? 
covale7  covale both ? A GLU 11 C  ? ? ? 1_555 A 19W 12 N  ? ? A GLU 10 A 19W 11 1_555 ? ? ? ? ? ? ? 1.326 ?    ? 
covale8  covale both ? A 19W 12 C  ? ? ? 1_555 A LEU 13 N  ? ? A 19W 11 A LEU 12 1_555 ? ? ? ? ? ? ? 1.325 ?    ? 
covale9  covale both ? B ACE 1  C  ? ? ? 1_555 B ARG 2  N  ? ? B ACE 0  B ARG 1  1_555 ? ? ? ? ? ? ? 1.329 ?    ? 
covale10 covale both ? B ARG 2  C  ? ? ? 1_555 B NLE 3  N  ? ? B ARG 1  B NLE 2  1_555 ? ? ? ? ? ? ? 1.328 ?    ? 
covale11 covale both ? B NLE 3  C  ? ? ? 1_555 B LYS 4  N  ? ? B NLE 2  B LYS 3  1_555 ? ? ? ? ? ? ? 1.325 ?    ? 
covale12 covale both ? B GLU 7  C  ? ? ? 1_555 B UU5 8  N  ? ? B GLU 6  B UU5 7  1_555 ? ? ? ? ? ? ? 1.324 ?    ? 
covale13 covale both ? B UU5 8  C  ? ? ? 1_555 B LYS 9  N  ? ? B UU5 7  B LYS 8  1_555 ? ? ? ? ? ? ? 1.333 ?    ? 
covale14 covale one  ? B UU5 8  CF ? ? ? 1_555 B 19W 12 NZ ? ? B UU5 7  B 19W 11 1_555 ? ? ? ? ? ? ? 1.294 doub ? 
covale15 covale both ? B GLU 11 C  ? ? ? 1_555 B 19W 12 N  ? ? B GLU 10 B 19W 11 1_555 ? ? ? ? ? ? ? 1.330 ?    ? 
covale16 covale both ? B 19W 12 C  ? ? ? 1_555 B LEU 13 N  ? ? B 19W 11 B LEU 12 1_555 ? ? ? ? ? ? ? 1.345 ?    ? 
covale17 covale both ? C ACE 1  C  ? ? ? 1_555 C ARG 2  N  ? ? C ACE 0  C ARG 1  1_555 ? ? ? ? ? ? ? 1.327 ?    ? 
covale18 covale both ? C ARG 2  C  ? ? ? 1_555 C NLE 3  N  ? ? C ARG 1  C NLE 2  1_555 ? ? ? ? ? ? ? 1.331 ?    ? 
covale19 covale both ? C NLE 3  C  ? ? ? 1_555 C LYS 4  N  ? ? C NLE 2  C LYS 3  1_555 ? ? ? ? ? ? ? 1.335 ?    ? 
covale20 covale both ? C GLU 7  C  ? ? ? 1_555 C UU5 8  N  ? ? C GLU 6  C UU5 7  1_555 ? ? ? ? ? ? ? 1.321 ?    ? 
covale21 covale both ? C UU5 8  C  ? ? ? 1_555 C LYS 9  N  ? ? C UU5 7  C LYS 8  1_555 ? ? ? ? ? ? ? 1.332 ?    ? 
covale22 covale one  ? C UU5 8  CF ? ? ? 1_555 C 19W 12 NZ ? ? C UU5 7  C 19W 11 1_555 ? ? ? ? ? ? ? 1.280 doub ? 
covale23 covale both ? C GLU 11 C  ? ? ? 1_555 C 19W 12 N  ? ? C GLU 10 C 19W 11 1_555 ? ? ? ? ? ? ? 1.327 ?    ? 
covale24 covale both ? C 19W 12 C  ? ? ? 1_555 C LEU 13 N  ? ? C 19W 11 C LEU 12 1_555 ? ? ? ? ? ? ? 1.333 ?    ? 
covale25 covale both ? D ACE 1  C  ? ? ? 1_555 D ARG 2  N  ? ? D ACE 0  D ARG 1  1_555 ? ? ? ? ? ? ? 1.329 ?    ? 
covale26 covale both ? D ARG 2  C  ? ? ? 1_555 D NLE 3  N  ? ? D ARG 1  D NLE 2  1_555 ? ? ? ? ? ? ? 1.323 ?    ? 
covale27 covale both ? D NLE 3  C  ? ? ? 1_555 D LYS 4  N  ? ? D NLE 2  D LYS 3  1_555 ? ? ? ? ? ? ? 1.322 ?    ? 
covale28 covale both ? D GLU 7  C  ? ? ? 1_555 D UU5 8  N  ? ? D GLU 6  D UU5 7  1_555 ? ? ? ? ? ? ? 1.318 ?    ? 
covale29 covale both ? D UU5 8  C  ? ? ? 1_555 D LYS 9  N  ? ? D UU5 7  D LYS 8  1_555 ? ? ? ? ? ? ? 1.334 ?    ? 
covale30 covale one  ? D UU5 8  CF ? ? ? 1_555 D 19W 12 NZ ? ? D UU5 7  D 19W 11 1_555 ? ? ? ? ? ? ? 1.287 doub ? 
covale31 covale both ? D GLU 11 C  ? ? ? 1_555 D 19W 12 N  ? ? D GLU 10 D 19W 11 1_555 ? ? ? ? ? ? ? 1.325 ?    ? 
covale32 covale both ? D 19W 12 C  ? ? ? 1_555 D LEU 13 N  ? ? D 19W 11 D LEU 12 1_555 ? ? ? ? ? ? ? 1.332 ?    ? 
# 
_struct_conn_type.id          covale 
_struct_conn_type.criteria    ? 
_struct_conn_type.reference   ? 
# 
loop_
_pdbx_modification_feature.ordinal 
_pdbx_modification_feature.label_comp_id 
_pdbx_modification_feature.label_asym_id 
_pdbx_modification_feature.label_seq_id 
_pdbx_modification_feature.label_alt_id 
_pdbx_modification_feature.modified_residue_label_comp_id 
_pdbx_modification_feature.modified_residue_label_asym_id 
_pdbx_modification_feature.modified_residue_label_seq_id 
_pdbx_modification_feature.modified_residue_label_alt_id 
_pdbx_modification_feature.auth_comp_id 
_pdbx_modification_feature.auth_asym_id 
_pdbx_modification_feature.auth_seq_id 
_pdbx_modification_feature.PDB_ins_code 
_pdbx_modification_feature.symmetry 
_pdbx_modification_feature.modified_residue_auth_comp_id 
_pdbx_modification_feature.modified_residue_auth_asym_id 
_pdbx_modification_feature.modified_residue_auth_seq_id 
_pdbx_modification_feature.modified_residue_PDB_ins_code 
_pdbx_modification_feature.modified_residue_symmetry 
_pdbx_modification_feature.comp_id_linking_atom 
_pdbx_modification_feature.modified_residue_id_linking_atom 
_pdbx_modification_feature.modified_residue_id 
_pdbx_modification_feature.ref_pcm_id 
_pdbx_modification_feature.ref_comp_id 
_pdbx_modification_feature.type 
_pdbx_modification_feature.category 
1  NLE A 3  ? .   . .  . NLE A 2  ? 1_555 .   . .  . .     .  .  LEU 1 NLE Norleucine 'Named protein modification' 
2  NLE B 3  ? .   . .  . NLE B 2  ? 1_555 .   . .  . .     .  .  LEU 1 NLE Norleucine 'Named protein modification' 
3  NLE C 3  ? .   . .  . NLE C 2  ? 1_555 .   . .  . .     .  .  LEU 1 NLE Norleucine 'Named protein modification' 
4  NLE D 3  ? .   . .  . NLE D 2  ? 1_555 .   . .  . .     .  .  LEU 1 NLE Norleucine 'Named protein modification' 
5  UU5 A 8  ? .   . .  . UU5 A 7  ? 1_555 .   . .  . .     .  .  ?   1 UU5 None       'Non-standard residue'       
6  19W A 12 ? .   . .  . 19W A 11 ? 1_555 .   . .  . .     .  .  ?   1 19W None       'Non-standard residue'       
7  UU5 B 8  ? .   . .  . UU5 B 7  ? 1_555 .   . .  . .     .  .  ?   1 UU5 None       'Non-standard residue'       
8  19W B 12 ? .   . .  . 19W B 11 ? 1_555 .   . .  . .     .  .  ?   1 19W None       'Non-standard residue'       
9  UU5 C 8  ? .   . .  . UU5 C 7  ? 1_555 .   . .  . .     .  .  ?   1 UU5 None       'Non-standard residue'       
10 19W C 12 ? .   . .  . 19W C 11 ? 1_555 .   . .  . .     .  .  ?   1 19W None       'Non-standard residue'       
11 UU5 D 8  ? .   . .  . UU5 D 7  ? 1_555 .   . .  . .     .  .  ?   1 UU5 None       'Non-standard residue'       
12 19W D 12 ? .   . .  . 19W D 11 ? 1_555 .   . .  . .     .  .  ?   1 19W None       'Non-standard residue'       
13 ACE A 1  ? ARG A 2  ? ACE A 0  ? 1_555 ARG A 1  ? 1_555 .  .  ARG 8 ACE None       'Terminal acetylation'       
14 ACE B 1  ? ARG B 2  ? ACE B 0  ? 1_555 ARG B 1  ? 1_555 .  .  ARG 8 ACE None       'Terminal acetylation'       
15 ACE C 1  ? ARG C 2  ? ACE C 0  ? 1_555 ARG C 1  ? 1_555 .  .  ARG 8 ACE None       'Terminal acetylation'       
16 ACE D 1  ? ARG D 2  ? ACE D 0  ? 1_555 ARG D 1  ? 1_555 .  .  ARG 8 ACE None       'Terminal acetylation'       
17 UU5 A 8  ? 19W A 12 ? UU5 A 7  ? 1_555 19W A 11 ? 1_555 CF NZ .   . .   None       'Non-standard linkage'       
18 UU5 B 8  ? 19W B 12 ? UU5 B 7  ? 1_555 19W B 11 ? 1_555 CF NZ .   . .   None       'Non-standard linkage'       
19 UU5 C 8  ? 19W C 12 ? UU5 C 7  ? 1_555 19W C 11 ? 1_555 CF NZ .   . .   None       'Non-standard linkage'       
20 UU5 D 8  ? 19W D 12 ? UU5 D 7  ? 1_555 19W D 11 ? 1_555 CF NZ .   . .   None       'Non-standard linkage'       
# 
loop_
_struct_site.id 
_struct_site.pdbx_evidence_code 
_struct_site.pdbx_auth_asym_id 
_struct_site.pdbx_auth_comp_id 
_struct_site.pdbx_auth_seq_id 
_struct_site.pdbx_auth_ins_code 
_struct_site.pdbx_num_residues 
_struct_site.details 
AC1 Software A ACT 101 ? 1 'BINDING SITE FOR RESIDUE ACT A 101' 
AC2 Software B GOL 101 ? 7 'BINDING SITE FOR RESIDUE GOL B 101' 
AC3 Software B ACT 102 ? 4 'BINDING SITE FOR RESIDUE ACT B 102' 
AC4 Software C GOL 101 ? 6 'BINDING SITE FOR RESIDUE GOL C 101' 
AC5 Software D GOL 101 ? 5 'BINDING SITE FOR RESIDUE GOL D 101' 
# 
loop_
_struct_site_gen.id 
_struct_site_gen.site_id 
_struct_site_gen.pdbx_num_res 
_struct_site_gen.label_comp_id 
_struct_site_gen.label_asym_id 
_struct_site_gen.label_seq_id 
_struct_site_gen.pdbx_auth_ins_code 
_struct_site_gen.auth_comp_id 
_struct_site_gen.auth_asym_id 
_struct_site_gen.auth_seq_id 
_struct_site_gen.label_atom_id 
_struct_site_gen.label_alt_id 
_struct_site_gen.symmetry 
_struct_site_gen.details 
1  AC1 1 ASN A 17 ? ASN A 16  . ? 1_555 ? 
2  AC2 7 SER B 15 ? SER B 14  . ? 1_555 ? 
3  AC2 7 LYS B 16 ? LYS B 15  . ? 1_555 ? 
4  AC2 7 HIS B 19 ? HIS B 18  . ? 1_555 ? 
5  AC2 7 HOH K .  ? HOH B 203 . ? 1_555 ? 
6  AC2 7 HOH K .  ? HOH B 207 . ? 1_555 ? 
7  AC2 7 ARG C 26 ? ARG C 25  . ? 1_554 ? 
8  AC2 7 LEU C 30 ? LEU C 29  . ? 1_554 ? 
9  AC3 4 SER B 15 ? SER B 14  . ? 1_555 ? 
10 AC3 4 GLU D 7  ? GLU D 6   . ? 1_655 ? 
11 AC3 4 GLU D 11 ? GLU D 10  . ? 1_655 ? 
12 AC3 4 HOH M .  ? HOH D 213 . ? 1_655 ? 
13 AC4 6 TYR B 18 ? TYR B 17  . ? 1_455 ? 
14 AC4 6 GLU B 21 ? GLU B 20  . ? 1_455 ? 
15 AC4 6 ARG C 2  ? ARG C 1   . ? 1_555 ? 
16 AC4 6 LEU C 6  ? LEU C 5   . ? 1_555 ? 
17 AC4 6 HOH L .  ? HOH C 219 . ? 1_555 ? 
18 AC4 6 GLU D 7  ? GLU D 6   . ? 1_555 ? 
19 AC5 5 ARG A 26 ? ARG A 25  . ? 1_546 ? 
20 AC5 5 GLU C 33 ? GLU C 32  . ? 1_555 ? 
21 AC5 5 LEU D 30 ? LEU D 29  . ? 1_555 ? 
22 AC5 5 VAL D 31 ? VAL D 30  . ? 1_555 ? 
23 AC5 5 GLY D 32 ? GLY D 31  . ? 1_555 ? 
# 
_pdbx_entry_details.entry_id                   4HU6 
_pdbx_entry_details.compound_details           ? 
_pdbx_entry_details.source_details             ? 
_pdbx_entry_details.nonpolymer_details         ? 
_pdbx_entry_details.sequence_details           ? 
_pdbx_entry_details.has_ligand_of_interest     ? 
_pdbx_entry_details.has_protein_modification   Y 
# 
loop_
_pdbx_validate_close_contact.id 
_pdbx_validate_close_contact.PDB_model_num 
_pdbx_validate_close_contact.auth_atom_id_1 
_pdbx_validate_close_contact.auth_asym_id_1 
_pdbx_validate_close_contact.auth_comp_id_1 
_pdbx_validate_close_contact.auth_seq_id_1 
_pdbx_validate_close_contact.PDB_ins_code_1 
_pdbx_validate_close_contact.label_alt_id_1 
_pdbx_validate_close_contact.auth_atom_id_2 
_pdbx_validate_close_contact.auth_asym_id_2 
_pdbx_validate_close_contact.auth_comp_id_2 
_pdbx_validate_close_contact.auth_seq_id_2 
_pdbx_validate_close_contact.PDB_ins_code_2 
_pdbx_validate_close_contact.label_alt_id_2 
_pdbx_validate_close_contact.dist 
1 1 O  C VAL 30  ? ? O  C HOH 213 ? ? 2.09 
2 1 O  A HOH 204 ? ? O  A HOH 208 ? ? 2.13 
3 1 O  C HOH 204 ? ? O  D HOH 202 ? ? 2.17 
4 1 CF C UU5 7   ? ? OE C 19W 11  ? ? 2.19 
5 1 CF B UU5 7   ? ? OE B 19W 11  ? ? 2.19 
# 
loop_
_pdbx_struct_mod_residue.id 
_pdbx_struct_mod_residue.label_asym_id 
_pdbx_struct_mod_residue.label_comp_id 
_pdbx_struct_mod_residue.label_seq_id 
_pdbx_struct_mod_residue.auth_asym_id 
_pdbx_struct_mod_residue.auth_comp_id 
_pdbx_struct_mod_residue.auth_seq_id 
_pdbx_struct_mod_residue.PDB_ins_code 
_pdbx_struct_mod_residue.parent_comp_id 
_pdbx_struct_mod_residue.details 
1 A NLE 3 A NLE 2 ? LEU NORLEUCINE 
2 B NLE 3 B NLE 2 ? LEU NORLEUCINE 
3 C NLE 3 C NLE 2 ? LEU NORLEUCINE 
4 D NLE 3 D NLE 2 ? LEU NORLEUCINE 
# 
loop_
_pdbx_unobs_or_zero_occ_residues.id 
_pdbx_unobs_or_zero_occ_residues.PDB_model_num 
_pdbx_unobs_or_zero_occ_residues.polymer_flag 
_pdbx_unobs_or_zero_occ_residues.occupancy_flag 
_pdbx_unobs_or_zero_occ_residues.auth_asym_id 
_pdbx_unobs_or_zero_occ_residues.auth_comp_id 
_pdbx_unobs_or_zero_occ_residues.auth_seq_id 
_pdbx_unobs_or_zero_occ_residues.PDB_ins_code 
_pdbx_unobs_or_zero_occ_residues.label_asym_id 
_pdbx_unobs_or_zero_occ_residues.label_comp_id 
_pdbx_unobs_or_zero_occ_residues.label_seq_id 
1 1 Y 1 A ARG 33 ? A ARG 34 
2 1 Y 1 A NH2 34 ? A NH2 35 
3 1 Y 1 B GLU 32 ? B GLU 33 
4 1 Y 1 B ARG 33 ? B ARG 34 
5 1 Y 1 B NH2 34 ? B NH2 35 
6 1 Y 1 C ARG 33 ? C ARG 34 
7 1 Y 1 C NH2 34 ? C NH2 35 
8 1 Y 1 D ARG 33 ? D ARG 34 
9 1 Y 1 D NH2 34 ? D NH2 35 
# 
loop_
_chem_comp_atom.comp_id 
_chem_comp_atom.atom_id 
_chem_comp_atom.type_symbol 
_chem_comp_atom.pdbx_aromatic_flag 
_chem_comp_atom.pdbx_stereo_config 
_chem_comp_atom.pdbx_ordinal 
19W N    N N N 1   
19W CA   C N S 2   
19W C    C N N 3   
19W O    O N N 4   
19W CB   C N N 5   
19W CG   C N N 6   
19W CD   C N N 7   
19W OE   O N N 8   
19W NZ   N N N 9   
19W H    H N N 10  
19W H2   H N N 11  
19W HA   H N N 12  
19W H6   H N N 13  
19W H7   H N N 14  
19W H8   H N N 15  
19W H9   H N N 16  
19W H10  H N N 17  
19W H11  H N N 18  
19W H12  H N N 19  
19W H13  H N N 20  
19W OXT  O N N 21  
19W HXT  H N N 22  
ACE C    C N N 23  
ACE O    O N N 24  
ACE CH3  C N N 25  
ACE H    H N N 26  
ACE H1   H N N 27  
ACE H2   H N N 28  
ACE H3   H N N 29  
ACT C    C N N 30  
ACT O    O N N 31  
ACT OXT  O N N 32  
ACT CH3  C N N 33  
ACT H1   H N N 34  
ACT H2   H N N 35  
ACT H3   H N N 36  
ALA N    N N N 37  
ALA CA   C N S 38  
ALA C    C N N 39  
ALA O    O N N 40  
ALA CB   C N N 41  
ALA OXT  O N N 42  
ALA H    H N N 43  
ALA H2   H N N 44  
ALA HA   H N N 45  
ALA HB1  H N N 46  
ALA HB2  H N N 47  
ALA HB3  H N N 48  
ALA HXT  H N N 49  
ARG N    N N N 50  
ARG CA   C N S 51  
ARG C    C N N 52  
ARG O    O N N 53  
ARG CB   C N N 54  
ARG CG   C N N 55  
ARG CD   C N N 56  
ARG NE   N N N 57  
ARG CZ   C N N 58  
ARG NH1  N N N 59  
ARG NH2  N N N 60  
ARG OXT  O N N 61  
ARG H    H N N 62  
ARG H2   H N N 63  
ARG HA   H N N 64  
ARG HB2  H N N 65  
ARG HB3  H N N 66  
ARG HG2  H N N 67  
ARG HG3  H N N 68  
ARG HD2  H N N 69  
ARG HD3  H N N 70  
ARG HE   H N N 71  
ARG HH11 H N N 72  
ARG HH12 H N N 73  
ARG HH21 H N N 74  
ARG HH22 H N N 75  
ARG HXT  H N N 76  
ASN N    N N N 77  
ASN CA   C N S 78  
ASN C    C N N 79  
ASN O    O N N 80  
ASN CB   C N N 81  
ASN CG   C N N 82  
ASN OD1  O N N 83  
ASN ND2  N N N 84  
ASN OXT  O N N 85  
ASN H    H N N 86  
ASN H2   H N N 87  
ASN HA   H N N 88  
ASN HB2  H N N 89  
ASN HB3  H N N 90  
ASN HD21 H N N 91  
ASN HD22 H N N 92  
ASN HXT  H N N 93  
ASP N    N N N 94  
ASP CA   C N S 95  
ASP C    C N N 96  
ASP O    O N N 97  
ASP CB   C N N 98  
ASP CG   C N N 99  
ASP OD1  O N N 100 
ASP OD2  O N N 101 
ASP OXT  O N N 102 
ASP H    H N N 103 
ASP H2   H N N 104 
ASP HA   H N N 105 
ASP HB2  H N N 106 
ASP HB3  H N N 107 
ASP HD2  H N N 108 
ASP HXT  H N N 109 
GLN N    N N N 110 
GLN CA   C N S 111 
GLN C    C N N 112 
GLN O    O N N 113 
GLN CB   C N N 114 
GLN CG   C N N 115 
GLN CD   C N N 116 
GLN OE1  O N N 117 
GLN NE2  N N N 118 
GLN OXT  O N N 119 
GLN H    H N N 120 
GLN H2   H N N 121 
GLN HA   H N N 122 
GLN HB2  H N N 123 
GLN HB3  H N N 124 
GLN HG2  H N N 125 
GLN HG3  H N N 126 
GLN HE21 H N N 127 
GLN HE22 H N N 128 
GLN HXT  H N N 129 
GLU N    N N N 130 
GLU CA   C N S 131 
GLU C    C N N 132 
GLU O    O N N 133 
GLU CB   C N N 134 
GLU CG   C N N 135 
GLU CD   C N N 136 
GLU OE1  O N N 137 
GLU OE2  O N N 138 
GLU OXT  O N N 139 
GLU H    H N N 140 
GLU H2   H N N 141 
GLU HA   H N N 142 
GLU HB2  H N N 143 
GLU HB3  H N N 144 
GLU HG2  H N N 145 
GLU HG3  H N N 146 
GLU HE2  H N N 147 
GLU HXT  H N N 148 
GLY N    N N N 149 
GLY CA   C N N 150 
GLY C    C N N 151 
GLY O    O N N 152 
GLY OXT  O N N 153 
GLY H    H N N 154 
GLY H2   H N N 155 
GLY HA2  H N N 156 
GLY HA3  H N N 157 
GLY HXT  H N N 158 
GOL C1   C N N 159 
GOL O1   O N N 160 
GOL C2   C N N 161 
GOL O2   O N N 162 
GOL C3   C N N 163 
GOL O3   O N N 164 
GOL H11  H N N 165 
GOL H12  H N N 166 
GOL HO1  H N N 167 
GOL H2   H N N 168 
GOL HO2  H N N 169 
GOL H31  H N N 170 
GOL H32  H N N 171 
GOL HO3  H N N 172 
HIS N    N N N 173 
HIS CA   C N S 174 
HIS C    C N N 175 
HIS O    O N N 176 
HIS CB   C N N 177 
HIS CG   C Y N 178 
HIS ND1  N Y N 179 
HIS CD2  C Y N 180 
HIS CE1  C Y N 181 
HIS NE2  N Y N 182 
HIS OXT  O N N 183 
HIS H    H N N 184 
HIS H2   H N N 185 
HIS HA   H N N 186 
HIS HB2  H N N 187 
HIS HB3  H N N 188 
HIS HD1  H N N 189 
HIS HD2  H N N 190 
HIS HE1  H N N 191 
HIS HE2  H N N 192 
HIS HXT  H N N 193 
HOH O    O N N 194 
HOH H1   H N N 195 
HOH H2   H N N 196 
LEU N    N N N 197 
LEU CA   C N S 198 
LEU C    C N N 199 
LEU O    O N N 200 
LEU CB   C N N 201 
LEU CG   C N N 202 
LEU CD1  C N N 203 
LEU CD2  C N N 204 
LEU OXT  O N N 205 
LEU H    H N N 206 
LEU H2   H N N 207 
LEU HA   H N N 208 
LEU HB2  H N N 209 
LEU HB3  H N N 210 
LEU HG   H N N 211 
LEU HD11 H N N 212 
LEU HD12 H N N 213 
LEU HD13 H N N 214 
LEU HD21 H N N 215 
LEU HD22 H N N 216 
LEU HD23 H N N 217 
LEU HXT  H N N 218 
LYS N    N N N 219 
LYS CA   C N S 220 
LYS C    C N N 221 
LYS O    O N N 222 
LYS CB   C N N 223 
LYS CG   C N N 224 
LYS CD   C N N 225 
LYS CE   C N N 226 
LYS NZ   N N N 227 
LYS OXT  O N N 228 
LYS H    H N N 229 
LYS H2   H N N 230 
LYS HA   H N N 231 
LYS HB2  H N N 232 
LYS HB3  H N N 233 
LYS HG2  H N N 234 
LYS HG3  H N N 235 
LYS HD2  H N N 236 
LYS HD3  H N N 237 
LYS HE2  H N N 238 
LYS HE3  H N N 239 
LYS HZ1  H N N 240 
LYS HZ2  H N N 241 
LYS HZ3  H N N 242 
LYS HXT  H N N 243 
MET N    N N N 244 
MET CA   C N S 245 
MET C    C N N 246 
MET O    O N N 247 
MET CB   C N N 248 
MET CG   C N N 249 
MET SD   S N N 250 
MET CE   C N N 251 
MET OXT  O N N 252 
MET H    H N N 253 
MET H2   H N N 254 
MET HA   H N N 255 
MET HB2  H N N 256 
MET HB3  H N N 257 
MET HG2  H N N 258 
MET HG3  H N N 259 
MET HE1  H N N 260 
MET HE2  H N N 261 
MET HE3  H N N 262 
MET HXT  H N N 263 
NH2 N    N N N 264 
NH2 HN1  H N N 265 
NH2 HN2  H N N 266 
NLE N    N N N 267 
NLE CA   C N S 268 
NLE C    C N N 269 
NLE O    O N N 270 
NLE OXT  O N N 271 
NLE CB   C N N 272 
NLE CG   C N N 273 
NLE CD   C N N 274 
NLE CE   C N N 275 
NLE H    H N N 276 
NLE H2   H N N 277 
NLE HA   H N N 278 
NLE HXT  H N N 279 
NLE HB2  H N N 280 
NLE HB3  H N N 281 
NLE HG2  H N N 282 
NLE HG3  H N N 283 
NLE HD2  H N N 284 
NLE HD3  H N N 285 
NLE HE1  H N N 286 
NLE HE2  H N N 287 
NLE HE3  H N N 288 
SER N    N N N 289 
SER CA   C N S 290 
SER C    C N N 291 
SER O    O N N 292 
SER CB   C N N 293 
SER OG   O N N 294 
SER OXT  O N N 295 
SER H    H N N 296 
SER H2   H N N 297 
SER HA   H N N 298 
SER HB2  H N N 299 
SER HB3  H N N 300 
SER HG   H N N 301 
SER HXT  H N N 302 
TYR N    N N N 303 
TYR CA   C N S 304 
TYR C    C N N 305 
TYR O    O N N 306 
TYR CB   C N N 307 
TYR CG   C Y N 308 
TYR CD1  C Y N 309 
TYR CD2  C Y N 310 
TYR CE1  C Y N 311 
TYR CE2  C Y N 312 
TYR CZ   C Y N 313 
TYR OH   O N N 314 
TYR OXT  O N N 315 
TYR H    H N N 316 
TYR H2   H N N 317 
TYR HA   H N N 318 
TYR HB2  H N N 319 
TYR HB3  H N N 320 
TYR HD1  H N N 321 
TYR HD2  H N N 322 
TYR HE1  H N N 323 
TYR HE2  H N N 324 
TYR HH   H N N 325 
TYR HXT  H N N 326 
UU5 N    N N N 327 
UU5 CA   C N S 328 
UU5 C    C N N 329 
UU5 O    O N N 330 
UU5 CB   C N N 331 
UU5 CG   C N N 332 
UU5 ND   N N N 333 
UU5 CE   C N N 334 
UU5 CF   C N N 335 
UU5 OE   O N N 336 
UU5 OXT  O N N 337 
UU5 H    H N N 338 
UU5 H2   H N N 339 
UU5 HA   H N N 340 
UU5 H5   H N N 341 
UU5 H6   H N N 342 
UU5 H7   H N N 343 
UU5 H8   H N N 344 
UU5 H9   H N N 345 
UU5 H10  H N N 346 
UU5 HXT  H N N 347 
UU5 O2   O N N 348 
VAL N    N N N 349 
VAL CA   C N S 350 
VAL C    C N N 351 
VAL O    O N N 352 
VAL CB   C N N 353 
VAL CG1  C N N 354 
VAL CG2  C N N 355 
VAL OXT  O N N 356 
VAL H    H N N 357 
VAL H2   H N N 358 
VAL HA   H N N 359 
VAL HB   H N N 360 
VAL HG11 H N N 361 
VAL HG12 H N N 362 
VAL HG13 H N N 363 
VAL HG21 H N N 364 
VAL HG22 H N N 365 
VAL HG23 H N N 366 
VAL HXT  H N N 367 
# 
loop_
_chem_comp_bond.comp_id 
_chem_comp_bond.atom_id_1 
_chem_comp_bond.atom_id_2 
_chem_comp_bond.value_order 
_chem_comp_bond.pdbx_aromatic_flag 
_chem_comp_bond.pdbx_stereo_config 
_chem_comp_bond.pdbx_ordinal 
19W O   C    doub N N 1   
19W C   CA   sing N N 2   
19W CA  N    sing N N 3   
19W CA  CB   sing N N 4   
19W CG  CB   sing N N 5   
19W CG  CD   sing N N 6   
19W CD  OE   sing N N 7   
19W OE  NZ   sing N N 8   
19W N   H    sing N N 9   
19W N   H2   sing N N 10  
19W CA  HA   sing N N 11  
19W CB  H6   sing N N 12  
19W CB  H7   sing N N 13  
19W CG  H8   sing N N 14  
19W CG  H9   sing N N 15  
19W CD  H10  sing N N 16  
19W CD  H11  sing N N 17  
19W NZ  H12  sing N N 18  
19W NZ  H13  sing N N 19  
19W C   OXT  sing N N 20  
19W OXT HXT  sing N N 21  
ACE C   O    doub N N 22  
ACE C   CH3  sing N N 23  
ACE C   H    sing N N 24  
ACE CH3 H1   sing N N 25  
ACE CH3 H2   sing N N 26  
ACE CH3 H3   sing N N 27  
ACT C   O    doub N N 28  
ACT C   OXT  sing N N 29  
ACT C   CH3  sing N N 30  
ACT CH3 H1   sing N N 31  
ACT CH3 H2   sing N N 32  
ACT CH3 H3   sing N N 33  
ALA N   CA   sing N N 34  
ALA N   H    sing N N 35  
ALA N   H2   sing N N 36  
ALA CA  C    sing N N 37  
ALA CA  CB   sing N N 38  
ALA CA  HA   sing N N 39  
ALA C   O    doub N N 40  
ALA C   OXT  sing N N 41  
ALA CB  HB1  sing N N 42  
ALA CB  HB2  sing N N 43  
ALA CB  HB3  sing N N 44  
ALA OXT HXT  sing N N 45  
ARG N   CA   sing N N 46  
ARG N   H    sing N N 47  
ARG N   H2   sing N N 48  
ARG CA  C    sing N N 49  
ARG CA  CB   sing N N 50  
ARG CA  HA   sing N N 51  
ARG C   O    doub N N 52  
ARG C   OXT  sing N N 53  
ARG CB  CG   sing N N 54  
ARG CB  HB2  sing N N 55  
ARG CB  HB3  sing N N 56  
ARG CG  CD   sing N N 57  
ARG CG  HG2  sing N N 58  
ARG CG  HG3  sing N N 59  
ARG CD  NE   sing N N 60  
ARG CD  HD2  sing N N 61  
ARG CD  HD3  sing N N 62  
ARG NE  CZ   sing N N 63  
ARG NE  HE   sing N N 64  
ARG CZ  NH1  sing N N 65  
ARG CZ  NH2  doub N N 66  
ARG NH1 HH11 sing N N 67  
ARG NH1 HH12 sing N N 68  
ARG NH2 HH21 sing N N 69  
ARG NH2 HH22 sing N N 70  
ARG OXT HXT  sing N N 71  
ASN N   CA   sing N N 72  
ASN N   H    sing N N 73  
ASN N   H2   sing N N 74  
ASN CA  C    sing N N 75  
ASN CA  CB   sing N N 76  
ASN CA  HA   sing N N 77  
ASN C   O    doub N N 78  
ASN C   OXT  sing N N 79  
ASN CB  CG   sing N N 80  
ASN CB  HB2  sing N N 81  
ASN CB  HB3  sing N N 82  
ASN CG  OD1  doub N N 83  
ASN CG  ND2  sing N N 84  
ASN ND2 HD21 sing N N 85  
ASN ND2 HD22 sing N N 86  
ASN OXT HXT  sing N N 87  
ASP N   CA   sing N N 88  
ASP N   H    sing N N 89  
ASP N   H2   sing N N 90  
ASP CA  C    sing N N 91  
ASP CA  CB   sing N N 92  
ASP CA  HA   sing N N 93  
ASP C   O    doub N N 94  
ASP C   OXT  sing N N 95  
ASP CB  CG   sing N N 96  
ASP CB  HB2  sing N N 97  
ASP CB  HB3  sing N N 98  
ASP CG  OD1  doub N N 99  
ASP CG  OD2  sing N N 100 
ASP OD2 HD2  sing N N 101 
ASP OXT HXT  sing N N 102 
GLN N   CA   sing N N 103 
GLN N   H    sing N N 104 
GLN N   H2   sing N N 105 
GLN CA  C    sing N N 106 
GLN CA  CB   sing N N 107 
GLN CA  HA   sing N N 108 
GLN C   O    doub N N 109 
GLN C   OXT  sing N N 110 
GLN CB  CG   sing N N 111 
GLN CB  HB2  sing N N 112 
GLN CB  HB3  sing N N 113 
GLN CG  CD   sing N N 114 
GLN CG  HG2  sing N N 115 
GLN CG  HG3  sing N N 116 
GLN CD  OE1  doub N N 117 
GLN CD  NE2  sing N N 118 
GLN NE2 HE21 sing N N 119 
GLN NE2 HE22 sing N N 120 
GLN OXT HXT  sing N N 121 
GLU N   CA   sing N N 122 
GLU N   H    sing N N 123 
GLU N   H2   sing N N 124 
GLU CA  C    sing N N 125 
GLU CA  CB   sing N N 126 
GLU CA  HA   sing N N 127 
GLU C   O    doub N N 128 
GLU C   OXT  sing N N 129 
GLU CB  CG   sing N N 130 
GLU CB  HB2  sing N N 131 
GLU CB  HB3  sing N N 132 
GLU CG  CD   sing N N 133 
GLU CG  HG2  sing N N 134 
GLU CG  HG3  sing N N 135 
GLU CD  OE1  doub N N 136 
GLU CD  OE2  sing N N 137 
GLU OE2 HE2  sing N N 138 
GLU OXT HXT  sing N N 139 
GLY N   CA   sing N N 140 
GLY N   H    sing N N 141 
GLY N   H2   sing N N 142 
GLY CA  C    sing N N 143 
GLY CA  HA2  sing N N 144 
GLY CA  HA3  sing N N 145 
GLY C   O    doub N N 146 
GLY C   OXT  sing N N 147 
GLY OXT HXT  sing N N 148 
GOL C1  O1   sing N N 149 
GOL C1  C2   sing N N 150 
GOL C1  H11  sing N N 151 
GOL C1  H12  sing N N 152 
GOL O1  HO1  sing N N 153 
GOL C2  O2   sing N N 154 
GOL C2  C3   sing N N 155 
GOL C2  H2   sing N N 156 
GOL O2  HO2  sing N N 157 
GOL C3  O3   sing N N 158 
GOL C3  H31  sing N N 159 
GOL C3  H32  sing N N 160 
GOL O3  HO3  sing N N 161 
HIS N   CA   sing N N 162 
HIS N   H    sing N N 163 
HIS N   H2   sing N N 164 
HIS CA  C    sing N N 165 
HIS CA  CB   sing N N 166 
HIS CA  HA   sing N N 167 
HIS C   O    doub N N 168 
HIS C   OXT  sing N N 169 
HIS CB  CG   sing N N 170 
HIS CB  HB2  sing N N 171 
HIS CB  HB3  sing N N 172 
HIS CG  ND1  sing Y N 173 
HIS CG  CD2  doub Y N 174 
HIS ND1 CE1  doub Y N 175 
HIS ND1 HD1  sing N N 176 
HIS CD2 NE2  sing Y N 177 
HIS CD2 HD2  sing N N 178 
HIS CE1 NE2  sing Y N 179 
HIS CE1 HE1  sing N N 180 
HIS NE2 HE2  sing N N 181 
HIS OXT HXT  sing N N 182 
HOH O   H1   sing N N 183 
HOH O   H2   sing N N 184 
LEU N   CA   sing N N 185 
LEU N   H    sing N N 186 
LEU N   H2   sing N N 187 
LEU CA  C    sing N N 188 
LEU CA  CB   sing N N 189 
LEU CA  HA   sing N N 190 
LEU C   O    doub N N 191 
LEU C   OXT  sing N N 192 
LEU CB  CG   sing N N 193 
LEU CB  HB2  sing N N 194 
LEU CB  HB3  sing N N 195 
LEU CG  CD1  sing N N 196 
LEU CG  CD2  sing N N 197 
LEU CG  HG   sing N N 198 
LEU CD1 HD11 sing N N 199 
LEU CD1 HD12 sing N N 200 
LEU CD1 HD13 sing N N 201 
LEU CD2 HD21 sing N N 202 
LEU CD2 HD22 sing N N 203 
LEU CD2 HD23 sing N N 204 
LEU OXT HXT  sing N N 205 
LYS N   CA   sing N N 206 
LYS N   H    sing N N 207 
LYS N   H2   sing N N 208 
LYS CA  C    sing N N 209 
LYS CA  CB   sing N N 210 
LYS CA  HA   sing N N 211 
LYS C   O    doub N N 212 
LYS C   OXT  sing N N 213 
LYS CB  CG   sing N N 214 
LYS CB  HB2  sing N N 215 
LYS CB  HB3  sing N N 216 
LYS CG  CD   sing N N 217 
LYS CG  HG2  sing N N 218 
LYS CG  HG3  sing N N 219 
LYS CD  CE   sing N N 220 
LYS CD  HD2  sing N N 221 
LYS CD  HD3  sing N N 222 
LYS CE  NZ   sing N N 223 
LYS CE  HE2  sing N N 224 
LYS CE  HE3  sing N N 225 
LYS NZ  HZ1  sing N N 226 
LYS NZ  HZ2  sing N N 227 
LYS NZ  HZ3  sing N N 228 
LYS OXT HXT  sing N N 229 
MET N   CA   sing N N 230 
MET N   H    sing N N 231 
MET N   H2   sing N N 232 
MET CA  C    sing N N 233 
MET CA  CB   sing N N 234 
MET CA  HA   sing N N 235 
MET C   O    doub N N 236 
MET C   OXT  sing N N 237 
MET CB  CG   sing N N 238 
MET CB  HB2  sing N N 239 
MET CB  HB3  sing N N 240 
MET CG  SD   sing N N 241 
MET CG  HG2  sing N N 242 
MET CG  HG3  sing N N 243 
MET SD  CE   sing N N 244 
MET CE  HE1  sing N N 245 
MET CE  HE2  sing N N 246 
MET CE  HE3  sing N N 247 
MET OXT HXT  sing N N 248 
NH2 N   HN1  sing N N 249 
NH2 N   HN2  sing N N 250 
NLE N   CA   sing N N 251 
NLE N   H    sing N N 252 
NLE N   H2   sing N N 253 
NLE CA  C    sing N N 254 
NLE CA  CB   sing N N 255 
NLE CA  HA   sing N N 256 
NLE C   O    doub N N 257 
NLE C   OXT  sing N N 258 
NLE OXT HXT  sing N N 259 
NLE CB  CG   sing N N 260 
NLE CB  HB2  sing N N 261 
NLE CB  HB3  sing N N 262 
NLE CG  CD   sing N N 263 
NLE CG  HG2  sing N N 264 
NLE CG  HG3  sing N N 265 
NLE CD  CE   sing N N 266 
NLE CD  HD2  sing N N 267 
NLE CD  HD3  sing N N 268 
NLE CE  HE1  sing N N 269 
NLE CE  HE2  sing N N 270 
NLE CE  HE3  sing N N 271 
SER N   CA   sing N N 272 
SER N   H    sing N N 273 
SER N   H2   sing N N 274 
SER CA  C    sing N N 275 
SER CA  CB   sing N N 276 
SER CA  HA   sing N N 277 
SER C   O    doub N N 278 
SER C   OXT  sing N N 279 
SER CB  OG   sing N N 280 
SER CB  HB2  sing N N 281 
SER CB  HB3  sing N N 282 
SER OG  HG   sing N N 283 
SER OXT HXT  sing N N 284 
TYR N   CA   sing N N 285 
TYR N   H    sing N N 286 
TYR N   H2   sing N N 287 
TYR CA  C    sing N N 288 
TYR CA  CB   sing N N 289 
TYR CA  HA   sing N N 290 
TYR C   O    doub N N 291 
TYR C   OXT  sing N N 292 
TYR CB  CG   sing N N 293 
TYR CB  HB2  sing N N 294 
TYR CB  HB3  sing N N 295 
TYR CG  CD1  doub Y N 296 
TYR CG  CD2  sing Y N 297 
TYR CD1 CE1  sing Y N 298 
TYR CD1 HD1  sing N N 299 
TYR CD2 CE2  doub Y N 300 
TYR CD2 HD2  sing N N 301 
TYR CE1 CZ   doub Y N 302 
TYR CE1 HE1  sing N N 303 
TYR CE2 CZ   sing Y N 304 
TYR CE2 HE2  sing N N 305 
TYR CZ  OH   sing N N 306 
TYR OH  HH   sing N N 307 
TYR OXT HXT  sing N N 308 
UU5 O   C    doub N N 309 
UU5 C   CA   sing N N 310 
UU5 CF  CE   sing N N 311 
UU5 CE  OE   doub N N 312 
UU5 CE  ND   sing N N 313 
UU5 CA  N    sing N N 314 
UU5 CA  CB   sing N N 315 
UU5 ND  CG   sing N N 316 
UU5 CB  CG   sing N N 317 
UU5 C   OXT  sing N N 318 
UU5 N   H    sing N N 319 
UU5 N   H2   sing N N 320 
UU5 CA  HA   sing N N 321 
UU5 CB  H5   sing N N 322 
UU5 CB  H6   sing N N 323 
UU5 CG  H7   sing N N 324 
UU5 CG  H8   sing N N 325 
UU5 ND  H9   sing N N 326 
UU5 CF  H10  sing N N 327 
UU5 OXT HXT  sing N N 328 
UU5 CF  O2   doub N N 329 
VAL N   CA   sing N N 330 
VAL N   H    sing N N 331 
VAL N   H2   sing N N 332 
VAL CA  C    sing N N 333 
VAL CA  CB   sing N N 334 
VAL CA  HA   sing N N 335 
VAL C   O    doub N N 336 
VAL C   OXT  sing N N 337 
VAL CB  CG1  sing N N 338 
VAL CB  CG2  sing N N 339 
VAL CB  HB   sing N N 340 
VAL CG1 HG11 sing N N 341 
VAL CG1 HG12 sing N N 342 
VAL CG1 HG13 sing N N 343 
VAL CG2 HG21 sing N N 344 
VAL CG2 HG22 sing N N 345 
VAL CG2 HG23 sing N N 346 
VAL OXT HXT  sing N N 347 
# 
_pdbx_initial_refinement_model.id               1 
_pdbx_initial_refinement_model.entity_id_list   ? 
_pdbx_initial_refinement_model.type             'experimental model' 
_pdbx_initial_refinement_model.source_name      PDB 
_pdbx_initial_refinement_model.accession_code   2ZTA 
_pdbx_initial_refinement_model.details          'PDB 2ZTA' 
# 
_atom_sites.entry_id                    4HU6 
_atom_sites.fract_transf_matrix[1][1]   -0.00970192 
_atom_sites.fract_transf_matrix[1][2]   0.02793859 
_atom_sites.fract_transf_matrix[1][3]   0.01963694 
_atom_sites.fract_transf_matrix[2][1]   0.01916295 
_atom_sites.fract_transf_matrix[2][2]   -0.00271447 
_atom_sites.fract_transf_matrix[2][3]   0.02402679 
_atom_sites.fract_transf_matrix[3][1]   0.01473237 
_atom_sites.fract_transf_matrix[3][2]   0.02152021 
_atom_sites.fract_transf_matrix[3][3]   -0.00467720 
_atom_sites.fract_transf_vector[1]      -0.466755 
_atom_sites.fract_transf_vector[2]      -0.125612 
_atom_sites.fract_transf_vector[3]      0.698401 
# 
loop_
_atom_type.symbol 
C 
N 
O 
# 
loop_
_atom_site.group_PDB 
_atom_site.id 
_atom_site.type_symbol 
_atom_site.label_atom_id 
_atom_site.label_alt_id 
_atom_site.label_comp_id 
_atom_site.label_asym_id 
_atom_site.label_entity_id 
_atom_site.label_seq_id 
_atom_site.pdbx_PDB_ins_code 
_atom_site.Cartn_x 
_atom_site.Cartn_y 
_atom_site.Cartn_z 
_atom_site.occupancy 
_atom_site.B_iso_or_equiv 
_atom_site.pdbx_formal_charge 
_atom_site.auth_seq_id 
_atom_site.auth_comp_id 
_atom_site.auth_asym_id 
_atom_site.auth_atom_id 
_atom_site.pdbx_PDB_model_num 
HETATM 1    C C   . ACE A 1 1  ? 1.595   18.160  0.336   1.00 45.47 ? 0   ACE A C   1 
HETATM 2    O O   . ACE A 1 1  ? 1.812   17.289  1.173   1.00 39.43 ? 0   ACE A O   1 
HETATM 3    C CH3 . ACE A 1 1  ? 2.711   19.069  -0.132  1.00 40.93 ? 0   ACE A CH3 1 
ATOM   4    N N   . ARG A 1 2  ? 0.399   18.370  -0.203  1.00 45.15 ? 1   ARG A N   1 
ATOM   5    C CA  . ARG A 1 2  ? -0.787  17.640  0.231   1.00 41.77 ? 1   ARG A CA  1 
ATOM   6    C C   . ARG A 1 2  ? -0.785  16.204  -0.271  1.00 40.67 ? 1   ARG A C   1 
ATOM   7    O O   . ARG A 1 2  ? -1.259  15.297  0.412   1.00 32.44 ? 1   ARG A O   1 
ATOM   8    C CB  . ARG A 1 2  ? -2.047  18.353  -0.262  1.00 41.71 ? 1   ARG A CB  1 
ATOM   9    C CG  . ARG A 1 2  ? -3.294  18.080  0.563   1.00 50.66 ? 1   ARG A CG  1 
ATOM   10   C CD  . ARG A 1 2  ? -4.207  19.305  0.573   1.00 41.33 ? 1   ARG A CD  1 
ATOM   11   N NE  . ARG A 1 2  ? -4.779  19.576  -0.741  1.00 45.87 ? 1   ARG A NE  1 
ATOM   12   C CZ  . ARG A 1 2  ? -6.008  19.222  -1.103  1.00 50.24 ? 1   ARG A CZ  1 
ATOM   13   N NH1 . ARG A 1 2  ? -6.787  18.580  -0.243  1.00 41.59 ? 1   ARG A NH1 1 
ATOM   14   N NH2 . ARG A 1 2  ? -6.458  19.506  -2.323  1.00 41.29 ? 1   ARG A NH2 1 
HETATM 15   N N   . NLE A 1 3  ? -0.255  16.002  -1.472  1.00 34.07 ? 2   NLE A N   1 
HETATM 16   C CA  . NLE A 1 3  ? -0.233  14.684  -2.086  1.00 35.73 ? 2   NLE A CA  1 
HETATM 17   C C   . NLE A 1 3  ? 0.671   13.739  -1.296  1.00 40.06 ? 2   NLE A C   1 
HETATM 18   O O   . NLE A 1 3  ? 0.363   12.563  -1.106  1.00 37.50 ? 2   NLE A O   1 
HETATM 19   C CB  . NLE A 1 3  ? 0.267   14.791  -3.527  1.00 37.39 ? 2   NLE A CB  1 
HETATM 20   C CG  . NLE A 1 3  ? 0.115   13.519  -4.340  1.00 43.94 ? 2   NLE A CG  1 
HETATM 21   C CD  . NLE A 1 3  ? -1.210  13.493  -5.075  1.00 36.31 ? 2   NLE A CD  1 
HETATM 22   C CE  . NLE A 1 3  ? -1.275  14.590  -6.120  1.00 43.17 ? 2   NLE A CE  1 
ATOM   23   N N   . LYS A 1 4  ? 1.794   14.279  -0.833  1.00 34.35 ? 3   LYS A N   1 
ATOM   24   C CA  . LYS A 1 4  ? 2.804   13.480  -0.170  1.00 32.03 ? 3   LYS A CA  1 
ATOM   25   C C   . LYS A 1 4  ? 2.329   13.105  1.232   1.00 37.42 ? 3   LYS A C   1 
ATOM   26   O O   . LYS A 1 4  ? 2.644   12.020  1.726   1.00 38.97 ? 3   LYS A O   1 
ATOM   27   C CB  . LYS A 1 4  ? 4.119   14.237  -0.108  1.00 26.14 ? 3   LYS A CB  1 
ATOM   28   C CG  . LYS A 1 4  ? 4.849   14.337  -1.433  1.00 41.08 ? 3   LYS A CG  1 
ATOM   29   C CD  . LYS A 1 4  ? 6.276   13.856  -1.268  1.00 57.02 ? 3   LYS A CD  1 
ATOM   30   C CE  . LYS A 1 4  ? 7.229   14.599  -2.164  1.00 57.87 ? 3   LYS A CE  1 
ATOM   31   N NZ  . LYS A 1 4  ? 8.609   14.147  -1.872  1.00 58.87 ? 3   LYS A NZ  1 
ATOM   32   N N   . GLN A 1 5  ? 1.583   14.005  1.852   1.00 34.78 ? 4   GLN A N   1 
ATOM   33   C CA  . GLN A 1 5  ? 1.007   13.777  3.173   1.00 38.67 ? 4   GLN A CA  1 
ATOM   34   C C   . GLN A 1 5  ? -0.032  12.665  3.060   1.00 32.75 ? 4   GLN A C   1 
ATOM   35   O O   . GLN A 1 5  ? -0.122  11.801  3.927   1.00 37.08 ? 4   GLN A O   1 
ATOM   36   C CB  . GLN A 1 5  ? 0.354   15.049  3.743   1.00 31.71 ? 4   GLN A CB  1 
ATOM   37   C CG  . GLN A 1 5  ? 1.302   16.077  4.390   1.00 60.12 ? 4   GLN A CG  1 
ATOM   38   C CD  . GLN A 1 5  ? 1.561   15.841  5.885   1.00 80.64 ? 4   GLN A CD  1 
ATOM   39   O OE1 . GLN A 1 5  ? 0.643   15.886  6.714   1.00 87.99 ? 4   GLN A OE1 1 
ATOM   40   N NE2 . GLN A 1 5  ? 2.819   15.607  6.221   1.00 78.79 ? 4   GLN A NE2 1 
ATOM   41   N N   . LEU A 1 6  ? -0.827  12.701  1.998   1.00 32.54 ? 5   LEU A N   1 
ATOM   42   C CA  . LEU A 1 6  ? -1.836  11.671  1.766   1.00 27.62 ? 5   LEU A CA  1 
ATOM   43   C C   . LEU A 1 6  ? -1.172  10.337  1.467   1.00 31.76 ? 5   LEU A C   1 
ATOM   44   O O   . LEU A 1 6  ? -1.628  9.285   1.917   1.00 31.40 ? 5   LEU A O   1 
ATOM   45   C CB  . LEU A 1 6  ? -2.772  12.077  0.630   1.00 24.75 ? 5   LEU A CB  1 
ATOM   46   C CG  . LEU A 1 6  ? -3.880  13.035  1.091   1.00 32.89 ? 5   LEU A CG  1 
ATOM   47   C CD1 . LEU A 1 6  ? -4.581  13.700  -0.069  1.00 23.84 ? 5   LEU A CD1 1 
ATOM   48   C CD2 . LEU A 1 6  ? -4.886  12.289  1.952   1.00 33.13 ? 5   LEU A CD2 1 
ATOM   49   N N   . GLU A 1 7  ? -0.082  10.396  0.708   1.00 27.72 ? 6   GLU A N   1 
ATOM   50   C CA  . GLU A 1 7  ? 0.694   9.212   0.406   1.00 30.39 ? 6   GLU A CA  1 
ATOM   51   C C   . GLU A 1 7  ? 1.313   8.628   1.670   1.00 23.01 ? 6   GLU A C   1 
ATOM   52   O O   . GLU A 1 7  ? 1.362   7.413   1.825   1.00 32.95 ? 6   GLU A O   1 
ATOM   53   C CB  . GLU A 1 7  ? 1.763   9.525   -0.647  1.00 28.09 ? 6   GLU A CB  1 
ATOM   54   C CG  . GLU A 1 7  ? 1.204   9.553   -2.057  1.00 30.08 ? 6   GLU A CG  1 
ATOM   55   C CD  . GLU A 1 7  ? 2.076   10.323  -3.016  1.00 34.61 ? 6   GLU A CD  1 
ATOM   56   O OE1 . GLU A 1 7  ? 3.055   10.943  -2.553  1.00 34.08 ? 6   GLU A OE1 1 
ATOM   57   O OE2 . GLU A 1 7  ? 1.779   10.315  -4.231  1.00 36.43 ? 6   GLU A OE2 1 
HETATM 58   N N   . UU5 A 1 8  ? 1.775   9.485   2.579   1.00 26.58 ? 7   UU5 A N   1 
HETATM 59   C CA  . UU5 A 1 8  ? 2.366   8.976   3.832   1.00 37.63 ? 7   UU5 A CA  1 
HETATM 60   C C   . UU5 A 1 8  ? 1.311   8.289   4.724   1.00 33.53 ? 7   UU5 A C   1 
HETATM 61   O O   . UU5 A 1 8  ? 1.631   7.311   5.415   1.00 33.60 ? 7   UU5 A O   1 
HETATM 62   C CB  . UU5 A 1 8  ? 3.397   9.894   4.563   1.00 42.19 ? 7   UU5 A CB  1 
HETATM 63   C CG  . UU5 A 1 8  ? 2.842   10.940  5.555   1.00 59.36 ? 7   UU5 A CG  1 
HETATM 64   N ND  . UU5 A 1 8  ? 2.308   10.228  6.742   1.00 69.76 ? 7   UU5 A ND  1 
HETATM 65   C CE  . UU5 A 1 8  ? 1.177   10.474  7.424   1.00 67.33 ? 7   UU5 A CE  1 
HETATM 66   C CF  . UU5 A 1 8  ? 0.967   9.510   8.604   1.00 66.78 ? 7   UU5 A CF  1 
HETATM 67   O OE  . UU5 A 1 8  ? 0.380   11.379  7.181   1.00 66.48 ? 7   UU5 A OE  1 
ATOM   68   N N   . LYS A 1 9  ? 0.079   8.795   4.662   1.00 25.13 ? 8   LYS A N   1 
ATOM   69   C CA  . LYS A 1 9  ? -1.031  8.277   5.444   1.00 31.82 ? 8   LYS A CA  1 
ATOM   70   C C   . LYS A 1 9  ? -1.468  6.905   4.928   1.00 29.35 ? 8   LYS A C   1 
ATOM   71   O O   . LYS A 1 9  ? -1.801  6.013   5.710   1.00 35.99 ? 8   LYS A O   1 
ATOM   72   C CB  . LYS A 1 9  ? -2.192  9.270   5.408   1.00 30.03 ? 8   LYS A CB  1 
ATOM   73   C CG  . LYS A 1 9  ? -3.392  8.892   6.254   1.00 41.91 ? 8   LYS A CG  1 
ATOM   74   C CD  . LYS A 1 9  ? -3.183  9.344   7.674   1.00 58.75 ? 8   LYS A CD  1 
ATOM   75   C CE  . LYS A 1 9  ? -4.171  8.704   8.603   1.00 64.29 ? 8   LYS A CE  1 
ATOM   76   N NZ  . LYS A 1 9  ? -5.125  9.764   8.961   1.00 61.15 ? 8   LYS A NZ  1 
ATOM   77   N N   . VAL A 1 10 ? -1.453  6.737   3.611   1.00 29.49 ? 9   VAL A N   1 
ATOM   78   C CA  . VAL A 1 10 ? -1.743  5.445   2.997   1.00 25.04 ? 9   VAL A CA  1 
ATOM   79   C C   . VAL A 1 10 ? -0.725  4.385   3.449   1.00 29.27 ? 9   VAL A C   1 
ATOM   80   O O   . VAL A 1 10 ? -1.081  3.254   3.785   1.00 30.50 ? 9   VAL A O   1 
ATOM   81   C CB  . VAL A 1 10 ? -1.747  5.555   1.466   1.00 21.88 ? 9   VAL A CB  1 
ATOM   82   C CG1 . VAL A 1 10 ? -1.800  4.177   0.835   1.00 22.95 ? 9   VAL A CG1 1 
ATOM   83   C CG2 . VAL A 1 10 ? -2.919  6.423   1.001   1.00 20.48 ? 9   VAL A CG2 1 
ATOM   84   N N   . GLU A 1 11 ? 0.544   4.779   3.485   1.00 27.13 ? 10  GLU A N   1 
ATOM   85   C CA  . GLU A 1 11 ? 1.635   3.884   3.844   1.00 34.89 ? 10  GLU A CA  1 
ATOM   86   C C   . GLU A 1 11 ? 1.544   3.465   5.312   1.00 32.77 ? 10  GLU A C   1 
ATOM   87   O O   . GLU A 1 11 ? 1.682   2.289   5.656   1.00 24.38 ? 10  GLU A O   1 
ATOM   88   C CB  . GLU A 1 11 ? 2.973   4.568   3.527   1.00 33.98 ? 10  GLU A CB  1 
ATOM   89   C CG  . GLU A 1 11 ? 3.156   4.839   2.023   1.00 49.66 ? 10  GLU A CG  1 
ATOM   90   C CD  . GLU A 1 11 ? 4.194   5.915   1.713   1.00 48.42 ? 10  GLU A CD  1 
ATOM   91   O OE1 . GLU A 1 11 ? 4.584   6.666   2.633   1.00 59.78 ? 10  GLU A OE1 1 
ATOM   92   O OE2 . GLU A 1 11 ? 4.601   6.031   0.536   1.00 49.45 ? 10  GLU A OE2 1 
HETATM 93   N N   . 19W A 1 12 ? 1.298   4.448   6.168   1.00 30.65 ? 11  19W A N   1 
HETATM 94   C CA  . 19W A 1 12 ? 1.096   4.232   7.602   1.00 33.32 ? 11  19W A CA  1 
HETATM 95   C C   . 19W A 1 12 ? -0.128  3.340   7.841   1.00 26.78 ? 11  19W A C   1 
HETATM 96   O O   . 19W A 1 12 ? -0.004  2.392   8.642   1.00 29.19 ? 11  19W A O   1 
HETATM 97   C CB  . 19W A 1 12 ? 0.827   5.606   8.168   1.00 41.28 ? 11  19W A CB  1 
HETATM 98   C CG  . 19W A 1 12 ? 0.486   5.528   9.642   1.00 46.99 ? 11  19W A CG  1 
HETATM 99   C CD  . 19W A 1 12 ? 0.250   6.952   10.147  1.00 63.05 ? 11  19W A CD  1 
HETATM 100  O OE  . 19W A 1 12 ? 1.447   7.734   10.004  1.00 86.38 ? 11  19W A OE  1 
HETATM 101  N NZ  . 19W A 1 12 ? 1.828   8.565   8.805   1.00 71.40 ? 11  19W A NZ  1 
ATOM   102  N N   . LEU A 1 13 ? -1.259  3.618   7.208   1.00 26.19 ? 12  LEU A N   1 
ATOM   103  C CA  . LEU A 1 13 ? -2.450  2.794   7.395   1.00 22.10 ? 12  LEU A CA  1 
ATOM   104  C C   . LEU A 1 13 ? -2.246  1.355   6.917   1.00 28.01 ? 12  LEU A C   1 
ATOM   105  O O   . LEU A 1 13 ? -2.700  0.409   7.566   1.00 27.87 ? 12  LEU A O   1 
ATOM   106  C CB  . LEU A 1 13 ? -3.668  3.418   6.703   1.00 24.39 ? 12  LEU A CB  1 
ATOM   107  C CG  . LEU A 1 13 ? -4.342  4.561   7.466   1.00 31.59 ? 12  LEU A CG  1 
ATOM   108  C CD1 . LEU A 1 13 ? -5.568  5.048   6.731   1.00 29.12 ? 12  LEU A CD1 1 
ATOM   109  C CD2 . LEU A 1 13 ? -4.717  4.101   8.864   1.00 37.91 ? 12  LEU A CD2 1 
ATOM   110  N N   . LEU A 1 14 ? -1.561  1.195   5.792   1.00 29.29 ? 13  LEU A N   1 
ATOM   111  C CA  . LEU A 1 14 ? -1.264  -0.131  5.255   1.00 23.77 ? 13  LEU A CA  1 
ATOM   112  C C   . LEU A 1 14 ? -0.411  -0.932  6.235   1.00 24.27 ? 13  LEU A C   1 
ATOM   113  O O   . LEU A 1 14 ? -0.644  -2.125  6.447   1.00 26.33 ? 13  LEU A O   1 
ATOM   114  C CB  . LEU A 1 14 ? -0.526  -0.010  3.914   1.00 30.13 ? 13  LEU A CB  1 
ATOM   115  C CG  . LEU A 1 14 ? -0.096  -1.308  3.241   1.00 27.54 ? 13  LEU A CG  1 
ATOM   116  C CD1 . LEU A 1 14 ? -1.318  -2.125  2.873   1.00 35.47 ? 13  LEU A CD1 1 
ATOM   117  C CD2 . LEU A 1 14 ? 0.728   -1.014  2.005   1.00 32.15 ? 13  LEU A CD2 1 
ATOM   118  N N   . SER A 1 15 ? 0.586   -0.269  6.817   1.00 24.56 ? 14  SER A N   1 
ATOM   119  C CA  . SER A 1 15 ? 1.497   -0.911  7.757   1.00 24.38 ? 14  SER A CA  1 
ATOM   120  C C   . SER A 1 15 ? 0.739   -1.326  9.004   1.00 33.20 ? 14  SER A C   1 
ATOM   121  O O   . SER A 1 15 ? 0.932   -2.416  9.539   1.00 37.11 ? 14  SER A O   1 
ATOM   122  C CB  . SER A 1 15 ? 2.617   0.046   8.150   1.00 31.59 ? 14  SER A CB  1 
ATOM   123  O OG  . SER A 1 15 ? 3.339   -0.465  9.255   1.00 39.94 ? 14  SER A OG  1 
ATOM   124  N N   . LYS A 1 16 ? -0.124  -0.434  9.453   1.00 28.38 ? 15  LYS A N   1 
ATOM   125  C CA  . LYS A 1 16 ? -0.995  -0.686  10.576  1.00 27.10 ? 15  LYS A CA  1 
ATOM   126  C C   . LYS A 1 16 ? -1.919  -1.856  10.246  1.00 22.05 ? 15  LYS A C   1 
ATOM   127  O O   . LYS A 1 16 ? -2.156  -2.726  11.076  1.00 27.16 ? 15  LYS A O   1 
ATOM   128  C CB  . LYS A 1 16 ? -1.801  0.575   10.827  1.00 32.97 ? 15  LYS A CB  1 
ATOM   129  C CG  . LYS A 1 16 ? -2.444  0.700   12.168  1.00 47.54 ? 15  LYS A CG  1 
ATOM   130  C CD  . LYS A 1 16 ? -2.741  2.163   12.345  1.00 54.84 ? 15  LYS A CD  1 
ATOM   131  C CE  . LYS A 1 16 ? -1.420  2.899   12.219  1.00 49.75 ? 15  LYS A CE  1 
ATOM   132  N NZ  . LYS A 1 16 ? -1.480  4.373   12.122  1.00 58.31 ? 15  LYS A NZ  1 
ATOM   133  N N   . ASN A 1 17 ? -2.418  -1.885  9.013   1.00 25.67 ? 16  ASN A N   1 
ATOM   134  C CA  A ASN A 1 17 ? -3.308  -2.952  8.567   0.69 26.19 ? 16  ASN A CA  1 
ATOM   135  C CA  B ASN A 1 17 ? -3.309  -2.952  8.572   0.31 26.40 ? 16  ASN A CA  1 
ATOM   136  C C   . ASN A 1 17 ? -2.642  -4.326  8.607   1.00 33.94 ? 16  ASN A C   1 
ATOM   137  O O   . ASN A 1 17 ? -3.255  -5.314  9.020   1.00 31.89 ? 16  ASN A O   1 
ATOM   138  C CB  A ASN A 1 17 ? -3.799  -2.660  7.153   0.69 26.64 ? 16  ASN A CB  1 
ATOM   139  C CB  B ASN A 1 17 ? -3.819  -2.658  7.162   0.31 26.70 ? 16  ASN A CB  1 
ATOM   140  C CG  A ASN A 1 17 ? -4.950  -3.546  6.744   0.69 35.33 ? 16  ASN A CG  1 
ATOM   141  C CG  B ASN A 1 17 ? -5.326  -2.723  7.066   0.31 37.03 ? 16  ASN A CG  1 
ATOM   142  O OD1 A ASN A 1 17 ? -4.755  -4.585  6.120   0.69 33.62 ? 16  ASN A OD1 1 
ATOM   143  O OD1 B ASN A 1 17 ? -5.884  -3.697  6.560   0.31 36.62 ? 16  ASN A OD1 1 
ATOM   144  N ND2 A ASN A 1 17 ? -6.165  -3.133  7.089   0.69 39.53 ? 16  ASN A ND2 1 
ATOM   145  N ND2 B ASN A 1 17 ? -5.997  -1.686  7.558   0.31 28.94 ? 16  ASN A ND2 1 
ATOM   146  N N   . TYR A 1 18 ? -1.386  -4.379  8.176   1.00 24.63 ? 17  TYR A N   1 
ATOM   147  C CA  . TYR A 1 18 ? -0.647  -5.630  8.150   1.00 26.31 ? 17  TYR A CA  1 
ATOM   148  C C   . TYR A 1 18 ? -0.390  -6.152  9.556   1.00 30.50 ? 17  TYR A C   1 
ATOM   149  O O   . TYR A 1 18 ? -0.436  -7.357  9.794   1.00 30.77 ? 17  TYR A O   1 
ATOM   150  C CB  . TYR A 1 18 ? 0.666   -5.470  7.379   1.00 30.76 ? 17  TYR A CB  1 
ATOM   151  C CG  . TYR A 1 18 ? 0.493   -5.582  5.884   1.00 35.20 ? 17  TYR A CG  1 
ATOM   152  C CD1 . TYR A 1 18 ? -0.563  -6.306  5.343   1.00 31.14 ? 17  TYR A CD1 1 
ATOM   153  C CD2 . TYR A 1 18 ? 1.384   -4.977  5.011   1.00 36.74 ? 17  TYR A CD2 1 
ATOM   154  C CE1 . TYR A 1 18 ? -0.724  -6.421  3.974   1.00 26.47 ? 17  TYR A CE1 1 
ATOM   155  C CE2 . TYR A 1 18 ? 1.229   -5.089  3.645   1.00 30.69 ? 17  TYR A CE2 1 
ATOM   156  C CZ  . TYR A 1 18 ? 0.177   -5.813  3.132   1.00 24.44 ? 17  TYR A CZ  1 
ATOM   157  O OH  . TYR A 1 18 ? 0.022   -5.917  1.768   1.00 39.33 ? 17  TYR A OH  1 
ATOM   158  N N   . HIS A 1 19 ? -0.124  -5.246  10.490  1.00 23.20 ? 18  HIS A N   1 
ATOM   159  C CA  A HIS A 1 19 ? 0.078   -5.654  11.873  0.48 34.06 ? 18  HIS A CA  1 
ATOM   160  C CA  B HIS A 1 19 ? 0.068   -5.630  11.887  0.52 34.08 ? 18  HIS A CA  1 
ATOM   161  C C   . HIS A 1 19 ? -1.216  -6.175  12.498  1.00 30.51 ? 18  HIS A C   1 
ATOM   162  O O   . HIS A 1 19 ? -1.189  -7.116  13.292  1.00 34.93 ? 18  HIS A O   1 
ATOM   163  C CB  A HIS A 1 19 ? 0.691   -4.518  12.698  0.48 33.37 ? 18  HIS A CB  1 
ATOM   164  C CB  B HIS A 1 19 ? 0.561   -4.448  12.722  0.52 33.31 ? 18  HIS A CB  1 
ATOM   165  C CG  A HIS A 1 19 ? 2.156   -4.325  12.456  0.48 40.87 ? 18  HIS A CG  1 
ATOM   166  C CG  B HIS A 1 19 ? 0.351   -4.629  14.192  0.52 32.90 ? 18  HIS A CG  1 
ATOM   167  N ND1 A HIS A 1 19 ? 2.682   -4.084  11.202  0.48 39.10 ? 18  HIS A ND1 1 
ATOM   168  N ND1 B HIS A 1 19 ? 1.249   -5.294  14.999  0.52 42.50 ? 18  HIS A ND1 1 
ATOM   169  C CD2 A HIS A 1 19 ? 3.213   -4.352  13.303  0.48 41.54 ? 18  HIS A CD2 1 
ATOM   170  C CD2 B HIS A 1 19 ? -0.669  -4.249  15.000  0.52 36.46 ? 18  HIS A CD2 1 
ATOM   171  C CE1 A HIS A 1 19 ? 3.992   -3.964  11.290  0.48 33.08 ? 18  HIS A CE1 1 
ATOM   172  C CE1 B HIS A 1 19 ? 0.797   -5.307  16.241  0.52 38.92 ? 18  HIS A CE1 1 
ATOM   173  N NE2 A HIS A 1 19 ? 4.342   -4.123  12.554  0.48 51.46 ? 18  HIS A NE2 1 
ATOM   174  N NE2 B HIS A 1 19 ? -0.363  -4.679  16.268  0.52 41.61 ? 18  HIS A NE2 1 
ATOM   175  N N   . LEU A 1 20 ? -2.344  -5.574  12.129  1.00 32.55 ? 19  LEU A N   1 
ATOM   176  C CA  . LEU A 1 20 ? -3.640  -6.060  12.589  1.00 22.29 ? 19  LEU A CA  1 
ATOM   177  C C   . LEU A 1 20 ? -4.007  -7.397  11.921  1.00 24.94 ? 19  LEU A C   1 
ATOM   178  O O   . LEU A 1 20 ? -4.597  -8.263  12.562  1.00 25.76 ? 19  LEU A O   1 
ATOM   179  C CB  . LEU A 1 20 ? -4.725  -5.001  12.406  1.00 19.47 ? 19  LEU A CB  1 
ATOM   180  C CG  . LEU A 1 20 ? -4.635  -3.830  13.389  1.00 24.82 ? 19  LEU A CG  1 
ATOM   181  C CD1 . LEU A 1 20 ? -5.586  -2.757  12.989  1.00 26.29 ? 19  LEU A CD1 1 
ATOM   182  C CD2 . LEU A 1 20 ? -4.972  -4.292  14.785  1.00 30.62 ? 19  LEU A CD2 1 
ATOM   183  N N   . GLU A 1 21 ? -3.634  -7.591  10.659  1.00 22.25 ? 20  GLU A N   1 
ATOM   184  C CA  . GLU A 1 21 ? -3.833  -8.901  10.027  1.00 25.31 ? 20  GLU A CA  1 
ATOM   185  C C   . GLU A 1 21 ? -3.006  -10.005 10.658  1.00 31.14 ? 20  GLU A C   1 
ATOM   186  O O   . GLU A 1 21 ? -3.463  -11.139 10.740  1.00 33.53 ? 20  GLU A O   1 
ATOM   187  C CB  . GLU A 1 21 ? -3.571  -8.866  8.524   1.00 28.07 ? 20  GLU A CB  1 
ATOM   188  C CG  . GLU A 1 21 ? -4.837  -8.610  7.741   1.00 41.31 ? 20  GLU A CG  1 
ATOM   189  C CD  . GLU A 1 21 ? -4.608  -8.035  6.345   1.00 56.55 ? 20  GLU A CD  1 
ATOM   190  O OE1 . GLU A 1 21 ? -3.509  -7.509  6.049   1.00 47.92 ? 20  GLU A OE1 1 
ATOM   191  O OE2 . GLU A 1 21 ? -5.562  -8.099  5.540   1.00 63.05 ? 20  GLU A OE2 1 
ATOM   192  N N   . ASN A 1 22 ? -1.783  -9.684  11.078  1.00 30.19 ? 21  ASN A N   1 
ATOM   193  C CA  . ASN A 1 22 ? -0.933  -10.683 11.707  1.00 24.91 ? 21  ASN A CA  1 
ATOM   194  C C   . ASN A 1 22 ? -1.494  -11.058 13.066  1.00 29.87 ? 21  ASN A C   1 
ATOM   195  O O   . ASN A 1 22 ? -1.504  -12.228 13.446  1.00 36.68 ? 21  ASN A O   1 
ATOM   196  C CB  . ASN A 1 22 ? 0.499   -10.175 11.880  1.00 22.50 ? 21  ASN A CB  1 
ATOM   197  C CG  . ASN A 1 22 ? 1.196   -9.904  10.556  1.00 34.79 ? 21  ASN A CG  1 
ATOM   198  O OD1 . ASN A 1 22 ? 2.191   -9.182  10.517  1.00 36.24 ? 21  ASN A OD1 1 
ATOM   199  N ND2 . ASN A 1 22 ? 0.672   -10.465 9.468   1.00 28.72 ? 21  ASN A ND2 1 
ATOM   200  N N   . GLU A 1 23 ? -1.950  -10.047 13.784  1.00 29.28 ? 22  GLU A N   1 
ATOM   201  C CA  . GLU A 1 23 ? -2.524  -10.197 15.105  1.00 29.95 ? 22  GLU A CA  1 
ATOM   202  C C   . GLU A 1 23 ? -3.747  -11.116 15.015  1.00 25.20 ? 22  GLU A C   1 
ATOM   203  O O   . GLU A 1 23 ? -3.846  -12.111 15.731  1.00 29.28 ? 22  GLU A O   1 
ATOM   204  C CB  . GLU A 1 23 ? -2.887  -8.795  15.616  1.00 36.16 ? 22  GLU A CB  1 
ATOM   205  C CG  . GLU A 1 23 ? -3.088  -8.607  17.098  1.00 43.99 ? 22  GLU A CG  1 
ATOM   206  C CD  . GLU A 1 23 ? -3.105  -7.127  17.475  1.00 59.71 ? 22  GLU A CD  1 
ATOM   207  O OE1 . GLU A 1 23 ? -2.585  -6.311  16.682  1.00 59.87 ? 22  GLU A OE1 1 
ATOM   208  O OE2 . GLU A 1 23 ? -3.647  -6.770  18.543  1.00 54.25 ? 22  GLU A OE2 1 
ATOM   209  N N   . VAL A 1 24 ? -4.669  -10.800 14.104  1.00 27.90 ? 23  VAL A N   1 
ATOM   210  C CA  . VAL A 1 24 ? -5.870  -11.615 13.892  1.00 28.73 ? 23  VAL A CA  1 
ATOM   211  C C   . VAL A 1 24 ? -5.555  -13.083 13.585  1.00 32.84 ? 23  VAL A C   1 
ATOM   212  O O   . VAL A 1 24 ? -6.202  -13.980 14.121  1.00 29.55 ? 23  VAL A O   1 
ATOM   213  C CB  . VAL A 1 24 ? -6.758  -11.019 12.767  1.00 31.26 ? 23  VAL A CB  1 
ATOM   214  C CG1 . VAL A 1 24 ? -7.821  -12.009 12.319  1.00 29.50 ? 23  VAL A CG1 1 
ATOM   215  C CG2 . VAL A 1 24 ? -7.403  -9.733  13.229  1.00 22.77 ? 23  VAL A CG2 1 
ATOM   216  N N   . ALA A 1 25 ? -4.555  -13.319 12.730  1.00 26.57 ? 24  ALA A N   1 
ATOM   217  C CA  . ALA A 1 25 ? -4.159  -14.676 12.328  1.00 29.83 ? 24  ALA A CA  1 
ATOM   218  C C   . ALA A 1 25 ? -3.582  -15.474 13.486  1.00 30.91 ? 24  ALA A C   1 
ATOM   219  O O   . ALA A 1 25 ? -3.747  -16.689 13.569  1.00 38.66 ? 24  ALA A O   1 
ATOM   220  C CB  . ALA A 1 25 ? -3.147  -14.624 11.168  1.00 27.30 ? 24  ALA A CB  1 
ATOM   221  N N   . ARG A 1 26 ? -2.875  -14.764 14.364  1.00 35.46 ? 25  ARG A N   1 
ATOM   222  C CA  . ARG A 1 26 ? -2.304  -15.322 15.581  1.00 27.47 ? 25  ARG A CA  1 
ATOM   223  C C   . ARG A 1 26 ? -3.389  -15.695 16.575  1.00 28.61 ? 25  ARG A C   1 
ATOM   224  O O   . ARG A 1 26 ? -3.318  -16.738 17.222  1.00 31.76 ? 25  ARG A O   1 
ATOM   225  C CB  . ARG A 1 26 ? -1.422  -14.274 16.225  1.00 31.01 ? 25  ARG A CB  1 
ATOM   226  C CG  . ARG A 1 26 ? 0.010   -14.618 16.270  1.00 38.34 ? 25  ARG A CG  1 
ATOM   227  C CD  . ARG A 1 26 ? 0.768   -13.494 16.904  1.00 39.71 ? 25  ARG A CD  1 
ATOM   228  N NE  . ARG A 1 26 ? 1.655   -12.935 15.901  1.00 46.82 ? 25  ARG A NE  1 
ATOM   229  C CZ  . ARG A 1 26 ? 1.705   -11.657 15.551  1.00 48.77 ? 25  ARG A CZ  1 
ATOM   230  N NH1 . ARG A 1 26 ? 2.551   -11.284 14.606  1.00 55.06 ? 25  ARG A NH1 1 
ATOM   231  N NH2 . ARG A 1 26 ? 0.936   -10.753 16.149  1.00 48.75 ? 25  ARG A NH2 1 
ATOM   232  N N   . LEU A 1 27 ? -4.388  -14.836 16.700  1.00 30.65 ? 26  LEU A N   1 
ATOM   233  C CA  . LEU A 1 27 ? -5.478  -15.069 17.646  1.00 29.34 ? 26  LEU A CA  1 
ATOM   234  C C   . LEU A 1 27 ? -6.359  -16.235 17.203  1.00 29.97 ? 26  LEU A C   1 
ATOM   235  O O   . LEU A 1 27 ? -6.869  -16.986 18.027  1.00 33.30 ? 26  LEU A O   1 
ATOM   236  C CB  . LEU A 1 27 ? -6.298  -13.796 17.840  1.00 25.06 ? 26  LEU A CB  1 
ATOM   237  C CG  . LEU A 1 27 ? -5.633  -12.738 18.721  1.00 26.94 ? 26  LEU A CG  1 
ATOM   238  C CD1 . LEU A 1 27 ? -6.387  -11.418 18.657  1.00 27.11 ? 26  LEU A CD1 1 
ATOM   239  C CD2 . LEU A 1 27 ? -5.576  -13.241 20.149  1.00 26.52 ? 26  LEU A CD2 1 
ATOM   240  N N   . LYS A 1 28 ? -6.511  -16.399 15.892  1.00 30.76 ? 27  LYS A N   1 
ATOM   241  C CA  . LYS A 1 28 ? -7.286  -17.503 15.344  1.00 36.40 ? 27  LYS A CA  1 
ATOM   242  C C   . LYS A 1 28 ? -6.645  -18.862 15.595  1.00 40.83 ? 27  LYS A C   1 
ATOM   243  O O   . LYS A 1 28 ? -7.337  -19.861 15.785  1.00 42.47 ? 27  LYS A O   1 
ATOM   244  C CB  . LYS A 1 28 ? -7.501  -17.304 13.855  1.00 32.70 ? 27  LYS A CB  1 
ATOM   245  C CG  . LYS A 1 28 ? -8.566  -16.309 13.566  1.00 40.96 ? 27  LYS A CG  1 
ATOM   246  C CD  . LYS A 1 28 ? -8.525  -15.887 12.134  1.00 29.37 ? 27  LYS A CD  1 
ATOM   247  C CE  . LYS A 1 28 ? -9.922  -15.592 11.692  1.00 43.55 ? 27  LYS A CE  1 
ATOM   248  N NZ  . LYS A 1 28 ? -9.971  -14.739 10.484  1.00 46.45 ? 27  LYS A NZ  1 
ATOM   249  N N   . LYS A 1 29 ? -5.305  -18.899 15.581  1.00 33.17 ? 28  LYS A N   1 
ATOM   250  C CA  . LYS A 1 29 ? -4.567  -20.098 15.964  1.00 46.33 ? 28  LYS A CA  1 
ATOM   251  C C   . LYS A 1 29 ? -4.813  -20.425 17.430  1.00 45.07 ? 28  LYS A C   1 
ATOM   252  O O   . LYS A 1 29 ? -4.821  -21.586 17.813  1.00 40.56 ? 28  LYS A O   1 
ATOM   253  C CB  . LYS A 1 29 ? -3.060  -19.906 15.774  1.00 48.93 ? 28  LYS A CB  1 
ATOM   254  C CG  . LYS A 1 29 ? -2.526  -20.140 14.362  1.00 50.48 ? 28  LYS A CG  1 
ATOM   255  C CD  . LYS A 1 29 ? -1.040  -19.773 14.305  1.00 58.73 ? 28  LYS A CD  1 
ATOM   256  C CE  . LYS A 1 29 ? -0.511  -19.401 12.910  1.00 54.21 ? 28  LYS A CE  1 
ATOM   257  N NZ  . LYS A 1 29 ? -1.402  -18.572 12.042  1.00 54.15 ? 28  LYS A NZ  1 
ATOM   258  N N   . LEU A 1 30 ? -4.993  -19.395 18.241  1.00 55.42 ? 29  LEU A N   1 
ATOM   259  C CA  . LEU A 1 30 ? -5.208  -19.561 19.676  1.00 44.51 ? 29  LEU A CA  1 
ATOM   260  C C   . LEU A 1 30 ? -6.551  -20.231 19.985  1.00 47.89 ? 29  LEU A C   1 
ATOM   261  O O   . LEU A 1 30 ? -6.618  -21.125 20.834  1.00 67.35 ? 29  LEU A O   1 
ATOM   262  C CB  . LEU A 1 30 ? -5.174  -18.187 20.355  1.00 45.93 ? 29  LEU A CB  1 
ATOM   263  C CG  . LEU A 1 30 ? -4.417  -18.016 21.659  1.00 46.09 ? 29  LEU A CG  1 
ATOM   264  C CD1 . LEU A 1 30 ? -3.042  -18.488 21.374  1.00 48.06 ? 29  LEU A CD1 1 
ATOM   265  C CD2 . LEU A 1 30 ? -4.392  -16.542 22.108  1.00 42.23 ? 29  LEU A CD2 1 
ATOM   266  N N   . VAL A 1 31 ? -7.605  -19.781 19.315  1.00 50.07 ? 30  VAL A N   1 
ATOM   267  C CA  . VAL A 1 31 ? -8.969  -20.265 19.564  1.00 52.79 ? 30  VAL A CA  1 
ATOM   268  C C   . VAL A 1 31 ? -9.233  -21.607 18.880  1.00 58.20 ? 30  VAL A C   1 
ATOM   269  O O   . VAL A 1 31 ? -9.882  -22.491 19.451  1.00 56.83 ? 30  VAL A O   1 
ATOM   270  C CB  . VAL A 1 31 ? -10.053 -19.241 19.099  1.00 47.07 ? 30  VAL A CB  1 
ATOM   271  C CG1 . VAL A 1 31 ? -10.211 -18.129 20.108  1.00 44.73 ? 30  VAL A CG1 1 
ATOM   272  C CG2 . VAL A 1 31 ? -9.723  -18.672 17.723  1.00 41.33 ? 30  VAL A CG2 1 
ATOM   273  N N   . GLY A 1 32 ? -8.722  -21.737 17.666  1.00 67.26 ? 31  GLY A N   1 
ATOM   274  C CA  . GLY A 1 32 ? -8.939  -22.913 16.844  1.00 61.37 ? 31  GLY A CA  1 
ATOM   275  C C   . GLY A 1 32 ? -9.980  -22.624 15.784  1.00 60.65 ? 31  GLY A C   1 
ATOM   276  O O   . GLY A 1 32 ? -10.752 -23.510 15.419  1.00 64.35 ? 31  GLY A O   1 
ATOM   277  N N   . GLU A 1 33 ? -9.994  -21.392 15.276  1.00 61.39 ? 32  GLU A N   1 
ATOM   278  C CA  . GLU A 1 33 ? -10.893 -21.029 14.176  1.00 54.02 ? 32  GLU A CA  1 
ATOM   279  C C   . GLU A 1 33 ? -10.135 -20.545 12.941  1.00 60.63 ? 32  GLU A C   1 
ATOM   280  O O   . GLU A 1 33 ? -8.908  -20.614 12.883  1.00 64.66 ? 32  GLU A O   1 
ATOM   281  C CB  . GLU A 1 33 ? -11.924 -19.983 14.611  1.00 62.85 ? 32  GLU A CB  1 
ATOM   282  C CG  . GLU A 1 33 ? -11.550 -18.550 14.290  1.00 54.80 ? 32  GLU A CG  1 
ATOM   283  C CD  . GLU A 1 33 ? -12.728 -17.611 14.430  1.00 71.03 ? 32  GLU A CD  1 
ATOM   284  O OE1 . GLU A 1 33 ? -13.454 -17.709 15.446  1.00 58.03 ? 32  GLU A OE1 1 
ATOM   285  O OE2 . GLU A 1 33 ? -12.936 -16.789 13.511  1.00 55.03 ? 32  GLU A OE2 1 
HETATM 286  C C   . ACE B 1 1  ? -6.982  12.501  -8.876  1.00 51.44 ? 0   ACE B C   1 
HETATM 287  O O   . ACE B 1 1  ? -7.516  11.465  -8.484  1.00 40.62 ? 0   ACE B O   1 
HETATM 288  C CH3 . ACE B 1 1  ? -7.739  13.479  -9.752  1.00 42.12 ? 0   ACE B CH3 1 
ATOM   289  N N   . ARG B 1 2  ? -5.732  12.831  -8.568  1.00 50.53 ? 1   ARG B N   1 
ATOM   290  C CA  . ARG B 1 2  ? -4.903  11.969  -7.733  1.00 42.00 ? 1   ARG B CA  1 
ATOM   291  C C   . ARG B 1 2  ? -5.257  12.137  -6.266  1.00 38.30 ? 1   ARG B C   1 
ATOM   292  O O   . ARG B 1 2  ? -5.311  11.165  -5.517  1.00 32.26 ? 1   ARG B O   1 
ATOM   293  C CB  . ARG B 1 2  ? -3.420  12.263  -7.946  1.00 39.54 ? 1   ARG B CB  1 
ATOM   294  C CG  . ARG B 1 2  ? -2.833  11.599  -9.181  1.00 40.58 ? 1   ARG B CG  1 
ATOM   295  C CD  . ARG B 1 2  ? -1.351  11.314  -8.998  1.00 42.91 ? 1   ARG B CD  1 
ATOM   296  N NE  . ARG B 1 2  ? -0.557  12.534  -8.877  1.00 42.14 ? 1   ARG B NE  1 
ATOM   297  C CZ  . ARG B 1 2  ? 0.591   12.601  -8.213  1.00 47.39 ? 1   ARG B CZ  1 
ATOM   298  N NH1 . ARG B 1 2  ? 1.057   11.519  -7.608  1.00 37.44 ? 1   ARG B NH1 1 
ATOM   299  N NH2 . ARG B 1 2  ? 1.262   13.747  -8.144  1.00 40.24 ? 1   ARG B NH2 1 
HETATM 300  N N   . NLE B 1 3  ? -5.500  13.380  -5.866  1.00 32.08 ? 2   NLE B N   1 
HETATM 301  C CA  . NLE B 1 3  ? -5.810  13.687  -4.480  1.00 37.49 ? 2   NLE B CA  1 
HETATM 302  C C   . NLE B 1 3  ? -7.065  12.952  -4.043  1.00 37.69 ? 2   NLE B C   1 
HETATM 303  O O   . NLE B 1 3  ? -7.137  12.447  -2.924  1.00 37.66 ? 2   NLE B O   1 
HETATM 304  C CB  . NLE B 1 3  ? -5.987  15.190  -4.294  1.00 37.29 ? 2   NLE B CB  1 
HETATM 305  C CG  . NLE B 1 3  ? -5.470  15.699  -2.962  1.00 45.07 ? 2   NLE B CG  1 
HETATM 306  C CD  . NLE B 1 3  ? -4.578  16.912  -3.154  1.00 42.08 ? 2   NLE B CD  1 
HETATM 307  C CE  . NLE B 1 3  ? -3.454  16.634  -4.138  1.00 43.55 ? 2   NLE B CE  1 
ATOM   308  N N   . LYS B 1 4  ? -8.040  12.874  -4.938  1.00 32.17 ? 3   LYS B N   1 
ATOM   309  C CA  . LYS B 1 4  ? -9.302  12.218  -4.631  1.00 30.83 ? 3   LYS B CA  1 
ATOM   310  C C   . LYS B 1 4  ? -9.182  10.710  -4.507  1.00 39.95 ? 3   LYS B C   1 
ATOM   311  O O   . LYS B 1 4  ? -9.856  10.108  -3.675  1.00 45.11 ? 3   LYS B O   1 
ATOM   312  C CB  . LYS B 1 4  ? -10.383 12.601  -5.642  1.00 31.58 ? 3   LYS B CB  1 
ATOM   313  C CG  . LYS B 1 4  ? -10.903 14.018  -5.437  1.00 42.28 ? 3   LYS B CG  1 
ATOM   314  C CD  . LYS B 1 4  ? -12.414 14.046  -5.291  1.00 54.30 ? 3   LYS B CD  1 
ATOM   315  C CE  . LYS B 1 4  ? -13.004 15.326  -5.858  1.00 60.43 ? 3   LYS B CE  1 
ATOM   316  N NZ  . LYS B 1 4  ? -14.490 15.266  -5.807  1.00 59.02 ? 3   LYS B NZ  1 
ATOM   317  N N   . GLN B 1 5  ? -8.327  10.096  -5.322  1.00 34.74 ? 4   GLN B N   1 
ATOM   318  C CA  . GLN B 1 5  ? -8.115  8.656   -5.233  1.00 42.65 ? 4   GLN B CA  1 
ATOM   319  C C   . GLN B 1 5  ? -7.341  8.295   -3.972  1.00 32.45 ? 4   GLN B C   1 
ATOM   320  O O   . GLN B 1 5  ? -7.629  7.290   -3.326  1.00 32.76 ? 4   GLN B O   1 
ATOM   321  C CB  . GLN B 1 5  ? -7.388  8.129   -6.478  1.00 35.74 ? 4   GLN B CB  1 
ATOM   322  C CG  . GLN B 1 5  ? -8.332  7.691   -7.575  1.00 65.29 ? 4   GLN B CG  1 
ATOM   323  C CD  . GLN B 1 5  ? -8.928  6.323   -7.309  1.00 85.91 ? 4   GLN B CD  1 
ATOM   324  O OE1 . GLN B 1 5  ? -8.265  5.303   -7.496  1.00 94.76 ? 4   GLN B OE1 1 
ATOM   325  N NE2 . GLN B 1 5  ? -10.183 6.294   -6.866  1.00 80.15 ? 4   GLN B NE2 1 
ATOM   326  N N   . LEU B 1 6  ? -6.361  9.122   -3.636  1.00 32.96 ? 5   LEU B N   1 
ATOM   327  C CA  . LEU B 1 6  ? -5.586  8.932   -2.422  1.00 29.83 ? 5   LEU B CA  1 
ATOM   328  C C   . LEU B 1 6  ? -6.458  9.159   -1.188  1.00 25.89 ? 5   LEU B C   1 
ATOM   329  O O   . LEU B 1 6  ? -6.343  8.428   -0.215  1.00 30.09 ? 5   LEU B O   1 
ATOM   330  C CB  . LEU B 1 6  ? -4.369  9.860   -2.410  1.00 28.91 ? 5   LEU B CB  1 
ATOM   331  C CG  . LEU B 1 6  ? -3.146  9.425   -3.223  1.00 33.55 ? 5   LEU B CG  1 
ATOM   332  C CD1 . LEU B 1 6  ? -2.199  10.592  -3.389  1.00 26.16 ? 5   LEU B CD1 1 
ATOM   333  C CD2 . LEU B 1 6  ? -2.434  8.282   -2.536  1.00 31.15 ? 5   LEU B CD2 1 
ATOM   334  N N   . GLU B 1 7  ? -7.338  10.159  -1.237  1.00 22.43 ? 6   GLU B N   1 
ATOM   335  C CA  . GLU B 1 7  ? -8.246  10.421  -0.119  1.00 31.56 ? 6   GLU B CA  1 
ATOM   336  C C   . GLU B 1 7  ? -9.197  9.260   0.044   1.00 26.69 ? 6   GLU B C   1 
ATOM   337  O O   . GLU B 1 7  ? -9.598  8.925   1.155   1.00 29.66 ? 6   GLU B O   1 
ATOM   338  C CB  . GLU B 1 7  ? -9.054  11.702  -0.336  1.00 25.25 ? 6   GLU B CB  1 
ATOM   339  C CG  . GLU B 1 7  ? -8.330  12.973  0.064   1.00 32.29 ? 6   GLU B CG  1 
ATOM   340  C CD  . GLU B 1 7  ? -8.957  14.213  -0.543  1.00 32.23 ? 6   GLU B CD  1 
ATOM   341  O OE1 . GLU B 1 7  ? -9.952  14.071  -1.283  1.00 31.55 ? 6   GLU B OE1 1 
ATOM   342  O OE2 . GLU B 1 7  ? -8.453  15.328  -0.288  1.00 28.90 ? 6   GLU B OE2 1 
HETATM 343  N N   . UU5 B 1 8  ? -9.547  8.651   -1.078  1.00 25.27 ? 7   UU5 B N   1 
HETATM 344  C CA  . UU5 B 1 8  ? -10.436 7.483   -1.094  1.00 36.08 ? 7   UU5 B CA  1 
HETATM 345  C C   . UU5 B 1 8  ? -9.750  6.200   -0.566  1.00 32.01 ? 7   UU5 B C   1 
HETATM 346  O O   . UU5 B 1 8  ? -10.413 5.413   0.145   1.00 32.97 ? 7   UU5 B O   1 
HETATM 347  C CB  . UU5 B 1 8  ? -11.034 7.365   -2.495  1.00 38.80 ? 7   UU5 B CB  1 
HETATM 348  C CG  . UU5 B 1 8  ? -12.209 6.410   -2.633  1.00 49.09 ? 7   UU5 B CG  1 
HETATM 349  N ND  . UU5 B 1 8  ? -12.041 4.984   -2.367  1.00 67.39 ? 7   UU5 B ND  1 
HETATM 350  C CE  . UU5 B 1 8  ? -11.208 4.213   -3.066  1.00 67.20 ? 7   UU5 B CE  1 
HETATM 351  C CF  . UU5 B 1 8  ? -11.224 2.775   -2.585  1.00 69.42 ? 7   UU5 B CF  1 
HETATM 352  O OE  . UU5 B 1 8  ? -10.468 4.602   -3.970  1.00 67.22 ? 7   UU5 B OE  1 
ATOM   353  N N   . LYS B 1 9  ? -8.467  6.023   -0.880  1.00 25.87 ? 8   LYS B N   1 
ATOM   354  C CA  . LYS B 1 9  ? -7.668  4.933   -0.329  1.00 30.59 ? 8   LYS B CA  1 
ATOM   355  C C   . LYS B 1 9  ? -7.463  5.056   1.184   1.00 26.67 ? 8   LYS B C   1 
ATOM   356  O O   . LYS B 1 9  ? -7.515  4.061   1.895   1.00 29.26 ? 8   LYS B O   1 
ATOM   357  C CB  . LYS B 1 9  ? -6.304  4.833   -1.030  1.00 27.85 ? 8   LYS B CB  1 
ATOM   358  C CG  . LYS B 1 9  ? -5.414  3.754   -0.428  1.00 38.47 ? 8   LYS B CG  1 
ATOM   359  C CD  . LYS B 1 9  ? -4.376  3.193   -1.398  1.00 58.95 ? 8   LYS B CD  1 
ATOM   360  C CE  . LYS B 1 9  ? -3.895  1.823   -0.903  1.00 61.68 ? 8   LYS B CE  1 
ATOM   361  N NZ  . LYS B 1 9  ? -3.107  1.039   -1.898  1.00 58.88 ? 8   LYS B NZ  1 
ATOM   362  N N   . VAL B 1 10 ? -7.210  6.268   1.667   1.00 27.60 ? 9   VAL B N   1 
ATOM   363  C CA  . VAL B 1 10 ? -7.074  6.486   3.100   1.00 26.27 ? 9   VAL B CA  1 
ATOM   364  C C   . VAL B 1 10 ? -8.362  6.079   3.824   1.00 27.17 ? 9   VAL B C   1 
ATOM   365  O O   . VAL B 1 10 ? -8.317  5.405   4.848   1.00 30.31 ? 9   VAL B O   1 
ATOM   366  C CB  . VAL B 1 10 ? -6.719  7.951   3.436   1.00 23.77 ? 9   VAL B CB  1 
ATOM   367  C CG1 . VAL B 1 10 ? -6.775  8.175   4.945   1.00 24.75 ? 9   VAL B CG1 1 
ATOM   368  C CG2 . VAL B 1 10 ? -5.348  8.304   2.898   1.00 17.28 ? 9   VAL B CG2 1 
ATOM   369  N N   . GLU B 1 11 ? -9.507  6.455   3.274   1.00 23.82 ? 10  GLU B N   1 
ATOM   370  C CA  . GLU B 1 11 ? -10.773 6.142   3.928   1.00 32.85 ? 10  GLU B CA  1 
ATOM   371  C C   . GLU B 1 11 ? -11.046 4.651   3.883   1.00 29.99 ? 10  GLU B C   1 
ATOM   372  O O   . GLU B 1 11 ? -11.494 4.067   4.867   1.00 22.25 ? 10  GLU B O   1 
ATOM   373  C CB  . GLU B 1 11 ? -11.933 6.877   3.264   1.00 33.48 ? 10  GLU B CB  1 
ATOM   374  C CG  . GLU B 1 11 ? -11.842 8.385   3.290   1.00 41.93 ? 10  GLU B CG  1 
ATOM   375  C CD  . GLU B 1 11 ? -12.709 9.008   2.214   1.00 47.43 ? 10  GLU B CD  1 
ATOM   376  O OE1 . GLU B 1 11 ? -13.409 8.249   1.508   1.00 58.80 ? 10  GLU B OE1 1 
ATOM   377  O OE2 . GLU B 1 11 ? -12.700 10.248  2.073   1.00 41.79 ? 10  GLU B OE2 1 
HETATM 378  N N   . 19W B 1 12 ? -10.790 4.053   2.722   1.00 30.61 ? 11  19W B N   1 
HETATM 379  C CA  . 19W B 1 12 ? -10.995 2.619   2.506   1.00 31.97 ? 11  19W B CA  1 
HETATM 380  C C   . 19W B 1 12 ? -10.176 1.811   3.572   1.00 33.69 ? 11  19W B C   1 
HETATM 381  O O   . 19W B 1 12 ? -10.701 0.849   4.178   1.00 28.05 ? 11  19W B O   1 
HETATM 382  C CB  . 19W B 1 12 ? -10.432 2.202   1.139   1.00 38.62 ? 11  19W B CB  1 
HETATM 383  C CG  . 19W B 1 12 ? -10.748 0.759   0.695   1.00 51.15 ? 11  19W B CG  1 
HETATM 384  C CD  . 19W B 1 12 ? -12.103 0.541   -0.004  1.00 65.62 ? 11  19W B CD  1 
HETATM 385  O OE  . 19W B 1 12 ? -11.977 1.157   -1.315  1.00 81.93 ? 11  19W B OE  1 
HETATM 386  N NZ  . 19W B 1 12 ? -12.074 2.472   -1.656  1.00 71.57 ? 11  19W B NZ  1 
ATOM   387  N N   . LEU B 1 13 ? -8.915  2.232   3.777   1.00 26.36 ? 12  LEU B N   1 
ATOM   388  C CA  . LEU B 1 13 ? -7.950  1.609   4.702   1.00 25.72 ? 12  LEU B CA  1 
ATOM   389  C C   . LEU B 1 13 ? -8.270  1.851   6.175   1.00 28.19 ? 12  LEU B C   1 
ATOM   390  O O   . LEU B 1 13 ? -8.048  0.978   7.013   1.00 27.46 ? 12  LEU B O   1 
ATOM   391  C CB  . LEU B 1 13 ? -6.521  2.089   4.411   1.00 23.17 ? 12  LEU B CB  1 
ATOM   392  C CG  . LEU B 1 13 ? -5.741  1.433   3.265   1.00 38.09 ? 12  LEU B CG  1 
ATOM   393  C CD1 . LEU B 1 13 ? -4.377  2.061   3.132   1.00 26.94 ? 12  LEU B CD1 1 
ATOM   394  C CD2 . LEU B 1 13 ? -5.598  -0.064  3.478   1.00 32.65 ? 12  LEU B CD2 1 
ATOM   395  N N   . LEU B 1 14 ? -8.780  3.045   6.491   1.00 31.25 ? 13  LEU B N   1 
ATOM   396  C CA  . LEU B 1 14 ? -9.226  3.370   7.846   1.00 18.22 ? 13  LEU B CA  1 
ATOM   397  C C   . LEU B 1 14 ? -10.359 2.441   8.238   1.00 22.24 ? 13  LEU B C   1 
ATOM   398  O O   . LEU B 1 14 ? -10.465 2.010   9.391   1.00 28.33 ? 13  LEU B O   1 
ATOM   399  C CB  . LEU B 1 14 ? -9.725  4.816   7.921   1.00 30.04 ? 13  LEU B CB  1 
ATOM   400  C CG  . LEU B 1 14 ? -10.330 5.246   9.273   1.00 31.28 ? 13  LEU B CG  1 
ATOM   401  C CD1 . LEU B 1 14 ? -9.267  5.311   10.370  1.00 36.33 ? 13  LEU B CD1 1 
ATOM   402  C CD2 . LEU B 1 14 ? -11.084 6.567   9.185   1.00 28.99 ? 13  LEU B CD2 1 
ATOM   403  N N   . SER B 1 15 ? -11.203 2.136   7.260   1.00 25.87 ? 14  SER B N   1 
ATOM   404  C CA  . SER B 1 15 ? -12.346 1.250   7.454   1.00 25.50 ? 14  SER B CA  1 
ATOM   405  C C   . SER B 1 15 ? -11.944 -0.210  7.670   1.00 34.67 ? 14  SER B C   1 
ATOM   406  O O   . SER B 1 15 ? -12.492 -0.873  8.554   1.00 37.40 ? 14  SER B O   1 
ATOM   407  C CB  . SER B 1 15 ? -13.311 1.359   6.269   1.00 32.69 ? 14  SER B CB  1 
ATOM   408  O OG  . SER B 1 15 ? -14.267 0.314   6.298   1.00 46.23 ? 14  SER B OG  1 
ATOM   409  N N   . LYS B 1 16 ? -11.011 -0.710  6.874   1.00 31.95 ? 15  LYS B N   1 
ATOM   410  C CA  . LYS B 1 16 ? -10.501 -2.072  7.070   1.00 24.83 ? 15  LYS B CA  1 
ATOM   411  C C   . LYS B 1 16 ? -9.827  -2.171  8.430   1.00 17.28 ? 15  LYS B C   1 
ATOM   412  O O   . LYS B 1 16 ? -9.972  -3.175  9.116   1.00 25.10 ? 15  LYS B O   1 
ATOM   413  C CB  . LYS B 1 16 ? -9.497  -2.462  5.981   1.00 28.22 ? 15  LYS B CB  1 
ATOM   414  C CG  . LYS B 1 16 ? -10.080 -2.557  4.579   1.00 46.77 ? 15  LYS B CG  1 
ATOM   415  C CD  . LYS B 1 16 ? -9.010  -2.731  3.505   1.00 50.95 ? 15  LYS B CD  1 
ATOM   416  C CE  . LYS B 1 16 ? -9.631  -2.710  2.112   1.00 51.46 ? 15  LYS B CE  1 
ATOM   417  N NZ  . LYS B 1 16 ? -9.900  -4.077  1.574   1.00 55.09 ? 15  LYS B NZ  1 
ATOM   418  N N   . ASN B 1 17 ? -9.087  -1.145  8.804   1.00 27.04 ? 16  ASN B N   1 
ATOM   419  C CA  A ASN B 1 17 ? -8.399  -1.160  10.090  0.69 25.34 ? 16  ASN B CA  1 
ATOM   420  C CA  B ASN B 1 17 ? -8.404  -1.091  10.098  0.31 25.62 ? 16  ASN B CA  1 
ATOM   421  C C   . ASN B 1 17 ? -9.387  -1.188  11.258  1.00 29.94 ? 16  ASN B C   1 
ATOM   422  O O   . ASN B 1 17 ? -9.163  -1.903  12.233  1.00 32.94 ? 16  ASN B O   1 
ATOM   423  C CB  A ASN B 1 17 ? -7.404  -0.005  10.208  0.69 26.10 ? 16  ASN B CB  1 
ATOM   424  C CB  B ASN B 1 17 ? -7.606  0.206   10.215  0.31 25.99 ? 16  ASN B CB  1 
ATOM   425  C CG  A ASN B 1 17 ? -6.159  -0.212  9.342   0.69 34.09 ? 16  ASN B CG  1 
ATOM   426  C CG  B ASN B 1 17 ? -6.108  -0.022  10.193  0.31 34.64 ? 16  ASN B CG  1 
ATOM   427  O OD1 A ASN B 1 17 ? -6.157  -1.015  8.408   0.69 26.46 ? 16  ASN B OD1 1 
ATOM   428  O OD1 B ASN B 1 17 ? -5.498  -0.136  9.129   0.31 31.93 ? 16  ASN B OD1 1 
ATOM   429  N ND2 A ASN B 1 17 ? -5.096  0.517   9.656   0.69 29.93 ? 16  ASN B ND2 1 
ATOM   430  N ND2 B ASN B 1 17 ? -5.505  -0.076  11.369  0.31 29.53 ? 16  ASN B ND2 1 
ATOM   431  N N   . TYR B 1 18 ? -10.485 -0.443  11.150  1.00 26.98 ? 17  TYR B N   1 
ATOM   432  C CA  . TYR B 1 18 ? -11.514 -0.445  12.186  1.00 28.95 ? 17  TYR B CA  1 
ATOM   433  C C   . TYR B 1 18 ? -12.192 -1.804  12.251  1.00 34.92 ? 17  TYR B C   1 
ATOM   434  O O   . TYR B 1 18 ? -12.508 -2.297  13.337  1.00 30.38 ? 17  TYR B O   1 
ATOM   435  C CB  . TYR B 1 18 ? -12.555 0.657   11.952  1.00 29.74 ? 17  TYR B CB  1 
ATOM   436  C CG  . TYR B 1 18 ? -12.177 2.007   12.528  1.00 33.09 ? 17  TYR B CG  1 
ATOM   437  C CD1 . TYR B 1 18 ? -11.233 2.116   13.538  1.00 29.84 ? 17  TYR B CD1 1 
ATOM   438  C CD2 . TYR B 1 18 ? -12.770 3.177   12.064  1.00 35.85 ? 17  TYR B CD2 1 
ATOM   439  C CE1 . TYR B 1 18 ? -10.884 3.350   14.071  1.00 27.68 ? 17  TYR B CE1 1 
ATOM   440  C CE2 . TYR B 1 18 ? -12.426 4.414   12.592  1.00 24.86 ? 17  TYR B CE2 1 
ATOM   441  C CZ  . TYR B 1 18 ? -11.485 4.493   13.592  1.00 26.11 ? 17  TYR B CZ  1 
ATOM   442  O OH  . TYR B 1 18 ? -11.141 5.717   14.118  1.00 40.22 ? 17  TYR B OH  1 
ATOM   443  N N   . HIS B 1 19 ? -12.412 -2.411  11.086  1.00 25.46 ? 18  HIS B N   1 
ATOM   444  C CA  . HIS B 1 19 ? -12.947 -3.766  11.064  1.00 28.48 ? 18  HIS B CA  1 
ATOM   445  C C   . HIS B 1 19 ? -11.959 -4.757  11.687  1.00 26.56 ? 18  HIS B C   1 
ATOM   446  O O   . HIS B 1 19 ? -12.367 -5.672  12.401  1.00 35.85 ? 18  HIS B O   1 
ATOM   447  C CB  . HIS B 1 19 ? -13.338 -4.202  9.648   1.00 23.28 ? 18  HIS B CB  1 
ATOM   448  C CG  . HIS B 1 19 ? -13.519 -5.684  9.516   1.00 25.99 ? 18  HIS B CG  1 
ATOM   449  N ND1 . HIS B 1 19 ? -14.533 -6.370  10.147  1.00 38.74 ? 18  HIS B ND1 1 
ATOM   450  C CD2 . HIS B 1 19 ? -12.791 -6.614  8.855   1.00 38.32 ? 18  HIS B CD2 1 
ATOM   451  C CE1 . HIS B 1 19 ? -14.433 -7.656  9.867   1.00 34.23 ? 18  HIS B CE1 1 
ATOM   452  N NE2 . HIS B 1 19 ? -13.383 -7.832  9.085   1.00 38.37 ? 18  HIS B NE2 1 
ATOM   453  N N   . LEU B 1 20 ? -10.667 -4.574  11.440  1.00 31.61 ? 19  LEU B N   1 
ATOM   454  C CA  . LEU B 1 20 ? -9.658  -5.487  11.981  1.00 25.02 ? 19  LEU B CA  1 
ATOM   455  C C   . LEU B 1 20 ? -9.467  -5.340  13.485  1.00 27.72 ? 19  LEU B C   1 
ATOM   456  O O   . LEU B 1 20 ? -9.165  -6.302  14.189  1.00 27.36 ? 19  LEU B O   1 
ATOM   457  C CB  . LEU B 1 20 ? -8.314  -5.305  11.274  1.00 19.65 ? 19  LEU B CB  1 
ATOM   458  C CG  . LEU B 1 20 ? -8.234  -5.910  9.870   1.00 26.16 ? 19  LEU B CG  1 
ATOM   459  C CD1 . LEU B 1 20 ? -6.884  -5.620  9.212   1.00 24.47 ? 19  LEU B CD1 1 
ATOM   460  C CD2 . LEU B 1 20 ? -8.531  -7.413  9.898   1.00 24.88 ? 19  LEU B CD2 1 
ATOM   461  N N   . GLU B 1 21 ? -9.624  -4.106  13.967  1.00 21.02 ? 20  GLU B N   1 
ATOM   462  C CA  . GLU B 1 21 ? -9.561  -3.832  15.391  1.00 28.06 ? 20  GLU B CA  1 
ATOM   463  C C   . GLU B 1 21 ? -10.729 -4.495  16.104  1.00 28.11 ? 20  GLU B C   1 
ATOM   464  O O   . GLU B 1 21 ? -10.590 -4.957  17.239  1.00 40.49 ? 20  GLU B O   1 
ATOM   465  C CB  . GLU B 1 21 ? -9.584  -2.331  15.645  1.00 25.29 ? 20  GLU B CB  1 
ATOM   466  C CG  . GLU B 1 21 ? -8.243  -1.631  15.523  1.00 38.00 ? 20  GLU B CG  1 
ATOM   467  C CD  . GLU B 1 21 ? -8.429  -0.263  14.932  1.00 54.32 ? 20  GLU B CD  1 
ATOM   468  O OE1 . GLU B 1 21 ? -7.470  0.348   14.417  1.00 58.49 ? 20  GLU B OE1 1 
ATOM   469  O OE2 . GLU B 1 21 ? -9.579  0.188   14.971  1.00 54.47 ? 20  GLU B OE2 1 
ATOM   470  N N   . ASN B 1 22 ? -11.880 -4.556  15.432  1.00 26.23 ? 21  ASN B N   1 
ATOM   471  C CA  . ASN B 1 22 ? -13.051 -5.251  15.976  1.00 29.48 ? 21  ASN B CA  1 
ATOM   472  C C   . ASN B 1 22 ? -12.863 -6.767  16.039  1.00 29.54 ? 21  ASN B C   1 
ATOM   473  O O   . ASN B 1 22 ? -13.307 -7.401  16.991  1.00 34.13 ? 21  ASN B O   1 
ATOM   474  C CB  . ASN B 1 22 ? -14.334 -4.939  15.195  1.00 19.55 ? 21  ASN B CB  1 
ATOM   475  C CG  . ASN B 1 22 ? -14.670 -3.463  15.158  1.00 34.10 ? 21  ASN B CG  1 
ATOM   476  O OD1 . ASN B 1 22 ? -15.501 -3.033  14.353  1.00 40.41 ? 21  ASN B OD1 1 
ATOM   477  N ND2 . ASN B 1 22 ? -14.035 -2.675  16.021  1.00 27.88 ? 21  ASN B ND2 1 
ATOM   478  N N   . GLU B 1 23 ? -12.222 -7.343  15.021  1.00 30.10 ? 22  GLU B N   1 
ATOM   479  C CA  . GLU B 1 23 ? -11.920 -8.781  15.014  1.00 29.84 ? 22  GLU B CA  1 
ATOM   480  C C   . GLU B 1 23 ? -10.960 -9.150  16.134  1.00 23.40 ? 22  GLU B C   1 
ATOM   481  O O   . GLU B 1 23 ? -11.168 -10.131 16.841  1.00 32.27 ? 22  GLU B O   1 
ATOM   482  C CB  . GLU B 1 23 ? -11.311 -9.206  13.679  1.00 30.94 ? 22  GLU B CB  1 
ATOM   483  C CG  . GLU B 1 23 ? -12.327 -9.497  12.611  1.00 46.31 ? 22  GLU B CG  1 
ATOM   484  C CD  . GLU B 1 23 ? -13.261 -10.610 13.012  1.00 55.38 ? 22  GLU B CD  1 
ATOM   485  O OE1 . GLU B 1 23 ? -12.810 -11.775 13.082  1.00 55.26 ? 22  GLU B OE1 1 
ATOM   486  O OE2 . GLU B 1 23 ? -14.446 -10.315 13.267  1.00 57.08 ? 22  GLU B OE2 1 
ATOM   487  N N   . VAL B 1 24 ? -9.901  -8.363  16.270  1.00 28.96 ? 23  VAL B N   1 
ATOM   488  C CA  . VAL B 1 24 ? -8.925  -8.565  17.328  1.00 25.52 ? 23  VAL B CA  1 
ATOM   489  C C   . VAL B 1 24 ? -9.641  -8.555  18.687  1.00 34.28 ? 23  VAL B C   1 
ATOM   490  O O   . VAL B 1 24 ? -9.435  -9.446  19.505  1.00 31.51 ? 23  VAL B O   1 
ATOM   491  C CB  . VAL B 1 24 ? -7.812  -7.485  17.272  1.00 29.50 ? 23  VAL B CB  1 
ATOM   492  C CG1 . VAL B 1 24 ? -6.990  -7.480  18.544  1.00 30.35 ? 23  VAL B CG1 1 
ATOM   493  C CG2 . VAL B 1 24 ? -6.918  -7.704  16.069  1.00 22.88 ? 23  VAL B CG2 1 
ATOM   494  N N   . ALA B 1 25 ? -10.507 -7.572  18.903  1.00 27.92 ? 24  ALA B N   1 
ATOM   495  C CA  . ALA B 1 25 ? -11.231 -7.450  20.168  1.00 32.60 ? 24  ALA B CA  1 
ATOM   496  C C   . ALA B 1 25 ? -12.178 -8.625  20.393  1.00 31.56 ? 24  ALA B C   1 
ATOM   497  O O   . ALA B 1 25 ? -12.296 -9.129  21.510  1.00 42.23 ? 24  ALA B O   1 
ATOM   498  C CB  . ALA B 1 25 ? -11.989 -6.120  20.235  1.00 30.32 ? 24  ALA B CB  1 
ATOM   499  N N   . ARG B 1 26 ? -12.838 -9.067  19.332  1.00 37.02 ? 25  ARG B N   1 
ATOM   500  C CA  . ARG B 1 26 ? -13.727 -10.221 19.404  1.00 33.62 ? 25  ARG B CA  1 
ATOM   501  C C   . ARG B 1 26 ? -12.989 -11.521 19.716  1.00 34.37 ? 25  ARG B C   1 
ATOM   502  O O   . ARG B 1 26 ? -13.425 -12.322 20.544  1.00 31.81 ? 25  ARG B O   1 
ATOM   503  C CB  . ARG B 1 26 ? -14.465 -10.383 18.083  1.00 30.64 ? 25  ARG B CB  1 
ATOM   504  C CG  . ARG B 1 26 ? -15.445 -11.510 18.085  1.00 31.39 ? 25  ARG B CG  1 
ATOM   505  C CD  . ARG B 1 26 ? -16.011 -11.694 16.713  1.00 39.08 ? 25  ARG B CD  1 
ATOM   506  N NE  . ARG B 1 26 ? -14.992 -12.088 15.753  1.00 48.71 ? 25  ARG B NE  1 
ATOM   507  C CZ  . ARG B 1 26 ? -14.486 -13.317 15.653  1.00 48.83 ? 25  ARG B CZ  1 
ATOM   508  N NH1 . ARG B 1 26 ? -14.892 -14.295 16.453  1.00 46.90 ? 25  ARG B NH1 1 
ATOM   509  N NH2 . ARG B 1 26 ? -13.572 -13.560 14.728  1.00 50.35 ? 25  ARG B NH2 1 
ATOM   510  N N   . LEU B 1 27 ? -11.870 -11.735 19.022  1.00 30.48 ? 26  LEU B N   1 
ATOM   511  C CA  . LEU B 1 27 ? -11.097 -12.955 19.189  1.00 29.86 ? 26  LEU B CA  1 
ATOM   512  C C   . LEU B 1 27 ? -10.477 -13.017 20.585  1.00 33.58 ? 26  LEU B C   1 
ATOM   513  O O   . LEU B 1 27 ? -10.319 -14.088 21.163  1.00 28.98 ? 26  LEU B O   1 
ATOM   514  C CB  . LEU B 1 27 ? -10.036 -13.059 18.094  1.00 23.38 ? 26  LEU B CB  1 
ATOM   515  C CG  . LEU B 1 27 ? -10.533 -13.448 16.698  1.00 34.19 ? 26  LEU B CG  1 
ATOM   516  C CD1 . LEU B 1 27 ? -9.479  -13.172 15.647  1.00 24.01 ? 26  LEU B CD1 1 
ATOM   517  C CD2 . LEU B 1 27 ? -10.915 -14.913 16.668  1.00 27.26 ? 26  LEU B CD2 1 
ATOM   518  N N   . LYS B 1 28 ? -10.163 -11.844 21.135  1.00 32.37 ? 27  LYS B N   1 
ATOM   519  C CA  . LYS B 1 28 ? -9.634  -11.747 22.489  1.00 33.69 ? 27  LYS B CA  1 
ATOM   520  C C   . LYS B 1 28 ? -10.679 -12.063 23.564  1.00 41.08 ? 27  LYS B C   1 
ATOM   521  O O   . LYS B 1 28 ? -10.338 -12.598 24.620  1.00 45.40 ? 27  LYS B O   1 
ATOM   522  C CB  . LYS B 1 28 ? -8.999  -10.374 22.704  1.00 30.56 ? 27  LYS B CB  1 
ATOM   523  C CG  . LYS B 1 28 ? -7.621  -10.308 22.077  1.00 38.85 ? 27  LYS B CG  1 
ATOM   524  C CD  . LYS B 1 28 ? -7.137  -8.906  21.759  1.00 34.17 ? 27  LYS B CD  1 
ATOM   525  C CE  . LYS B 1 28 ? -6.638  -8.108  22.945  1.00 38.58 ? 27  LYS B CE  1 
ATOM   526  N NZ  . LYS B 1 28 ? -5.770  -7.031  22.375  1.00 38.88 ? 27  LYS B NZ  1 
ATOM   527  N N   . LYS B 1 29 ? -11.934 -11.747 23.281  1.00 37.26 ? 28  LYS B N   1 
ATOM   528  C CA  . LYS B 1 29 ? -13.048 -12.089 24.167  1.00 45.60 ? 28  LYS B CA  1 
ATOM   529  C C   . LYS B 1 29 ? -13.252 -13.598 24.186  1.00 43.82 ? 28  LYS B C   1 
ATOM   530  O O   . LYS B 1 29 ? -13.539 -14.193 25.233  1.00 46.49 ? 28  LYS B O   1 
ATOM   531  C CB  . LYS B 1 29 ? -14.334 -11.422 23.682  1.00 49.29 ? 28  LYS B CB  1 
ATOM   532  C CG  . LYS B 1 29 ? -14.447 -9.946  24.003  1.00 56.11 ? 28  LYS B CG  1 
ATOM   533  C CD  . LYS B 1 29 ? -15.624 -9.353  23.251  1.00 58.13 ? 28  LYS B CD  1 
ATOM   534  C CE  . LYS B 1 29 ? -15.428 -7.878  22.956  1.00 57.18 ? 28  LYS B CE  1 
ATOM   535  N NZ  . LYS B 1 29 ? -16.070 -7.507  21.657  1.00 50.35 ? 28  LYS B NZ  1 
ATOM   536  N N   . LEU B 1 30 ? -13.100 -14.188 23.010  1.00 47.57 ? 29  LEU B N   1 
ATOM   537  C CA  . LEU B 1 30 ? -13.282 -15.612 22.768  1.00 49.09 ? 29  LEU B CA  1 
ATOM   538  C C   . LEU B 1 30 ? -12.192 -16.446 23.420  1.00 44.22 ? 29  LEU B C   1 
ATOM   539  O O   . LEU B 1 30 ? -12.438 -17.544 23.920  1.00 58.01 ? 29  LEU B O   1 
ATOM   540  C CB  . LEU B 1 30 ? -13.231 -15.855 21.268  1.00 45.00 ? 29  LEU B CB  1 
ATOM   541  C CG  . LEU B 1 30 ? -14.202 -16.871 20.700  1.00 43.25 ? 29  LEU B CG  1 
ATOM   542  C CD1 . LEU B 1 30 ? -15.538 -16.750 21.379  1.00 48.35 ? 29  LEU B CD1 1 
ATOM   543  C CD2 . LEU B 1 30 ? -14.348 -16.543 19.256  1.00 47.21 ? 29  LEU B CD2 1 
ATOM   544  N N   . VAL B 1 31 ? -10.977 -15.914 23.372  1.00 47.81 ? 30  VAL B N   1 
ATOM   545  C CA  . VAL B 1 31 ? -9.806  -16.591 23.900  1.00 55.35 ? 30  VAL B CA  1 
ATOM   546  C C   . VAL B 1 31 ? -9.918  -16.640 25.416  1.00 52.85 ? 30  VAL B C   1 
ATOM   547  O O   . VAL B 1 31 ? -9.517  -17.614 26.050  1.00 55.11 ? 30  VAL B O   1 
ATOM   548  C CB  . VAL B 1 31 ? -8.512  -15.887 23.420  1.00 48.19 ? 30  VAL B CB  1 
ATOM   549  C CG1 . VAL B 1 31 ? -7.540  -15.641 24.564  1.00 50.23 ? 30  VAL B CG1 1 
ATOM   550  C CG2 . VAL B 1 31 ? -7.869  -16.685 22.303  1.00 42.87 ? 30  VAL B CG2 1 
ATOM   551  N N   . GLY B 1 32 ? -10.515 -15.600 25.990  1.00 64.14 ? 31  GLY B N   1 
ATOM   552  C CA  . GLY B 1 32 ? -10.726 -15.536 27.421  1.00 58.09 ? 31  GLY B CA  1 
HETATM 553  C C   . ACE C 1 1  ? 8.996   -14.497 7.509   1.00 50.92 ? 0   ACE C C   1 
HETATM 554  O O   . ACE C 1 1  ? 9.430   -13.409 7.128   1.00 43.32 ? 0   ACE C O   1 
HETATM 555  C CH3 . ACE C 1 1  ? 9.189   -14.953 8.940   1.00 37.01 ? 0   ACE C CH3 1 
ATOM   556  N N   . ARG C 1 2  ? 8.337   -15.327 6.710   1.00 45.34 ? 1   ARG C N   1 
ATOM   557  C CA  . ARG C 1 2  ? 8.101   -15.002 5.311   1.00 43.96 ? 1   ARG C CA  1 
ATOM   558  C C   . ARG C 1 2  ? 7.004   -13.958 5.124   1.00 42.85 ? 1   ARG C C   1 
ATOM   559  O O   . ARG C 1 2  ? 7.054   -13.156 4.189   1.00 31.18 ? 1   ARG C O   1 
ATOM   560  C CB  . ARG C 1 2  ? 7.754   -16.260 4.524   1.00 39.25 ? 1   ARG C CB  1 
ATOM   561  C CG  . ARG C 1 2  ? 8.963   -17.075 4.124   1.00 44.88 ? 1   ARG C CG  1 
ATOM   562  C CD  . ARG C 1 2  ? 8.686   -17.840 2.849   1.00 44.31 ? 1   ARG C CD  1 
ATOM   563  N NE  . ARG C 1 2  ? 7.612   -18.807 3.041   1.00 47.87 ? 1   ARG C NE  1 
ATOM   564  C CZ  . ARG C 1 2  ? 6.808   -19.242 2.077   1.00 48.13 ? 1   ARG C CZ  1 
ATOM   565  N NH1 . ARG C 1 2  ? 5.861   -20.127 2.359   1.00 41.83 ? 1   ARG C NH1 1 
ATOM   566  N NH2 . ARG C 1 2  ? 6.940   -18.786 0.837   1.00 40.26 ? 1   ARG C NH2 1 
HETATM 567  N N   . NLE C 1 3  ? 6.017   -13.968 6.017   1.00 32.41 ? 2   NLE C N   1 
HETATM 568  C CA  . NLE C 1 3  ? 4.883   -13.063 5.893   1.00 33.12 ? 2   NLE C CA  1 
HETATM 569  C C   . NLE C 1 3  ? 5.263   -11.613 6.157   1.00 37.59 ? 2   NLE C C   1 
HETATM 570  O O   . NLE C 1 3  ? 4.911   -10.726 5.380   1.00 36.43 ? 2   NLE C O   1 
HETATM 571  C CB  . NLE C 1 3  ? 3.734   -13.486 6.799   1.00 31.92 ? 2   NLE C CB  1 
HETATM 572  C CG  . NLE C 1 3  ? 2.420   -12.832 6.420   1.00 40.81 ? 2   NLE C CG  1 
HETATM 573  C CD  . NLE C 1 3  ? 1.286   -13.843 6.302   1.00 35.85 ? 2   NLE C CD  1 
HETATM 574  C CE  . NLE C 1 3  ? 1.776   -15.279 6.162   1.00 40.39 ? 2   NLE C CE  1 
ATOM   575  N N   . LYS C 1 4  ? 5.982   -11.371 7.255   1.00 34.43 ? 3   LYS C N   1 
ATOM   576  C CA  . LYS C 1 4  ? 6.541   -10.046 7.511   1.00 30.95 ? 3   LYS C CA  1 
ATOM   577  C C   . LYS C 1 4  ? 7.507   -9.567  6.426   1.00 37.06 ? 3   LYS C C   1 
ATOM   578  O O   . LYS C 1 4  ? 7.601   -8.368  6.192   1.00 44.04 ? 3   LYS C O   1 
ATOM   579  C CB  . LYS C 1 4  ? 7.212   -9.965  8.883   1.00 31.91 ? 3   LYS C CB  1 
ATOM   580  C CG  . LYS C 1 4  ? 6.246   -9.734  10.032  1.00 40.43 ? 3   LYS C CG  1 
ATOM   581  C CD  . LYS C 1 4  ? 5.267   -8.581  9.756   1.00 58.02 ? 3   LYS C CD  1 
ATOM   582  C CE  . LYS C 1 4  ? 5.913   -7.187  9.679   1.00 62.18 ? 3   LYS C CE  1 
ATOM   583  N NZ  . LYS C 1 4  ? 4.938   -6.115  9.266   1.00 52.54 ? 3   LYS C NZ  1 
ATOM   584  N N   . GLN C 1 5  ? 8.215   -10.478 5.764   1.00 35.24 ? 4   GLN C N   1 
ATOM   585  C CA  . GLN C 1 5  ? 9.124   -10.083 4.687   1.00 38.33 ? 4   GLN C CA  1 
ATOM   586  C C   . GLN C 1 5  ? 8.354   -9.601  3.460   1.00 34.52 ? 4   GLN C C   1 
ATOM   587  O O   . GLN C 1 5  ? 8.700   -8.595  2.844   1.00 34.22 ? 4   GLN C O   1 
ATOM   588  C CB  . GLN C 1 5  ? 10.054  -11.240 4.298   1.00 35.48 ? 4   GLN C CB  1 
ATOM   589  C CG  . GLN C 1 5  ? 11.353  -11.254 5.063   1.00 59.79 ? 4   GLN C CG  1 
ATOM   590  C CD  . GLN C 1 5  ? 12.332  -10.261 4.499   1.00 84.00 ? 4   GLN C CD  1 
ATOM   591  O OE1 . GLN C 1 5  ? 12.934  -10.502 3.454   1.00 97.68 ? 4   GLN C OE1 1 
ATOM   592  N NE2 . GLN C 1 5  ? 12.484  -9.126  5.172   1.00 83.84 ? 4   GLN C NE2 1 
ATOM   593  N N   . LEU C 1 6  ? 7.307   -10.346 3.114   1.00 32.87 ? 5   LEU C N   1 
ATOM   594  C CA  . LEU C 1 6  ? 6.452   -10.009 1.991   1.00 26.95 ? 5   LEU C CA  1 
ATOM   595  C C   . LEU C 1 6  ? 5.662   -8.730  2.258   1.00 27.29 ? 5   LEU C C   1 
ATOM   596  O O   . LEU C 1 6  ? 5.500   -7.902  1.359   1.00 29.94 ? 5   LEU C O   1 
ATOM   597  C CB  . LEU C 1 6  ? 5.509   -11.173 1.691   1.00 26.45 ? 5   LEU C CB  1 
ATOM   598  C CG  . LEU C 1 6  ? 6.129   -12.345 0.919   1.00 35.94 ? 5   LEU C CG  1 
ATOM   599  C CD1 . LEU C 1 6  ? 5.243   -13.549 1.022   1.00 24.67 ? 5   LEU C CD1 1 
ATOM   600  C CD2 . LEU C 1 6  ? 6.352   -12.007 -0.544  1.00 33.60 ? 5   LEU C CD2 1 
ATOM   601  N N   . GLU C 1 7  ? 5.175   -8.571  3.482   1.00 22.84 ? 6   GLU C N   1 
ATOM   602  C CA  . GLU C 1 7  ? 4.430   -7.370  3.851   1.00 30.27 ? 6   GLU C CA  1 
ATOM   603  C C   . GLU C 1 7  ? 5.340   -6.180  3.732   1.00 24.49 ? 6   GLU C C   1 
ATOM   604  O O   . GLU C 1 7  ? 4.921   -5.088  3.348   1.00 34.36 ? 6   GLU C O   1 
ATOM   605  C CB  . GLU C 1 7  ? 3.898   -7.468  5.276   1.00 20.78 ? 6   GLU C CB  1 
ATOM   606  C CG  . GLU C 1 7  ? 2.626   -8.280  5.371   1.00 32.36 ? 6   GLU C CG  1 
ATOM   607  C CD  . GLU C 1 7  ? 2.378   -8.793  6.765   1.00 32.65 ? 6   GLU C CD  1 
ATOM   608  O OE1 . GLU C 1 7  ? 3.221   -8.509  7.631   1.00 29.06 ? 6   GLU C OE1 1 
ATOM   609  O OE2 . GLU C 1 7  ? 1.352   -9.472  6.993   1.00 29.96 ? 6   GLU C OE2 1 
HETATM 610  N N   . UU5 C 1 8  ? 6.598   -6.415  4.061   1.00 22.37 ? 7   UU5 C N   1 
HETATM 611  C CA  . UU5 C 1 8  ? 7.620   -5.386  3.989   1.00 31.81 ? 7   UU5 C CA  1 
HETATM 612  C C   . UU5 C 1 8  ? 8.028   -5.047  2.528   1.00 31.69 ? 7   UU5 C C   1 
HETATM 613  O O   . UU5 C 1 8  ? 8.358   -3.876  2.244   1.00 32.62 ? 7   UU5 C O   1 
HETATM 614  C CB  . UU5 C 1 8  ? 8.771   -5.767  4.922   1.00 39.99 ? 7   UU5 C CB  1 
HETATM 615  C CG  . UU5 C 1 8  ? 9.683   -4.610  5.271   1.00 59.01 ? 7   UU5 C CG  1 
HETATM 616  N ND  . UU5 C 1 8  ? 10.322  -3.918  4.165   1.00 69.80 ? 7   UU5 C ND  1 
HETATM 617  C CE  . UU5 C 1 8  ? 11.514  -4.260  3.697   1.00 68.72 ? 7   UU5 C CE  1 
HETATM 618  C CF  . UU5 C 1 8  ? 11.952  -3.377  2.538   1.00 68.11 ? 7   UU5 C CF  1 
HETATM 619  O OE  . UU5 C 1 8  ? 12.199  -5.185  4.132   1.00 72.66 ? 7   UU5 C OE  1 
ATOM   620  N N   . LYS C 1 9  ? 7.981   -6.030  1.631   1.00 24.62 ? 8   LYS C N   1 
ATOM   621  C CA  . LYS C 1 9  ? 8.253   -5.775  0.219   1.00 31.94 ? 8   LYS C CA  1 
ATOM   622  C C   . LYS C 1 9  ? 7.107   -5.007  -0.412  1.00 26.19 ? 8   LYS C C   1 
ATOM   623  O O   . LYS C 1 9  ? 7.323   -4.137  -1.238  1.00 32.63 ? 8   LYS C O   1 
ATOM   624  C CB  . LYS C 1 9  ? 8.514   -7.065  -0.567  1.00 28.29 ? 8   LYS C CB  1 
ATOM   625  C CG  . LYS C 1 9  ? 8.872   -6.816  -2.029  1.00 41.98 ? 8   LYS C CG  1 
ATOM   626  C CD  . LYS C 1 9  ? 9.766   -7.948  -2.544  1.00 61.49 ? 8   LYS C CD  1 
ATOM   627  C CE  . LYS C 1 9  ? 10.667  -7.535  -3.726  1.00 63.63 ? 8   LYS C CE  1 
ATOM   628  N NZ  . LYS C 1 9  ? 10.334  -8.102  -5.082  1.00 60.47 ? 8   LYS C NZ  1 
ATOM   629  N N   . VAL C 1 10 ? 5.881   -5.331  -0.001  1.00 29.19 ? 9   VAL C N   1 
ATOM   630  C CA  . VAL C 1 10 ? 4.703   -4.594  -0.445  1.00 23.44 ? 9   VAL C CA  1 
ATOM   631  C C   . VAL C 1 10 ? 4.765   -3.111  -0.052  1.00 27.68 ? 9   VAL C C   1 
ATOM   632  O O   . VAL C 1 10 ? 4.464   -2.233  -0.861  1.00 29.90 ? 9   VAL C O   1 
ATOM   633  C CB  . VAL C 1 10 ? 3.426   -5.238  0.100   1.00 18.60 ? 9   VAL C CB  1 
ATOM   634  C CG1 . VAL C 1 10 ? 2.216   -4.349  -0.153  1.00 22.72 ? 9   VAL C CG1 1 
ATOM   635  C CG2 . VAL C 1 10 ? 3.231   -6.603  -0.525  1.00 19.85 ? 9   VAL C CG2 1 
ATOM   636  N N   . GLU C 1 11 ? 5.179   -2.832  1.179   1.00 25.68 ? 10  GLU C N   1 
ATOM   637  C CA  . GLU C 1 11 ? 5.276   -1.454  1.655   1.00 34.41 ? 10  GLU C CA  1 
ATOM   638  C C   . GLU C 1 11 ? 6.362   -0.675  0.900   1.00 26.48 ? 10  GLU C C   1 
ATOM   639  O O   . GLU C 1 11 ? 6.171   0.479   0.520   1.00 23.13 ? 10  GLU C O   1 
ATOM   640  C CB  . GLU C 1 11 ? 5.538   -1.432  3.167   1.00 37.03 ? 10  GLU C CB  1 
ATOM   641  C CG  . GLU C 1 11 ? 4.434   -2.086  4.010   1.00 48.49 ? 10  GLU C CG  1 
ATOM   642  C CD  . GLU C 1 11 ? 4.915   -2.523  5.392   1.00 46.41 ? 10  GLU C CD  1 
ATOM   643  O OE1 . GLU C 1 11 ? 6.127   -2.412  5.675   1.00 60.46 ? 10  GLU C OE1 1 
ATOM   644  O OE2 . GLU C 1 11 ? 4.080   -2.987  6.196   1.00 52.10 ? 10  GLU C OE2 1 
HETATM 645  N N   . 19W C 1 12 ? 7.496   -1.330  0.684   1.00 28.70 ? 11  19W C N   1 
HETATM 646  C CA  . 19W C 1 12 ? 8.643   -0.758  -0.036  1.00 35.74 ? 11  19W C CA  1 
HETATM 647  C C   . 19W C 1 12 ? 8.237   -0.460  -1.500  1.00 35.02 ? 11  19W C C   1 
HETATM 648  O O   . 19W C 1 12 ? 8.545   0.655   -1.973  1.00 28.72 ? 11  19W C O   1 
HETATM 649  C CB  . 19W C 1 12 ? 9.742   -1.820  0.006   1.00 39.94 ? 11  19W C CB  1 
HETATM 650  C CG  . 19W C 1 12 ? 10.974  -1.415  -0.811  1.00 51.05 ? 11  19W C CG  1 
HETATM 651  C CD  . 19W C 1 12 ? 12.066  -2.506  -0.773  1.00 55.02 ? 11  19W C CD  1 
HETATM 652  O OE  . 19W C 1 12 ? 12.585  -2.750  0.542   1.00 81.05 ? 11  19W C OE  1 
HETATM 653  N NZ  . 19W C 1 12 ? 12.208  -3.849  1.376   1.00 67.05 ? 11  19W C NZ  1 
ATOM   654  N N   . LEU C 1 13 ? 7.582   -1.393  -2.190  1.00 23.64 ? 12  LEU C N   1 
ATOM   655  C CA  . LEU C 1 13 ? 7.158   -1.156  -3.572  1.00 27.68 ? 12  LEU C CA  1 
ATOM   656  C C   . LEU C 1 13 ? 6.066   -0.097  -3.722  1.00 27.03 ? 12  LEU C C   1 
ATOM   657  O O   . LEU C 1 13 ? 6.079   0.669   -4.685  1.00 22.38 ? 12  LEU C O   1 
ATOM   658  C CB  . LEU C 1 13 ? 6.711   -2.455  -4.246  1.00 26.88 ? 12  LEU C CB  1 
ATOM   659  C CG  . LEU C 1 13 ? 7.834   -3.330  -4.793  1.00 34.95 ? 12  LEU C CG  1 
ATOM   660  C CD1 . LEU C 1 13 ? 7.274   -4.572  -5.451  1.00 27.56 ? 12  LEU C CD1 1 
ATOM   661  C CD2 . LEU C 1 13 ? 8.659   -2.540  -5.783  1.00 30.52 ? 12  LEU C CD2 1 
ATOM   662  N N   . LEU C 1 14 ? 5.119   -0.066  -2.779  1.00 31.49 ? 13  LEU C N   1 
ATOM   663  C CA  . LEU C 1 14 ? 4.067   0.954   -2.776  1.00 20.02 ? 13  LEU C CA  1 
ATOM   664  C C   . LEU C 1 14 ? 4.698   2.341   -2.677  1.00 22.28 ? 13  LEU C C   1 
ATOM   665  O O   . LEU C 1 14 ? 4.281   3.282   -3.354  1.00 26.96 ? 13  LEU C O   1 
ATOM   666  C CB  . LEU C 1 14 ? 3.096   0.739   -1.610  1.00 31.79 ? 13  LEU C CB  1 
ATOM   667  C CG  . LEU C 1 14 ? 1.911   1.711   -1.575  1.00 31.02 ? 13  LEU C CG  1 
ATOM   668  C CD1 . LEU C 1 14 ? 0.958   1.363   -2.714  1.00 33.59 ? 13  LEU C CD1 1 
ATOM   669  C CD2 . LEU C 1 14 ? 1.180   1.759   -0.212  1.00 29.65 ? 13  LEU C CD2 1 
ATOM   670  N N   . SER C 1 15 ? 5.723   2.448   -1.838  1.00 25.95 ? 14  SER C N   1 
ATOM   671  C CA  . SER C 1 15 ? 6.444   3.702   -1.630  1.00 22.33 ? 14  SER C CA  1 
ATOM   672  C C   . SER C 1 15 ? 7.202   4.145   -2.883  1.00 32.53 ? 14  SER C C   1 
ATOM   673  O O   . SER C 1 15 ? 7.183   5.320   -3.247  1.00 38.00 ? 14  SER C O   1 
ATOM   674  C CB  . SER C 1 15 ? 7.413   3.561   -0.455  1.00 29.25 ? 14  SER C CB  1 
ATOM   675  O OG  . SER C 1 15 ? 8.320   4.649   -0.385  1.00 41.36 ? 14  SER C OG  1 
ATOM   676  N N   . LYS C 1 16 ? 7.878   3.190   -3.527  1.00 29.77 ? 15  LYS C N   1 
ATOM   677  C CA  . LYS C 1 16 ? 8.573   3.429   -4.792  1.00 26.62 ? 15  LYS C CA  1 
ATOM   678  C C   . LYS C 1 16 ? 7.568   3.911   -5.832  1.00 21.66 ? 15  LYS C C   1 
ATOM   679  O O   . LYS C 1 16 ? 7.870   4.793   -6.634  1.00 27.63 ? 15  LYS C O   1 
ATOM   680  C CB  . LYS C 1 16 ? 9.216   2.147   -5.338  1.00 30.61 ? 15  LYS C CB  1 
ATOM   681  C CG  . LYS C 1 16 ? 10.209  1.418   -4.436  1.00 48.48 ? 15  LYS C CG  1 
ATOM   682  C CD  . LYS C 1 16 ? 11.530  1.107   -5.142  1.00 53.72 ? 15  LYS C CD  1 
ATOM   683  C CE  . LYS C 1 16 ? 12.303  0.043   -4.356  1.00 48.61 ? 15  LYS C CE  1 
ATOM   684  N NZ  . LYS C 1 16 ? 13.361  0.449   -3.358  1.00 53.58 ? 15  LYS C NZ  1 
ATOM   685  N N   . ASN C 1 17 ? 6.392   3.299   -5.822  1.00 29.16 ? 16  ASN C N   1 
ATOM   686  C CA  A ASN C 1 17 ? 5.375   3.599   -6.829  0.67 26.43 ? 16  ASN C CA  1 
ATOM   687  C CA  B ASN C 1 17 ? 5.306   3.562   -6.774  0.33 26.61 ? 16  ASN C CA  1 
ATOM   688  C C   . ASN C 1 17 ? 4.755   4.984   -6.660  1.00 32.52 ? 16  ASN C C   1 
ATOM   689  O O   . ASN C 1 17 ? 4.493   5.663   -7.653  1.00 34.55 ? 16  ASN C O   1 
ATOM   690  C CB  A ASN C 1 17 ? 4.301   2.506   -6.908  0.67 25.79 ? 16  ASN C CB  1 
ATOM   691  C CB  B ASN C 1 17 ? 4.175   2.559   -6.523  0.33 25.66 ? 16  ASN C CB  1 
ATOM   692  C CG  A ASN C 1 17 ? 4.775   1.269   -7.674  0.67 32.15 ? 16  ASN C CG  1 
ATOM   693  C CG  B ASN C 1 17 ? 3.345   2.274   -7.758  0.33 34.19 ? 16  ASN C CG  1 
ATOM   694  O OD1 A ASN C 1 17 ? 5.971   1.022   -7.800  0.67 23.73 ? 16  ASN C OD1 1 
ATOM   695  O OD1 B ASN C 1 17 ? 3.800   1.602   -8.684  0.33 34.38 ? 16  ASN C OD1 1 
ATOM   696  N ND2 A ASN C 1 17 ? 3.832   0.494   -8.190  0.67 29.21 ? 16  ASN C ND2 1 
ATOM   697  N ND2 B ASN C 1 17 ? 2.108   2.754   -7.762  0.33 28.12 ? 16  ASN C ND2 1 
ATOM   698  N N   . TYR C 1 18 ? 4.551   5.416   -5.417  1.00 25.93 ? 17  TYR C N   1 
ATOM   699  C CA  . TYR C 1 18 ? 4.032   6.753   -5.170  1.00 24.74 ? 17  TYR C CA  1 
ATOM   700  C C   . TYR C 1 18 ? 5.080   7.771   -5.587  1.00 27.31 ? 17  TYR C C   1 
ATOM   701  O O   . TYR C 1 18 ? 4.750   8.827   -6.116  1.00 27.83 ? 17  TYR C O   1 
ATOM   702  C CB  . TYR C 1 18 ? 3.653   6.942   -3.697  1.00 27.37 ? 17  TYR C CB  1 
ATOM   703  C CG  . TYR C 1 18 ? 2.262   6.455   -3.341  1.00 34.00 ? 17  TYR C CG  1 
ATOM   704  C CD1 . TYR C 1 18 ? 1.279   6.336   -4.309  1.00 27.71 ? 17  TYR C CD1 1 
ATOM   705  C CD2 . TYR C 1 18 ? 1.929   6.126   -2.028  1.00 41.15 ? 17  TYR C CD2 1 
ATOM   706  C CE1 . TYR C 1 18 ? 0.005   5.897   -3.990  1.00 24.87 ? 17  TYR C CE1 1 
ATOM   707  C CE2 . TYR C 1 18 ? 0.651   5.688   -1.701  1.00 27.97 ? 17  TYR C CE2 1 
ATOM   708  C CZ  . TYR C 1 18 ? -0.303  5.577   -2.686  1.00 28.73 ? 17  TYR C CZ  1 
ATOM   709  O OH  . TYR C 1 18 ? -1.570  5.140   -2.370  1.00 38.27 ? 17  TYR C OH  1 
ATOM   710  N N   . HIS C 1 19 ? 6.346   7.447   -5.360  1.00 24.39 ? 18  HIS C N   1 
ATOM   711  C CA  . HIS C 1 19 ? 7.424   8.316   -5.820  1.00 32.21 ? 18  HIS C CA  1 
ATOM   712  C C   . HIS C 1 19 ? 7.479   8.406   -7.351  1.00 31.04 ? 18  HIS C C   1 
ATOM   713  O O   . HIS C 1 19 ? 7.748   9.469   -7.903  1.00 31.48 ? 18  HIS C O   1 
ATOM   714  C CB  . HIS C 1 19 ? 8.780   7.864   -5.276  1.00 31.47 ? 18  HIS C CB  1 
ATOM   715  C CG  . HIS C 1 19 ? 9.942   8.486   -5.987  1.00 27.05 ? 18  HIS C CG  1 
ATOM   716  N ND1 . HIS C 1 19 ? 10.187  9.840   -5.971  1.00 30.21 ? 18  HIS C ND1 1 
ATOM   717  C CD2 . HIS C 1 19 ? 10.907  7.934   -6.760  1.00 38.74 ? 18  HIS C CD2 1 
ATOM   718  C CE1 . HIS C 1 19 ? 11.266  10.099  -6.696  1.00 43.17 ? 18  HIS C CE1 1 
ATOM   719  N NE2 . HIS C 1 19 ? 11.719  8.958   -7.183  1.00 35.51 ? 18  HIS C NE2 1 
ATOM   720  N N   . LEU C 1 20 ? 7.221   7.295   -8.038  1.00 28.38 ? 19  LEU C N   1 
ATOM   721  C CA  . LEU C 1 20 ? 7.234   7.315   -9.498  1.00 25.17 ? 19  LEU C CA  1 
ATOM   722  C C   . LEU C 1 20 ? 6.016   8.032   -10.068 1.00 26.79 ? 19  LEU C C   1 
ATOM   723  O O   . LEU C 1 20 ? 6.099   8.655   -11.122 1.00 25.07 ? 19  LEU C O   1 
ATOM   724  C CB  . LEU C 1 20 ? 7.343   5.904   -10.083 1.00 20.12 ? 19  LEU C CB  1 
ATOM   725  C CG  . LEU C 1 20 ? 8.730   5.269   -9.973  1.00 26.44 ? 19  LEU C CG  1 
ATOM   726  C CD1 . LEU C 1 20 ? 8.734   3.829   -10.491 1.00 29.62 ? 19  LEU C CD1 1 
ATOM   727  C CD2 . LEU C 1 20 ? 9.789   6.116   -10.693 1.00 25.57 ? 19  LEU C CD2 1 
ATOM   728  N N   . GLU C 1 21 ? 4.888   7.946   -9.365  1.00 23.03 ? 20  GLU C N   1 
ATOM   729  C CA  . GLU C 1 21 ? 3.687   8.667   -9.772  1.00 25.83 ? 20  GLU C CA  1 
ATOM   730  C C   . GLU C 1 21 ? 3.912   10.167  -9.651  1.00 28.14 ? 20  GLU C C   1 
ATOM   731  O O   . GLU C 1 21 ? 3.435   10.944  -10.471 1.00 40.44 ? 20  GLU C O   1 
ATOM   732  C CB  . GLU C 1 21 ? 2.487   8.246   -8.928  1.00 29.04 ? 20  GLU C CB  1 
ATOM   733  C CG  . GLU C 1 21 ? 1.857   6.916   -9.353  1.00 40.07 ? 20  GLU C CG  1 
ATOM   734  C CD  . GLU C 1 21 ? 1.061   6.265   -8.230  1.00 55.34 ? 20  GLU C CD  1 
ATOM   735  O OE1 . GLU C 1 21 ? 1.074   5.016   -8.122  1.00 56.21 ? 20  GLU C OE1 1 
ATOM   736  O OE2 . GLU C 1 21 ? 0.458   7.008   -7.428  1.00 53.87 ? 20  GLU C OE2 1 
ATOM   737  N N   . ASN C 1 22 ? 4.658   10.562  -8.621  1.00 29.01 ? 21  ASN C N   1 
ATOM   738  C CA  . ASN C 1 22 ? 5.020   11.959  -8.406  1.00 26.06 ? 21  ASN C CA  1 
ATOM   739  C C   . ASN C 1 22 ? 5.985   12.503  -9.471  1.00 31.11 ? 21  ASN C C   1 
ATOM   740  O O   . ASN C 1 22 ? 5.874   13.660  -9.877  1.00 33.36 ? 21  ASN C O   1 
ATOM   741  C CB  . ASN C 1 22 ? 5.619   12.169  -7.004  1.00 20.33 ? 21  ASN C CB  1 
ATOM   742  C CG  . ASN C 1 22 ? 4.655   11.800  -5.869  1.00 31.59 ? 21  ASN C CG  1 
ATOM   743  O OD1 . ASN C 1 22 ? 5.076   11.565  -4.738  1.00 33.05 ? 21  ASN C OD1 1 
ATOM   744  N ND2 . ASN C 1 22 ? 3.369   11.742  -6.170  1.00 25.16 ? 21  ASN C ND2 1 
ATOM   745  N N   . GLU C 1 23 ? 6.934   11.671  -9.902  1.00 28.02 ? 22  GLU C N   1 
ATOM   746  C CA  . GLU C 1 23 ? 7.867   12.028  -10.968 1.00 30.01 ? 22  GLU C CA  1 
ATOM   747  C C   . GLU C 1 23 ? 7.149   12.238  -12.307 1.00 27.42 ? 22  GLU C C   1 
ATOM   748  O O   . GLU C 1 23 ? 7.372   13.235  -12.988 1.00 31.61 ? 22  GLU C O   1 
ATOM   749  C CB  . GLU C 1 23 ? 8.964   10.960  -11.110 1.00 29.56 ? 22  GLU C CB  1 
ATOM   750  C CG  . GLU C 1 23 ? 10.070  11.077  -10.084 1.00 48.55 ? 22  GLU C CG  1 
ATOM   751  C CD  . GLU C 1 23 ? 10.811  12.395  -10.187 1.00 58.26 ? 22  GLU C CD  1 
ATOM   752  O OE1 . GLU C 1 23 ? 10.954  12.919  -11.315 1.00 60.40 ? 22  GLU C OE1 1 
ATOM   753  O OE2 . GLU C 1 23 ? 11.273  12.901  -9.142  1.00 58.63 ? 22  GLU C OE2 1 
ATOM   754  N N   . VAL C 1 24 ? 6.281   11.295  -12.665 1.00 29.29 ? 23  VAL C N   1 
ATOM   755  C CA  . VAL C 1 24 ? 5.477   11.406  -13.875 1.00 26.23 ? 23  VAL C CA  1 
ATOM   756  C C   . VAL C 1 24 ? 4.650   12.700  -13.908 1.00 32.46 ? 23  VAL C C   1 
ATOM   757  O O   . VAL C 1 24 ? 4.629   13.401  -14.918 1.00 30.88 ? 23  VAL C O   1 
ATOM   758  C CB  . VAL C 1 24 ? 4.547   10.180  -14.034 1.00 30.67 ? 23  VAL C CB  1 
ATOM   759  C CG1 . VAL C 1 24 ? 3.438   10.461  -15.042 1.00 27.79 ? 23  VAL C CG1 1 
ATOM   760  C CG2 . VAL C 1 24 ? 5.353   8.948   -14.422 1.00 23.48 ? 23  VAL C CG2 1 
ATOM   761  N N   . ALA C 1 25 ? 3.979   13.016  -12.804 1.00 27.53 ? 24  ALA C N   1 
ATOM   762  C CA  . ALA C 1 25 ? 3.145   14.214  -12.747 1.00 28.39 ? 24  ALA C CA  1 
ATOM   763  C C   . ALA C 1 25 ? 3.991   15.476  -12.906 1.00 29.55 ? 24  ALA C C   1 
ATOM   764  O O   . ALA C 1 25 ? 3.578   16.424  -13.578 1.00 40.49 ? 24  ALA C O   1 
ATOM   765  C CB  . ALA C 1 25 ? 2.343   14.258  -11.446 1.00 31.52 ? 24  ALA C CB  1 
ATOM   766  N N   . ARG C 1 26 ? 5.174   15.470  -12.302 1.00 33.30 ? 25  ARG C N   1 
ATOM   767  C CA  . ARG C 1 26 ? 6.122   16.585  -12.400 1.00 29.37 ? 25  ARG C CA  1 
ATOM   768  C C   . ARG C 1 26 ? 6.624   16.771  -13.821 1.00 33.77 ? 25  ARG C C   1 
ATOM   769  O O   . ARG C 1 26 ? 6.740   17.895  -14.310 1.00 28.51 ? 25  ARG C O   1 
ATOM   770  C CB  . ARG C 1 26 ? 7.329   16.336  -11.504 1.00 32.93 ? 25  ARG C CB  1 
ATOM   771  C CG  . ARG C 1 26 ? 8.246   17.536  -11.346 1.00 36.30 ? 25  ARG C CG  1 
ATOM   772  C CD  . ARG C 1 26 ? 9.540   17.142  -10.665 1.00 40.87 ? 25  ARG C CD  1 
ATOM   773  N NE  . ARG C 1 26 ? 10.411  16.476  -11.623 1.00 51.71 ? 25  ARG C NE  1 
ATOM   774  C CZ  . ARG C 1 26 ? 11.147  17.136  -12.492 1.00 47.24 ? 25  ARG C CZ  1 
ATOM   775  N NH1 . ARG C 1 26 ? 11.917  16.494  -13.357 1.00 46.60 ? 25  ARG C NH1 1 
ATOM   776  N NH2 . ARG C 1 26 ? 11.111  18.464  -12.482 1.00 48.22 ? 25  ARG C NH2 1 
ATOM   777  N N   . LEU C 1 27 ? 6.945   15.659  -14.470 1.00 29.24 ? 26  LEU C N   1 
ATOM   778  C CA  . LEU C 1 27 ? 7.463   15.698  -15.828 1.00 26.76 ? 26  LEU C CA  1 
ATOM   779  C C   . LEU C 1 27 ? 6.379   16.132  -16.815 1.00 31.96 ? 26  LEU C C   1 
ATOM   780  O O   . LEU C 1 27 ? 6.667   16.807  -17.800 1.00 30.01 ? 26  LEU C O   1 
ATOM   781  C CB  . LEU C 1 27 ? 8.080   14.352  -16.216 1.00 22.97 ? 26  LEU C CB  1 
ATOM   782  C CG  . LEU C 1 27 ? 9.442   14.046  -15.580 1.00 30.39 ? 26  LEU C CG  1 
ATOM   783  C CD1 . LEU C 1 27 ? 9.840   12.586  -15.774 1.00 28.37 ? 26  LEU C CD1 1 
ATOM   784  C CD2 . LEU C 1 27 ? 10.515  14.966  -16.142 1.00 26.83 ? 26  LEU C CD2 1 
ATOM   785  N N   . LYS C 1 28 ? 5.132   15.764  -16.539 1.00 36.03 ? 27  LYS C N   1 
ATOM   786  C CA  . LYS C 1 28 ? 4.025   16.190  -17.389 1.00 36.50 ? 27  LYS C CA  1 
ATOM   787  C C   . LYS C 1 28 ? 3.816   17.700  -17.284 1.00 36.11 ? 27  LYS C C   1 
ATOM   788  O O   . LYS C 1 28 ? 3.472   18.349  -18.272 1.00 37.87 ? 27  LYS C O   1 
ATOM   789  C CB  . LYS C 1 28 ? 2.738   15.437  -17.044 1.00 33.17 ? 27  LYS C CB  1 
ATOM   790  C CG  . LYS C 1 28 ? 2.661   14.015  -17.586 1.00 38.21 ? 27  LYS C CG  1 
ATOM   791  C CD  . LYS C 1 28 ? 1.546   13.267  -16.889 1.00 31.07 ? 27  LYS C CD  1 
ATOM   792  C CE  . LYS C 1 28 ? 0.915   12.222  -17.779 1.00 42.04 ? 27  LYS C CE  1 
ATOM   793  N NZ  . LYS C 1 28 ? 0.174   11.244  -16.945 1.00 38.20 ? 27  LYS C NZ  1 
ATOM   794  N N   . LYS C 1 29 ? 4.025   18.247  -16.092 1.00 35.50 ? 28  LYS C N   1 
ATOM   795  C CA  . LYS C 1 29 ? 3.957   19.691  -15.887 1.00 44.55 ? 28  LYS C CA  1 
ATOM   796  C C   . LYS C 1 29 ? 5.037   20.377  -16.709 1.00 41.53 ? 28  LYS C C   1 
ATOM   797  O O   . LYS C 1 29 ? 4.808   21.438  -17.287 1.00 37.37 ? 28  LYS C O   1 
ATOM   798  C CB  . LYS C 1 29 ? 4.140   20.053  -14.412 1.00 47.41 ? 28  LYS C CB  1 
ATOM   799  C CG  . LYS C 1 29 ? 2.924   19.840  -13.539 1.00 58.99 ? 28  LYS C CG  1 
ATOM   800  C CD  . LYS C 1 29 ? 3.314   19.981  -12.084 1.00 56.11 ? 28  LYS C CD  1 
ATOM   801  C CE  . LYS C 1 29 ? 2.434   19.123  -11.212 1.00 57.31 ? 28  LYS C CE  1 
ATOM   802  N NZ  . LYS C 1 29 ? 3.207   18.600  -10.056 1.00 52.73 ? 28  LYS C NZ  1 
ATOM   803  N N   . LEU C 1 30 ? 6.215   19.767  -16.756 1.00 47.20 ? 29  LEU C N   1 
ATOM   804  C CA  . LEU C 1 30 ? 7.321   20.306  -17.533 1.00 41.61 ? 29  LEU C CA  1 
ATOM   805  C C   . LEU C 1 30 ? 7.043   20.382  -19.021 1.00 42.84 ? 29  LEU C C   1 
ATOM   806  O O   . LEU C 1 30 ? 7.476   21.315  -19.690 1.00 61.61 ? 29  LEU C O   1 
ATOM   807  C CB  . LEU C 1 30 ? 8.582   19.486  -17.314 1.00 42.68 ? 29  LEU C CB  1 
ATOM   808  C CG  . LEU C 1 30 ? 9.358   19.840  -16.062 1.00 51.16 ? 29  LEU C CG  1 
ATOM   809  C CD1 . LEU C 1 30 ? 10.501  18.872  -15.944 1.00 49.73 ? 29  LEU C CD1 1 
ATOM   810  C CD2 . LEU C 1 30 ? 9.844   21.262  -16.193 1.00 39.37 ? 29  LEU C CD2 1 
ATOM   811  N N   . VAL C 1 31 ? 6.331   19.376  -19.551 1.00 43.66 ? 30  VAL C N   1 
ATOM   812  C CA  . VAL C 1 31 ? 6.061   19.336  -20.981 1.00 56.63 ? 30  VAL C CA  1 
ATOM   813  C C   . VAL C 1 31 ? 5.118   20.462  -21.380 1.00 51.18 ? 30  VAL C C   1 
ATOM   814  O O   . VAL C 1 31 ? 5.207   21.014  -22.474 1.00 51.81 ? 30  VAL C O   1 
ATOM   815  C CB  . VAL C 1 31 ? 5.520   17.955  -21.438 1.00 49.14 ? 30  VAL C CB  1 
ATOM   816  C CG1 . VAL C 1 31 ? 5.374   17.919  -22.939 1.00 47.97 ? 30  VAL C CG1 1 
ATOM   817  C CG2 . VAL C 1 31 ? 6.463   16.847  -20.992 1.00 40.00 ? 30  VAL C CG2 1 
ATOM   818  N N   . GLY C 1 32 ? 4.218   20.821  -20.461 1.00 60.44 ? 31  GLY C N   1 
ATOM   819  C CA  . GLY C 1 32 ? 3.257   21.876  -20.695 1.00 55.86 ? 31  GLY C CA  1 
ATOM   820  C C   . GLY C 1 32 ? 3.879   23.254  -20.619 1.00 59.23 ? 31  GLY C C   1 
ATOM   821  O O   . GLY C 1 32 ? 3.372   24.204  -21.203 1.00 59.09 ? 31  GLY C O   1 
ATOM   822  N N   . GLU C 1 33 ? 5.003   23.357  -19.904 1.00 57.64 ? 32  GLU C N   1 
ATOM   823  C CA  . GLU C 1 33 ? 5.738   24.613  -19.813 1.00 56.73 ? 32  GLU C CA  1 
ATOM   824  C C   . GLU C 1 33 ? 7.100   24.528  -20.504 1.00 56.47 ? 32  GLU C C   1 
ATOM   825  O O   . GLU C 1 33 ? 7.226   24.825  -21.691 1.00 56.55 ? 32  GLU C O   1 
ATOM   826  C CB  . GLU C 1 33 ? 5.927   25.026  -18.352 1.00 59.56 ? 32  GLU C CB  1 
HETATM 827  C C   . ACE D 1 1  ? -3.173  -16.951 1.457   1.00 49.78 ? 0   ACE D C   1 
HETATM 828  O O   . ACE D 1 1  ? -3.289  -16.188 0.501   1.00 40.60 ? 0   ACE D O   1 
HETATM 829  C CH3 . ACE D 1 1  ? -3.549  -18.413 1.334   1.00 39.62 ? 0   ACE D CH3 1 
ATOM   830  N N   . ARG D 1 2  ? -2.720  -16.563 2.644   1.00 50.03 ? 1   ARG D N   1 
ATOM   831  C CA  . ARG D 1 2  ? -2.355  -15.180 2.905   1.00 44.00 ? 1   ARG D CA  1 
ATOM   832  C C   . ARG D 1 2  ? -1.022  -14.862 2.253   1.00 40.97 ? 1   ARG D C   1 
ATOM   833  O O   . ARG D 1 2  ? -0.784  -13.747 1.789   1.00 31.54 ? 1   ARG D O   1 
ATOM   834  C CB  . ARG D 1 2  ? -2.263  -14.942 4.409   1.00 39.25 ? 1   ARG D CB  1 
ATOM   835  C CG  . ARG D 1 2  ? -2.465  -13.505 4.796   1.00 48.06 ? 1   ARG D CG  1 
ATOM   836  C CD  . ARG D 1 2  ? -3.126  -13.371 6.145   1.00 43.40 ? 1   ARG D CD  1 
ATOM   837  N NE  . ARG D 1 2  ? -2.244  -13.821 7.216   1.00 43.84 ? 1   ARG D NE  1 
ATOM   838  C CZ  . ARG D 1 2  ? -1.460  -13.015 7.921   1.00 45.59 ? 1   ARG D CZ  1 
ATOM   839  N NH1 . ARG D 1 2  ? -1.447  -11.710 7.672   1.00 41.51 ? 1   ARG D NH1 1 
ATOM   840  N NH2 . ARG D 1 2  ? -0.687  -13.515 8.876   1.00 37.24 ? 1   ARG D NH2 1 
HETATM 841  N N   . NLE D 1 3  ? -0.144  -15.852 2.222   1.00 34.63 ? 2   NLE D N   1 
HETATM 842  C CA  . NLE D 1 3  ? 1.167   -15.639 1.645   1.00 39.16 ? 2   NLE D CA  1 
HETATM 843  C C   . NLE D 1 3  ? 1.046   -15.573 0.127   1.00 38.82 ? 2   NLE D C   1 
HETATM 844  O O   . NLE D 1 3  ? 1.738   -14.776 -0.517  1.00 36.65 ? 2   NLE D O   1 
HETATM 845  C CB  . NLE D 1 3  ? 2.128   -16.734 2.078   1.00 34.64 ? 2   NLE D CB  1 
HETATM 846  C CG  . NLE D 1 3  ? 3.532   -16.228 2.199   1.00 44.99 ? 2   NLE D CG  1 
HETATM 847  C CD  . NLE D 1 3  ? 4.010   -16.265 3.620   1.00 38.57 ? 2   NLE D CD  1 
HETATM 848  C CE  . NLE D 1 3  ? 4.540   -17.632 3.942   1.00 44.36 ? 2   NLE D CE  1 
ATOM   849  N N   . LYS D 1 4  ? 0.163   -16.384 -0.430  1.00 29.89 ? 3   LYS D N   1 
ATOM   850  C CA  . LYS D 1 4  ? -0.119  -16.358 -1.861  1.00 30.57 ? 3   LYS D CA  1 
ATOM   851  C C   . LYS D 1 4  ? -0.646  -15.015 -2.367  1.00 39.78 ? 3   LYS D C   1 
ATOM   852  O O   . LYS D 1 4  ? -0.201  -14.530 -3.403  1.00 40.59 ? 3   LYS D O   1 
ATOM   853  C CB  . LYS D 1 4  ? -1.064  -17.506 -2.265  1.00 29.78 ? 3   LYS D CB  1 
ATOM   854  C CG  . LYS D 1 4  ? -0.357  -18.863 -2.384  1.00 41.64 ? 3   LYS D CG  1 
ATOM   855  C CD  . LYS D 1 4  ? -0.673  -19.544 -3.716  1.00 55.41 ? 3   LYS D CD  1 
ATOM   856  C CE  . LYS D 1 4  ? -0.743  -21.087 -3.632  1.00 60.26 ? 3   LYS D CE  1 
ATOM   857  N NZ  . LYS D 1 4  ? -0.791  -21.725 -2.273  1.00 57.43 ? 3   LYS D NZ  1 
ATOM   858  N N   . GLN D 1 5  ? -1.592  -14.411 -1.631  1.00 32.34 ? 4   GLN D N   1 
ATOM   859  C CA  . GLN D 1 5  ? -2.083  -13.086 -2.016  1.00 38.94 ? 4   GLN D CA  1 
ATOM   860  C C   . GLN D 1 5  ? -1.101  -11.953 -1.731  1.00 35.00 ? 4   GLN D C   1 
ATOM   861  O O   . GLN D 1 5  ? -1.147  -10.930 -2.404  1.00 33.31 ? 4   GLN D O   1 
ATOM   862  C CB  . GLN D 1 5  ? -3.481  -12.789 -1.467  1.00 35.99 ? 4   GLN D CB  1 
ATOM   863  C CG  . GLN D 1 5  ? -3.653  -12.597 0.025   1.00 58.50 ? 4   GLN D CG  1 
ATOM   864  C CD  . GLN D 1 5  ? -5.132  -12.526 0.364   1.00 82.37 ? 4   GLN D CD  1 
ATOM   865  O OE1 . GLN D 1 5  ? -5.809  -11.556 0.020   1.00 92.35 ? 4   GLN D OE1 1 
ATOM   866  N NE2 . GLN D 1 5  ? -5.654  -13.585 0.969   1.00 76.62 ? 4   GLN D NE2 1 
ATOM   867  N N   . LEU D 1 6  ? -0.190  -12.136 -0.780  1.00 35.65 ? 5   LEU D N   1 
ATOM   868  C CA  . LEU D 1 6  ? 0.867   -11.142 -0.590  1.00 29.32 ? 5   LEU D CA  1 
ATOM   869  C C   . LEU D 1 6  ? 1.899   -11.221 -1.712  1.00 27.91 ? 5   LEU D C   1 
ATOM   870  O O   . LEU D 1 6  ? 2.403   -10.205 -2.179  1.00 27.84 ? 5   LEU D O   1 
ATOM   871  C CB  . LEU D 1 6  ? 1.567   -11.298 0.762   1.00 23.78 ? 5   LEU D CB  1 
ATOM   872  C CG  . LEU D 1 6  ? 0.937   -10.692 2.024   1.00 35.49 ? 5   LEU D CG  1 
ATOM   873  C CD1 . LEU D 1 6  ? 1.664   -11.190 3.275   1.00 27.56 ? 5   LEU D CD1 1 
ATOM   874  C CD2 . LEU D 1 6  ? 0.935   -9.167  1.979   1.00 28.52 ? 5   LEU D CD2 1 
ATOM   875  N N   . GLU D 1 7  ? 2.223   -12.448 -2.133  1.00 25.69 ? 6   GLU D N   1 
ATOM   876  C CA  . GLU D 1 7  ? 3.198   -12.656 -3.198  1.00 30.08 ? 6   GLU D CA  1 
ATOM   877  C C   . GLU D 1 7  ? 2.613   -12.084 -4.458  1.00 25.29 ? 6   GLU D C   1 
ATOM   878  O O   . GLU D 1 7  ? 3.309   -11.571 -5.327  1.00 31.41 ? 6   GLU D O   1 
ATOM   879  C CB  . GLU D 1 7  ? 3.440   -14.143 -3.403  1.00 25.27 ? 6   GLU D CB  1 
ATOM   880  C CG  . GLU D 1 7  ? 4.445   -14.740 -2.457  1.00 34.22 ? 6   GLU D CG  1 
ATOM   881  C CD  . GLU D 1 7  ? 4.306   -16.234 -2.377  1.00 31.80 ? 6   GLU D CD  1 
ATOM   882  O OE1 . GLU D 1 7  ? 3.328   -16.750 -2.953  1.00 29.27 ? 6   GLU D OE1 1 
ATOM   883  O OE2 . GLU D 1 7  ? 5.152   -16.887 -1.729  1.00 31.38 ? 6   GLU D OE2 1 
HETATM 884  N N   . UU5 D 1 8  ? 1.299   -12.173 -4.513  1.00 29.15 ? 7   UU5 D N   1 
HETATM 885  C CA  . UU5 D 1 8  ? 0.527   -11.702 -5.630  1.00 33.39 ? 7   UU5 D CA  1 
HETATM 886  C C   . UU5 D 1 8  ? 0.483   -10.154 -5.713  1.00 35.17 ? 7   UU5 D C   1 
HETATM 887  O O   . UU5 D 1 8  ? 0.514   -9.583  -6.824  1.00 35.82 ? 7   UU5 D O   1 
HETATM 888  C CB  . UU5 D 1 8  ? -0.814  -12.441 -5.562  1.00 40.79 ? 7   UU5 D CB  1 
HETATM 889  C CG  . UU5 D 1 8  ? -1.618  -12.436 -6.840  1.00 53.64 ? 7   UU5 D CG  1 
HETATM 890  N ND  . UU5 D 1 8  ? -1.920  -11.108 -7.294  1.00 64.74 ? 7   UU5 D ND  1 
HETATM 891  C CE  . UU5 D 1 8  ? -3.088  -10.563 -7.029  1.00 65.70 ? 7   UU5 D CE  1 
HETATM 892  C CF  . UU5 D 1 8  ? -3.207  -9.165  -7.593  1.00 69.15 ? 7   UU5 D CF  1 
HETATM 893  O OE  . UU5 D 1 8  ? -3.971  -11.096 -6.361  1.00 70.03 ? 7   UU5 D OE  1 
ATOM   894  N N   . LYS D 1 9  ? 0.454   -9.499  -4.550  1.00 27.51 ? 8   LYS D N   1 
ATOM   895  C CA  . LYS D 1 9  ? 0.452   -8.044  -4.506  1.00 27.71 ? 8   LYS D CA  1 
ATOM   896  C C   . LYS D 1 9  ? 1.819   -7.512  -4.897  1.00 25.59 ? 8   LYS D C   1 
ATOM   897  O O   . LYS D 1 9  ? 1.911   -6.503  -5.594  1.00 30.54 ? 8   LYS D O   1 
ATOM   898  C CB  . LYS D 1 9  ? 0.032   -7.505  -3.139  1.00 26.41 ? 8   LYS D CB  1 
ATOM   899  C CG  . LYS D 1 9  ? -0.087  -5.989  -3.141  1.00 43.77 ? 8   LYS D CG  1 
ATOM   900  C CD  . LYS D 1 9  ? -1.064  -5.472  -2.108  1.00 56.64 ? 8   LYS D CD  1 
ATOM   901  C CE  . LYS D 1 9  ? -1.636  -4.117  -2.543  1.00 63.40 ? 8   LYS D CE  1 
ATOM   902  N NZ  . LYS D 1 9  ? -1.177  -2.908  -1.785  1.00 59.22 ? 8   LYS D NZ  1 
ATOM   903  N N   . VAL D 1 10 ? 2.866   -8.207  -4.477  1.00 32.14 ? 9   VAL D N   1 
ATOM   904  C CA  . VAL D 1 10 ? 4.232   -7.849  -4.864  1.00 25.89 ? 9   VAL D CA  1 
ATOM   905  C C   . VAL D 1 10 ? 4.421   -7.877  -6.383  1.00 27.73 ? 9   VAL D C   1 
ATOM   906  O O   . VAL D 1 10 ? 5.025   -6.972  -6.956  1.00 30.35 ? 9   VAL D O   1 
ATOM   907  C CB  . VAL D 1 10 ? 5.289   -8.764  -4.200  1.00 20.76 ? 9   VAL D CB  1 
ATOM   908  C CG1 . VAL D 1 10 ? 6.679   -8.478  -4.765  1.00 21.76 ? 9   VAL D CG1 1 
ATOM   909  C CG2 . VAL D 1 10 ? 5.288   -8.576  -2.698  1.00 20.38 ? 9   VAL D CG2 1 
ATOM   910  N N   . GLU D 1 11 ? 3.902   -8.914  -7.035  1.00 28.93 ? 10  GLU D N   1 
ATOM   911  C CA  . GLU D 1 11 ? 4.075   -9.060  -8.476  1.00 31.67 ? 10  GLU D CA  1 
ATOM   912  C C   . GLU D 1 11 ? 3.292   -7.967  -9.169  1.00 29.95 ? 10  GLU D C   1 
ATOM   913  O O   . GLU D 1 11 ? 3.696   -7.458  -10.212 1.00 22.23 ? 10  GLU D O   1 
ATOM   914  C CB  . GLU D 1 11 ? 3.595   -10.441 -8.943  1.00 35.43 ? 10  GLU D CB  1 
ATOM   915  C CG  . GLU D 1 11 ? 4.367   -11.599 -8.316  1.00 46.69 ? 10  GLU D CG  1 
ATOM   916  C CD  . GLU D 1 11 ? 3.605   -12.923 -8.322  1.00 45.60 ? 10  GLU D CD  1 
ATOM   917  O OE1 . GLU D 1 11 ? 2.520   -13.012 -8.934  1.00 54.60 ? 10  GLU D OE1 1 
ATOM   918  O OE2 . GLU D 1 11 ? 4.109   -13.890 -7.717  1.00 41.97 ? 10  GLU D OE2 1 
HETATM 919  N N   . 19W D 1 12 ? 2.187   -7.582  -8.547  1.00 31.29 ? 11  19W D N   1 
HETATM 920  C CA  . 19W D 1 12 ? 1.277   -6.602  -9.137  1.00 30.32 ? 11  19W D CA  1 
HETATM 921  C C   . 19W D 1 12 ? 1.855   -5.181  -8.978  1.00 29.72 ? 11  19W D C   1 
HETATM 922  O O   . 19W D 1 12 ? 1.776   -4.395  -9.946  1.00 31.92 ? 11  19W D O   1 
HETATM 923  C CB  . 19W D 1 12 ? -0.147  -6.972  -8.678  1.00 38.53 ? 11  19W D CB  1 
HETATM 924  C CG  . 19W D 1 12 ? -1.239  -6.187  -9.373  1.00 53.54 ? 11  19W D CG  1 
HETATM 925  C CD  . 19W D 1 12 ? -2.605  -6.831  -9.035  1.00 69.12 ? 11  19W D CD  1 
HETATM 926  O OE  . 19W D 1 12 ? -2.956  -6.923  -7.647  1.00 86.89 ? 11  19W D OE  1 
HETATM 927  N NZ  . 19W D 1 12 ? -2.739  -8.174  -6.919  1.00 68.30 ? 11  19W D NZ  1 
ATOM   928  N N   . LEU D 1 13 ? 2.490   -4.896  -7.842  1.00 33.40 ? 12  LEU D N   1 
ATOM   929  C CA  . LEU D 1 13 ? 3.184   -3.627  -7.630  1.00 27.88 ? 12  LEU D CA  1 
ATOM   930  C C   . LEU D 1 13 ? 4.467   -3.511  -8.451  1.00 22.48 ? 12  LEU D C   1 
ATOM   931  O O   . LEU D 1 13 ? 4.791   -2.429  -8.920  1.00 23.71 ? 12  LEU D O   1 
ATOM   932  C CB  . LEU D 1 13 ? 3.480   -3.409  -6.147  1.00 20.13 ? 12  LEU D CB  1 
ATOM   933  C CG  . LEU D 1 13 ? 2.275   -2.959  -5.314  1.00 36.20 ? 12  LEU D CG  1 
ATOM   934  C CD1 . LEU D 1 13 ? 2.669   -2.742  -3.866  1.00 27.07 ? 12  LEU D CD1 1 
ATOM   935  C CD2 . LEU D 1 13 ? 1.646   -1.690  -5.895  1.00 36.97 ? 12  LEU D CD2 1 
ATOM   936  N N   . LEU D 1 14 ? 5.189   -4.611  -8.636  1.00 26.29 ? 13  LEU D N   1 
ATOM   937  C CA  . LEU D 1 14 ? 6.385   -4.597  -9.492  1.00 19.42 ? 13  LEU D CA  1 
ATOM   938  C C   . LEU D 1 14 ? 6.029   -4.269  -10.944 1.00 21.54 ? 13  LEU D C   1 
ATOM   939  O O   . LEU D 1 14 ? 6.732   -3.518  -11.618 1.00 27.36 ? 13  LEU D O   1 
ATOM   940  C CB  . LEU D 1 14 ? 7.127   -5.938  -9.433  1.00 26.27 ? 13  LEU D CB  1 
ATOM   941  C CG  . LEU D 1 14 ? 8.359   -6.121  -10.333 1.00 30.82 ? 13  LEU D CG  1 
ATOM   942  C CD1 . LEU D 1 14 ? 9.488   -5.195  -9.923  1.00 34.93 ? 13  LEU D CD1 1 
ATOM   943  C CD2 . LEU D 1 14 ? 8.840   -7.555  -10.320 1.00 31.54 ? 13  LEU D CD2 1 
ATOM   944  N N   . SER D 1 15 ? 4.934   -4.839  -11.419 1.00 25.82 ? 14  SER D N   1 
ATOM   945  C CA  . SER D 1 15 ? 4.502   -4.609  -12.786 1.00 24.97 ? 14  SER D CA  1 
ATOM   946  C C   . SER D 1 15 ? 4.076   -3.149  -12.992 1.00 32.61 ? 14  SER D C   1 
ATOM   947  O O   . SER D 1 15 ? 4.491   -2.524  -13.965 1.00 32.82 ? 14  SER D O   1 
ATOM   948  C CB  . SER D 1 15 ? 3.383   -5.584  -13.168 1.00 31.12 ? 14  SER D CB  1 
ATOM   949  O OG  . SER D 1 15 ? 2.796   -5.232  -14.410 1.00 41.18 ? 14  SER D OG  1 
ATOM   950  N N   . LYS D 1 16 ? 3.267   -2.601  -12.087 1.00 31.90 ? 15  LYS D N   1 
ATOM   951  C CA  . LYS D 1 16 ? 2.919   -1.176  -12.154 1.00 29.28 ? 15  LYS D CA  1 
ATOM   952  C C   . LYS D 1 16 ? 4.188   -0.331  -12.092 1.00 19.79 ? 15  LYS D C   1 
ATOM   953  O O   . LYS D 1 16 ? 4.295   0.691   -12.748 1.00 24.97 ? 15  LYS D O   1 
ATOM   954  C CB  . LYS D 1 16 ? 2.000   -0.740  -11.006 1.00 31.59 ? 15  LYS D CB  1 
ATOM   955  C CG  . LYS D 1 16 ? 0.588   -1.311  -11.008 1.00 45.54 ? 15  LYS D CG  1 
ATOM   956  C CD  . LYS D 1 16 ? -0.139  -0.971  -9.703  1.00 51.82 ? 15  LYS D CD  1 
ATOM   957  C CE  . LYS D 1 16 ? -1.633  -1.191  -9.837  1.00 51.89 ? 15  LYS D CE  1 
ATOM   958  N NZ  . LYS D 1 16 ? -2.087  -2.445  -9.185  1.00 53.85 ? 15  LYS D NZ  1 
ATOM   959  N N   . ASN D 1 17 ? 5.152   -0.782  -11.290 1.00 26.88 ? 16  ASN D N   1 
ATOM   960  C CA  A ASN D 1 17 ? 6.408   -0.060  -11.130 0.67 26.35 ? 16  ASN D CA  1 
ATOM   961  C CA  B ASN D 1 17 ? 6.410   -0.060  -11.131 0.33 26.57 ? 16  ASN D CA  1 
ATOM   962  C C   . ASN D 1 17 ? 7.226   -0.031  -12.419 1.00 36.11 ? 16  ASN D C   1 
ATOM   963  O O   . ASN D 1 17 ? 7.863   0.973   -12.740 1.00 32.09 ? 16  ASN D O   1 
ATOM   964  C CB  A ASN D 1 17 ? 7.221   -0.688  -10.005 0.67 25.47 ? 16  ASN D CB  1 
ATOM   965  C CB  B ASN D 1 17 ? 7.234   -0.674  -10.000 0.33 25.60 ? 16  ASN D CB  1 
ATOM   966  C CG  A ASN D 1 17 ? 8.461   0.095   -9.682  0.67 34.24 ? 16  ASN D CG  1 
ATOM   967  C CG  B ASN D 1 17 ? 7.693   0.356   -8.992  0.33 37.43 ? 16  ASN D CG  1 
ATOM   968  O OD1 A ASN D 1 17 ? 9.491   -0.120  -10.285 0.67 32.94 ? 16  ASN D OD1 1 
ATOM   969  O OD1 B ASN D 1 17 ? 8.823   0.843   -9.056  0.33 36.72 ? 16  ASN D OD1 1 
ATOM   970  N ND2 A ASN D 1 17 ? 8.379   0.991   -8.706  0.67 38.57 ? 16  ASN D ND2 1 
ATOM   971  N ND2 B ASN D 1 17 ? 6.815   0.699   -8.051  0.33 27.76 ? 16  ASN D ND2 1 
ATOM   972  N N   . TYR D 1 18 ? 7.203   -1.131  -13.162 1.00 28.25 ? 17  TYR D N   1 
ATOM   973  C CA  . TYR D 1 18 ? 7.927   -1.180  -14.421 1.00 26.27 ? 17  TYR D CA  1 
ATOM   974  C C   . TYR D 1 18 ? 7.275   -0.273  -15.460 1.00 31.07 ? 17  TYR D C   1 
ATOM   975  O O   . TYR D 1 18 ? 7.958   0.379   -16.248 1.00 27.35 ? 17  TYR D O   1 
ATOM   976  C CB  . TYR D 1 18 ? 8.061   -2.619  -14.912 1.00 28.76 ? 17  TYR D CB  1 
ATOM   977  C CG  . TYR D 1 18 ? 9.231   -3.319  -14.277 1.00 31.43 ? 17  TYR D CG  1 
ATOM   978  C CD1 . TYR D 1 18 ? 10.291  -2.588  -13.754 1.00 31.84 ? 17  TYR D CD1 1 
ATOM   979  C CD2 . TYR D 1 18 ? 9.286   -4.701  -14.195 1.00 37.64 ? 17  TYR D CD2 1 
ATOM   980  C CE1 . TYR D 1 18 ? 11.370  -3.211  -13.169 1.00 26.52 ? 17  TYR D CE1 1 
ATOM   981  C CE2 . TYR D 1 18 ? 10.369  -5.336  -13.611 1.00 29.46 ? 17  TYR D CE2 1 
ATOM   982  C CZ  . TYR D 1 18 ? 11.404  -4.587  -13.102 1.00 26.51 ? 17  TYR D CZ  1 
ATOM   983  O OH  . TYR D 1 18 ? 12.478  -5.219  -12.525 1.00 34.72 ? 17  TYR D OH  1 
ATOM   984  N N   . HIS D 1 19 ? 5.947   -0.202  -15.435 1.00 27.58 ? 18  HIS D N   1 
ATOM   985  C CA  . HIS D 1 19 ? 5.226   0.690   -16.330 1.00 30.00 ? 18  HIS D CA  1 
ATOM   986  C C   . HIS D 1 19 ? 5.485   2.170   -16.041 1.00 32.00 ? 18  HIS D C   1 
ATOM   987  O O   . HIS D 1 19 ? 5.564   2.994   -16.950 1.00 37.44 ? 18  HIS D O   1 
ATOM   988  C CB  . HIS D 1 19 ? 3.722   0.438   -16.270 1.00 32.56 ? 18  HIS D CB  1 
ATOM   989  C CG  . HIS D 1 19 ? 2.913   1.606   -16.736 1.00 66.11 ? 18  HIS D CG  1 
ATOM   990  N ND1 . HIS D 1 19 ? 2.927   2.046   -18.044 1.00 79.51 ? 18  HIS D ND1 1 
ATOM   991  C CD2 . HIS D 1 19 ? 2.101   2.458   -16.065 1.00 57.72 ? 18  HIS D CD2 1 
ATOM   992  C CE1 . HIS D 1 19 ? 2.144   3.096   -18.164 1.00 70.34 ? 18  HIS D CE1 1 
ATOM   993  N NE2 . HIS D 1 19 ? 1.628   3.373   -16.976 1.00 67.52 ? 18  HIS D NE2 1 
ATOM   994  N N   . LEU D 1 20 ? 5.590   2.504   -14.756 1.00 33.56 ? 19  LEU D N   1 
ATOM   995  C CA  . LEU D 1 20 ? 5.846   3.875   -14.344 1.00 25.94 ? 19  LEU D CA  1 
ATOM   996  C C   . LEU D 1 20 ? 7.285   4.274   -14.687 1.00 25.11 ? 19  LEU D C   1 
ATOM   997  O O   . LEU D 1 20 ? 7.531   5.423   -15.044 1.00 25.17 ? 19  LEU D O   1 
ATOM   998  C CB  . LEU D 1 20 ? 5.562   4.035   -12.852 1.00 19.96 ? 19  LEU D CB  1 
ATOM   999  C CG  . LEU D 1 20 ? 4.083   4.103   -12.489 1.00 28.49 ? 19  LEU D CG  1 
ATOM   1000 C CD1 . LEU D 1 20 ? 3.931   3.947   -11.010 1.00 28.28 ? 19  LEU D CD1 1 
ATOM   1001 C CD2 . LEU D 1 20 ? 3.518   5.441   -12.914 1.00 29.17 ? 19  LEU D CD2 1 
ATOM   1002 N N   . GLU D 1 21 ? 8.216   3.331   -14.596 1.00 19.27 ? 20  GLU D N   1 
ATOM   1003 C CA  . GLU D 1 21 ? 9.597   3.592   -15.013 1.00 26.09 ? 20  GLU D CA  1 
ATOM   1004 C C   . GLU D 1 21 ? 9.655   3.875   -16.505 1.00 32.13 ? 20  GLU D C   1 
ATOM   1005 O O   . GLU D 1 21 ? 10.389  4.762   -16.937 1.00 38.89 ? 20  GLU D O   1 
ATOM   1006 C CB  . GLU D 1 21 ? 10.518  2.409   -14.719 1.00 28.42 ? 20  GLU D CB  1 
ATOM   1007 C CG  . GLU D 1 21 ? 11.184  2.415   -13.365 1.00 40.02 ? 20  GLU D CG  1 
ATOM   1008 C CD  . GLU D 1 21 ? 11.582  1.017   -12.945 1.00 51.92 ? 20  GLU D CD  1 
ATOM   1009 O OE1 . GLU D 1 21 ? 12.444  0.389   -13.595 1.00 56.60 ? 20  GLU D OE1 1 
ATOM   1010 O OE2 . GLU D 1 21 ? 11.007  0.518   -11.981 1.00 55.39 ? 20  GLU D OE2 1 
ATOM   1011 N N   . ASN D 1 22 ? 8.907   3.104   -17.284 1.00 27.74 ? 21  ASN D N   1 
ATOM   1012 C CA  . ASN D 1 22 ? 8.879   3.287   -18.732 1.00 29.07 ? 21  ASN D CA  1 
ATOM   1013 C C   . ASN D 1 22 ? 8.269   4.627   -19.123 1.00 30.67 ? 21  ASN D C   1 
ATOM   1014 O O   . ASN D 1 22 ? 8.769   5.286   -20.030 1.00 40.07 ? 21  ASN D O   1 
ATOM   1015 C CB  . ASN D 1 22 ? 8.136   2.145   -19.436 1.00 19.87 ? 21  ASN D CB  1 
ATOM   1016 C CG  . ASN D 1 22 ? 8.792   0.802   -19.220 1.00 27.79 ? 21  ASN D CG  1 
ATOM   1017 O OD1 . ASN D 1 22 ? 8.161   -0.239  -19.388 1.00 34.80 ? 21  ASN D OD1 1 
ATOM   1018 N ND2 . ASN D 1 22 ? 10.059  0.815   -18.831 1.00 25.52 ? 21  ASN D ND2 1 
ATOM   1019 N N   . GLU D 1 23 ? 7.189   5.017   -18.449 1.00 24.95 ? 22  GLU D N   1 
ATOM   1020 C CA  . GLU D 1 23 ? 6.574   6.321   -18.691 1.00 30.36 ? 22  GLU D CA  1 
ATOM   1021 C C   . GLU D 1 23 ? 7.533   7.447   -18.367 1.00 27.23 ? 22  GLU D C   1 
ATOM   1022 O O   . GLU D 1 23 ? 7.624   8.415   -19.116 1.00 38.84 ? 22  GLU D O   1 
ATOM   1023 C CB  . GLU D 1 23 ? 5.304   6.513   -17.869 1.00 31.86 ? 22  GLU D CB  1 
ATOM   1024 C CG  . GLU D 1 23 ? 4.448   7.642   -18.420 1.00 47.22 ? 22  GLU D CG  1 
ATOM   1025 C CD  . GLU D 1 23 ? 3.117   7.785   -17.714 1.00 63.96 ? 22  GLU D CD  1 
ATOM   1026 O OE1 . GLU D 1 23 ? 2.735   6.861   -16.963 1.00 60.83 ? 22  GLU D OE1 1 
ATOM   1027 O OE2 . GLU D 1 23 ? 2.458   8.834   -17.906 1.00 58.63 ? 22  GLU D OE2 1 
ATOM   1028 N N   . VAL D 1 24 ? 8.229   7.327   -17.246 1.00 26.78 ? 23  VAL D N   1 
ATOM   1029 C CA  . VAL D 1 24 ? 9.222   8.323   -16.847 1.00 27.04 ? 23  VAL D CA  1 
ATOM   1030 C C   . VAL D 1 24 ? 10.312  8.474   -17.910 1.00 36.47 ? 23  VAL D C   1 
ATOM   1031 O O   . VAL D 1 24 ? 10.737  9.586   -18.227 1.00 36.07 ? 23  VAL D O   1 
ATOM   1032 C CB  . VAL D 1 24 ? 9.863   7.982   -15.478 1.00 31.26 ? 23  VAL D CB  1 
ATOM   1033 C CG1 . VAL D 1 24 ? 11.152  8.777   -15.255 1.00 29.09 ? 23  VAL D CG1 1 
ATOM   1034 C CG2 . VAL D 1 24 ? 8.874   8.229   -14.334 1.00 26.00 ? 23  VAL D CG2 1 
ATOM   1035 N N   . ALA D 1 25 ? 10.754  7.345   -18.474 1.00 28.03 ? 24  ALA D N   1 
ATOM   1036 C CA  . ALA D 1 25 ? 11.767  7.364   -19.527 1.00 35.23 ? 24  ALA D CA  1 
ATOM   1037 C C   . ALA D 1 25 ? 11.221  8.013   -20.802 1.00 31.21 ? 24  ALA D C   1 
ATOM   1038 O O   . ALA D 1 25 ? 11.930  8.735   -21.492 1.00 41.88 ? 24  ALA D O   1 
ATOM   1039 C CB  . ALA D 1 25 ? 12.271  5.946   -19.815 1.00 30.59 ? 24  ALA D CB  1 
ATOM   1040 N N   . ARG D 1 26 ? 9.949   7.755   -21.089 1.00 35.99 ? 25  ARG D N   1 
ATOM   1041 C CA  . ARG D 1 26 ? 9.240   8.335   -22.226 1.00 29.82 ? 25  ARG D CA  1 
ATOM   1042 C C   . ARG D 1 26 ? 9.082   9.842   -22.068 1.00 34.75 ? 25  ARG D C   1 
ATOM   1043 O O   . ARG D 1 26 ? 9.241   10.602  -23.023 1.00 30.22 ? 25  ARG D O   1 
ATOM   1044 C CB  . ARG D 1 26 ? 7.836   7.750   -22.281 1.00 33.85 ? 25  ARG D CB  1 
ATOM   1045 C CG  . ARG D 1 26 ? 7.532   6.870   -23.453 1.00 39.46 ? 25  ARG D CG  1 
ATOM   1046 C CD  . ARG D 1 26 ? 6.209   7.286   -24.074 1.00 45.57 ? 25  ARG D CD  1 
ATOM   1047 N NE  . ARG D 1 26 ? 5.107   7.408   -23.113 1.00 50.29 ? 25  ARG D NE  1 
ATOM   1048 C CZ  . ARG D 1 26 ? 4.341   8.491   -23.000 1.00 52.85 ? 25  ARG D CZ  1 
ATOM   1049 N NH1 . ARG D 1 26 ? 3.349   8.525   -22.119 1.00 53.40 ? 25  ARG D NH1 1 
ATOM   1050 N NH2 . ARG D 1 26 ? 4.569   9.549   -23.773 1.00 55.44 ? 25  ARG D NH2 1 
ATOM   1051 N N   . LEU D 1 27 ? 8.723   10.254  -20.859 1.00 32.18 ? 26  LEU D N   1 
ATOM   1052 C CA  . LEU D 1 27 ? 8.469   11.658  -20.559 1.00 32.87 ? 26  LEU D CA  1 
ATOM   1053 C C   . LEU D 1 27 ? 9.748   12.478  -20.589 1.00 32.53 ? 26  LEU D C   1 
ATOM   1054 O O   . LEU D 1 27 ? 9.720   13.634  -21.001 1.00 32.92 ? 26  LEU D O   1 
ATOM   1055 C CB  . LEU D 1 27 ? 7.777   11.806  -19.202 1.00 23.63 ? 26  LEU D CB  1 
ATOM   1056 C CG  . LEU D 1 27 ? 6.340   11.282  -19.220 1.00 30.12 ? 26  LEU D CG  1 
ATOM   1057 C CD1 . LEU D 1 27 ? 5.717   11.294  -17.826 1.00 28.05 ? 26  LEU D CD1 1 
ATOM   1058 C CD2 . LEU D 1 27 ? 5.508   12.076  -20.188 1.00 27.35 ? 26  LEU D CD2 1 
ATOM   1059 N N   . LYS D 1 28 ? 10.854  11.893  -20.158 1.00 34.00 ? 27  LYS D N   1 
ATOM   1060 C CA  . LYS D 1 28 ? 12.130  12.610  -20.164 1.00 39.29 ? 27  LYS D CA  1 
ATOM   1061 C C   . LYS D 1 28 ? 12.583  12.988  -21.565 1.00 38.66 ? 27  LYS D C   1 
ATOM   1062 O O   . LYS D 1 28 ? 13.212  14.027  -21.750 1.00 43.91 ? 27  LYS D O   1 
ATOM   1063 C CB  . LYS D 1 28 ? 13.222  11.809  -19.462 1.00 33.84 ? 27  LYS D CB  1 
ATOM   1064 C CG  . LYS D 1 28 ? 13.148  11.884  -17.950 1.00 44.70 ? 27  LYS D CG  1 
ATOM   1065 C CD  . LYS D 1 28 ? 14.031  10.844  -17.295 1.00 32.66 ? 27  LYS D CD  1 
ATOM   1066 C CE  . LYS D 1 28 ? 14.530  11.342  -15.957 1.00 42.56 ? 27  LYS D CE  1 
ATOM   1067 N NZ  . LYS D 1 28 ? 14.996  10.212  -15.114 1.00 47.48 ? 27  LYS D NZ  1 
ATOM   1068 N N   . LYS D 1 29 ? 12.277  12.150  -22.543 1.00 39.90 ? 28  LYS D N   1 
ATOM   1069 C CA  . LYS D 1 29 ? 12.605  12.479  -23.924 1.00 47.15 ? 28  LYS D CA  1 
ATOM   1070 C C   . LYS D 1 29 ? 11.813  13.681  -24.397 1.00 45.54 ? 28  LYS D C   1 
ATOM   1071 O O   . LYS D 1 29 ? 12.336  14.549  -25.086 1.00 46.13 ? 28  LYS D O   1 
ATOM   1072 C CB  . LYS D 1 29 ? 12.339  11.294  -24.837 1.00 48.58 ? 28  LYS D CB  1 
ATOM   1073 C CG  . LYS D 1 29 ? 13.415  10.255  -24.764 1.00 58.89 ? 28  LYS D CG  1 
ATOM   1074 C CD  . LYS D 1 29 ? 12.968  9.024   -25.488 1.00 65.21 ? 28  LYS D CD  1 
ATOM   1075 C CE  . LYS D 1 29 ? 13.614  7.799   -24.903 1.00 57.18 ? 28  LYS D CE  1 
ATOM   1076 N NZ  . LYS D 1 29 ? 12.660  6.672   -24.998 1.00 61.28 ? 28  LYS D NZ  1 
ATOM   1077 N N   . LEU D 1 30 ? 10.536  13.721  -24.011 1.00 50.65 ? 29  LEU D N   1 
ATOM   1078 C CA  . LEU D 1 30 ? 9.649   14.824  -24.364 1.00 44.78 ? 29  LEU D CA  1 
ATOM   1079 C C   . LEU D 1 30 ? 10.105  16.159  -23.784 1.00 43.37 ? 29  LEU D C   1 
ATOM   1080 O O   . LEU D 1 30 ? 9.866   17.210  -24.372 1.00 61.76 ? 29  LEU D O   1 
ATOM   1081 C CB  . LEU D 1 30 ? 8.222   14.533  -23.904 1.00 47.66 ? 29  LEU D CB  1 
ATOM   1082 C CG  . LEU D 1 30 ? 7.445   13.500  -24.722 1.00 48.94 ? 29  LEU D CG  1 
ATOM   1083 C CD1 . LEU D 1 30 ? 6.076   13.250  -24.115 1.00 44.61 ? 29  LEU D CD1 1 
ATOM   1084 C CD2 . LEU D 1 30 ? 7.321   13.937  -26.178 1.00 45.29 ? 29  LEU D CD2 1 
ATOM   1085 N N   . VAL D 1 31 ? 10.768  16.118  -22.640 1.00 45.61 ? 30  VAL D N   1 
ATOM   1086 C CA  . VAL D 1 31 ? 11.212  17.340  -21.979 1.00 56.07 ? 30  VAL D CA  1 
ATOM   1087 C C   . VAL D 1 31 ? 12.426  18.005  -22.656 1.00 54.83 ? 30  VAL D C   1 
ATOM   1088 O O   . VAL D 1 31 ? 12.511  19.228  -22.711 1.00 60.59 ? 30  VAL D O   1 
ATOM   1089 C CB  . VAL D 1 31 ? 11.516  17.079  -20.489 1.00 42.19 ? 30  VAL D CB  1 
ATOM   1090 C CG1 . VAL D 1 31 ? 11.984  18.350  -19.791 1.00 50.97 ? 30  VAL D CG1 1 
ATOM   1091 C CG2 . VAL D 1 31 ? 10.293  16.512  -19.801 1.00 37.53 ? 30  VAL D CG2 1 
ATOM   1092 N N   . GLY D 1 32 ? 13.355  17.203  -23.172 1.00 61.30 ? 31  GLY D N   1 
ATOM   1093 C CA  . GLY D 1 32 ? 14.525  17.740  -23.851 1.00 57.72 ? 31  GLY D CA  1 
ATOM   1094 C C   . GLY D 1 32 ? 14.502  17.523  -25.359 1.00 61.47 ? 31  GLY D C   1 
ATOM   1095 O O   . GLY D 1 32 ? 14.852  18.419  -26.141 1.00 59.48 ? 31  GLY D O   1 
ATOM   1096 N N   . GLU D 1 33 ? 14.110  16.328  -25.757 1.00 61.95 ? 32  GLU D N   1 
ATOM   1097 C CA  . GLU D 1 33 ? 14.131  15.930  -27.161 1.00 61.62 ? 32  GLU D CA  1 
ATOM   1098 C C   . GLU D 1 33 ? 12.729  15.944  -27.763 1.00 63.36 ? 32  GLU D C   1 
ATOM   1099 O O   . GLU D 1 33 ? 12.510  15.422  -28.857 1.00 66.10 ? 32  GLU D O   1 
ATOM   1100 C CB  . GLU D 1 33 ? 14.738  14.531  -27.290 1.00 60.68 ? 32  GLU D CB  1 
HETATM 1101 C C   . ACT E 2 .  ? -4.668  -4.312  2.049   1.00 60.11 ? 101 ACT A C   1 
HETATM 1102 O O   . ACT E 2 .  ? -3.990  -5.086  1.339   1.00 64.01 ? 101 ACT A O   1 
HETATM 1103 O OXT . ACT E 2 .  ? -4.445  -4.361  3.279   1.00 59.17 ? 101 ACT A OXT 1 
HETATM 1104 C CH3 . ACT E 2 .  ? -5.690  -3.384  1.460   1.00 47.75 ? 101 ACT A CH3 1 
HETATM 1105 C C1  . GOL F 3 .  ? -13.139 -4.515  4.379   1.00 51.25 ? 101 GOL B C1  1 
HETATM 1106 O O1  . GOL F 3 .  ? -13.175 -4.878  5.741   1.00 47.59 ? 101 GOL B O1  1 
HETATM 1107 C C2  . GOL F 3 .  ? -14.029 -3.306  4.097   1.00 66.07 ? 101 GOL B C2  1 
HETATM 1108 O O2  . GOL F 3 .  ? -14.212 -2.484  5.234   1.00 47.09 ? 101 GOL B O2  1 
HETATM 1109 C C3  . GOL F 3 .  ? -13.474 -2.535  2.901   1.00 52.47 ? 101 GOL B C3  1 
HETATM 1110 O O3  . GOL F 3 .  ? -14.304 -1.443  2.569   1.00 62.69 ? 101 GOL B O3  1 
HETATM 1111 C C   . ACT G 2 .  ? -16.849 -1.127  10.310  1.00 64.19 ? 102 ACT B C   1 
HETATM 1112 O O   . ACT G 2 .  ? -15.905 -1.359  9.519   1.00 41.19 ? 102 ACT B O   1 
HETATM 1113 O OXT . ACT G 2 .  ? -17.607 -2.084  10.601  1.00 49.98 ? 102 ACT B OXT 1 
HETATM 1114 C CH3 . ACT G 2 .  ? -17.046 0.237   10.884  1.00 40.24 ? 102 ACT B CH3 1 
HETATM 1115 C C1  . GOL H 3 .  ? 8.570   -15.474 -0.006  1.00 41.63 ? 101 GOL C C1  1 
HETATM 1116 O O1  . GOL H 3 .  ? 7.526   -16.233 0.552   1.00 40.64 ? 101 GOL C O1  1 
HETATM 1117 C C2  . GOL H 3 .  ? 9.069   -14.347 0.888   1.00 51.77 ? 101 GOL C C2  1 
HETATM 1118 O O2  . GOL H 3 .  ? 8.821   -14.626 2.237   1.00 52.40 ? 101 GOL C O2  1 
HETATM 1119 C C3  . GOL H 3 .  ? 10.564  -14.177 0.674   1.00 53.25 ? 101 GOL C C3  1 
HETATM 1120 O O3  . GOL H 3 .  ? 10.748  -13.591 -0.597  1.00 55.92 ? 101 GOL C O3  1 
HETATM 1121 C C1  . GOL I 3 .  ? 11.467  21.397  -25.271 1.00 65.88 ? 101 GOL D C1  1 
HETATM 1122 O O1  . GOL I 3 .  ? 12.427  20.378  -25.452 1.00 67.41 ? 101 GOL D O1  1 
HETATM 1123 C C2  . GOL I 3 .  ? 10.477  20.931  -24.212 1.00 54.52 ? 101 GOL D C2  1 
HETATM 1124 O O2  . GOL I 3 .  ? 9.975   19.668  -24.587 1.00 63.37 ? 101 GOL D O2  1 
HETATM 1125 C C3  . GOL I 3 .  ? 9.343   21.932  -24.022 1.00 70.09 ? 101 GOL D C3  1 
HETATM 1126 O O3  . GOL I 3 .  ? 9.348   22.410  -22.694 1.00 67.51 ? 101 GOL D O3  1 
HETATM 1127 O O   . HOH J 4 .  ? 0.386   -14.834 12.266  1.00 44.05 ? 201 HOH A O   1 
HETATM 1128 O O   . HOH J 4 .  ? 8.303   12.013  -4.268  1.00 30.17 ? 202 HOH A O   1 
HETATM 1129 O O   . HOH J 4 .  ? 3.061   -8.350  13.466  1.00 34.68 ? 203 HOH A O   1 
HETATM 1130 O O   . HOH J 4 .  ? 5.390   3.601   7.108   1.00 53.71 ? 204 HOH A O   1 
HETATM 1131 O O   . HOH J 4 .  ? -5.441  19.056  -6.006  1.00 37.27 ? 205 HOH A O   1 
HETATM 1132 O O   . HOH J 4 .  ? 5.178   6.285   6.572   1.00 42.78 ? 206 HOH A O   1 
HETATM 1133 O O   . HOH J 4 .  ? 7.608   6.385   2.948   1.00 44.40 ? 207 HOH A O   1 
HETATM 1134 O O   . HOH J 4 .  ? 5.876   1.560   7.484   1.00 47.24 ? 208 HOH A O   1 
HETATM 1135 O O   . HOH J 4 .  ? -2.584  -11.087 3.261   1.00 40.07 ? 209 HOH A O   1 
HETATM 1136 O O   . HOH J 4 .  ? -5.693  -12.507 9.209   1.00 45.50 ? 210 HOH A O   1 
HETATM 1137 O O   . HOH J 4 .  ? -1.926  -1.633  15.130  1.00 52.18 ? 211 HOH A O   1 
HETATM 1138 O O   . HOH J 4 .  ? 3.018   17.183  -2.425  1.00 37.78 ? 212 HOH A O   1 
HETATM 1139 O O   . HOH J 4 .  ? -2.241  -9.958  5.471   1.00 41.36 ? 213 HOH A O   1 
HETATM 1140 O O   . HOH J 4 .  ? -7.268  -25.055 19.151  1.00 52.25 ? 214 HOH A O   1 
HETATM 1141 O O   . HOH K 4 .  ? -16.740 -4.848  12.120  1.00 20.45 ? 201 HOH B O   1 
HETATM 1142 O O   . HOH K 4 .  ? -1.319  15.372  -10.135 1.00 36.94 ? 202 HOH B O   1 
HETATM 1143 O O   . HOH K 4 .  ? -10.587 -5.797  6.703   1.00 43.74 ? 203 HOH B O   1 
HETATM 1144 O O   . HOH K 4 .  ? -13.886 5.216   5.765   1.00 38.36 ? 204 HOH B O   1 
HETATM 1145 O O   . HOH K 4 .  ? -5.398  16.031  -7.942  1.00 39.31 ? 205 HOH B O   1 
HETATM 1146 O O   . HOH K 4 .  ? -16.364 2.352   4.677   1.00 39.45 ? 206 HOH B O   1 
HETATM 1147 O O   . HOH K 4 .  ? -14.915 1.390   2.301   1.00 45.84 ? 207 HOH B O   1 
HETATM 1148 O O   . HOH K 4 .  ? -14.888 6.217   0.256   1.00 44.23 ? 208 HOH B O   1 
HETATM 1149 O O   . HOH K 4 .  ? -6.259  3.130   11.979  1.00 44.96 ? 209 HOH B O   1 
HETATM 1150 O O   . HOH K 4 .  ? -13.289 9.735   -2.397  1.00 54.37 ? 210 HOH B O   1 
HETATM 1151 O O   . HOH K 4 .  ? -13.041 12.331  -1.060  1.00 43.55 ? 211 HOH B O   1 
HETATM 1152 O O   . HOH K 4 .  ? -14.759 13.641  -0.255  1.00 46.42 ? 212 HOH B O   1 
HETATM 1153 O O   . HOH K 4 .  ? -14.498 4.183   1.276   1.00 39.55 ? 213 HOH B O   1 
HETATM 1154 O O   . HOH K 4 .  ? -16.918 -15.447 25.124  1.00 47.12 ? 214 HOH B O   1 
HETATM 1155 O O   . HOH K 4 .  ? -8.753  -4.137  19.329  1.00 43.15 ? 215 HOH B O   1 
HETATM 1156 O O   . HOH K 4 .  ? -8.771  -5.548  21.888  1.00 42.03 ? 216 HOH B O   1 
HETATM 1157 O O   . HOH K 4 .  ? -6.279  -4.033  18.169  1.00 45.63 ? 217 HOH B O   1 
HETATM 1158 O O   . HOH K 4 .  ? -8.809  15.214  -7.491  1.00 36.12 ? 218 HOH B O   1 
HETATM 1159 O O   . HOH L 4 .  ? -0.307  9.170   -6.633  1.00 34.92 ? 201 HOH C O   1 
HETATM 1160 O O   . HOH L 4 .  ? 6.017   9.683   -0.524  1.00 36.35 ? 202 HOH C O   1 
HETATM 1161 O O   . HOH L 4 .  ? 7.465   8.184   -1.930  1.00 29.18 ? 203 HOH C O   1 
HETATM 1162 O O   . HOH L 4 .  ? 3.438   -20.753 1.277   1.00 35.21 ? 204 HOH C O   1 
HETATM 1163 O O   . HOH L 4 .  ? 10.476  5.499   -1.809  1.00 38.08 ? 205 HOH C O   1 
HETATM 1164 O O   . HOH L 4 .  ? 11.980  5.449   -3.678  1.00 35.40 ? 206 HOH C O   1 
HETATM 1165 O O   . HOH L 4 .  ? -0.677  1.590   -5.930  1.00 52.67 ? 207 HOH C O   1 
HETATM 1166 O O   . HOH L 4 .  ? 0.912   19.751  -18.843 1.00 36.41 ? 208 HOH C O   1 
HETATM 1167 O O   . HOH L 4 .  ? -2.434  6.137   -6.917  1.00 42.31 ? 209 HOH C O   1 
HETATM 1168 O O   . HOH L 4 .  ? 6.778   -20.351 5.859   1.00 41.98 ? 210 HOH C O   1 
HETATM 1169 O O   . HOH L 4 .  ? 8.516   4.301   2.874   1.00 39.44 ? 211 HOH C O   1 
HETATM 1170 O O   . HOH L 4 .  ? 4.514   -20.767 5.898   1.00 56.75 ? 212 HOH C O   1 
HETATM 1171 O O   . HOH L 4 .  ? 4.368   21.951  -24.147 1.00 47.87 ? 213 HOH C O   1 
HETATM 1172 O O   . HOH L 4 .  ? 0.235   16.964  -13.555 1.00 41.07 ? 214 HOH C O   1 
HETATM 1173 O O   . HOH L 4 .  ? 3.680   -23.826 1.091   1.00 48.35 ? 215 HOH C O   1 
HETATM 1174 O O   . HOH L 4 .  ? 9.204   -0.827  4.655   1.00 53.75 ? 216 HOH C O   1 
HETATM 1175 O O   . HOH L 4 .  ? 8.879   1.213   3.749   1.00 50.91 ? 217 HOH C O   1 
HETATM 1176 O O   . HOH L 4 .  ? 4.771   2.117   2.518   1.00 43.32 ? 218 HOH C O   1 
HETATM 1177 O O   . HOH L 4 .  ? 9.943   -11.243 0.072   1.00 48.63 ? 219 HOH C O   1 
HETATM 1178 O O   . HOH L 4 .  ? 14.389  15.073  -14.925 1.00 45.37 ? 220 HOH C O   1 
HETATM 1179 O O   . HOH L 4 .  ? 10.749  2.213   2.144   1.00 53.19 ? 221 HOH C O   1 
HETATM 1180 O O   . HOH M 4 .  ? 5.104   0.039   -20.472 1.00 28.88 ? 201 HOH D O   1 
HETATM 1181 O O   . HOH M 4 .  ? 1.539   -20.551 0.250   1.00 41.16 ? 202 HOH D O   1 
HETATM 1182 O O   . HOH M 4 .  ? 15.078  8.218   -20.925 1.00 36.75 ? 203 HOH D O   1 
HETATM 1183 O O   . HOH M 4 .  ? 1.396   -13.512 10.704  1.00 44.58 ? 204 HOH D O   1 
HETATM 1184 O O   . HOH M 4 .  ? 11.033  3.979   -22.456 1.00 47.47 ? 205 HOH D O   1 
HETATM 1185 O O   . HOH M 4 .  ? 4.060   -12.774 10.791  1.00 33.75 ? 206 HOH D O   1 
HETATM 1186 O O   . HOH M 4 .  ? 13.685  0.391   -7.754  1.00 44.57 ? 207 HOH D O   1 
HETATM 1187 O O   . HOH M 4 .  ? -6.899  -14.841 2.549   1.00 49.48 ? 208 HOH D O   1 
HETATM 1188 O O   . HOH M 4 .  ? 11.992  1.437   -8.897  1.00 57.30 ? 209 HOH D O   1 
HETATM 1189 O O   . HOH M 4 .  ? 13.567  3.668   -7.692  1.00 50.10 ? 210 HOH D O   1 
HETATM 1190 O O   . HOH M 4 .  ? -0.210  -18.844 4.146   1.00 28.21 ? 211 HOH D O   1 
HETATM 1191 O O   . HOH M 4 .  ? 4.773   4.700   -21.606 1.00 40.76 ? 212 HOH D O   1 
HETATM 1192 O O   . HOH M 4 .  ? -0.020  -14.996 -6.641  1.00 55.07 ? 213 HOH D O   1 
# 
